data_8DEY
#
_entry.id   8DEY
#
_cell.length_a   96.476
_cell.length_b   96.227
_cell.length_c   155.598
_cell.angle_alpha   90.000
_cell.angle_beta   93.460
_cell.angle_gamma   90.000
#
_symmetry.space_group_name_H-M   'P 1 21 1'
#
loop_
_entity.id
_entity.type
_entity.pdbx_description
1 polymer 'Protein cereblon'
2 polymer 'DNA damage-binding protein 1'
3 polymer 'Zinc finger protein Helios'
4 non-polymer 'ZINC ION'
5 non-polymer (3S)-3-[5-(1-benzylpiperidin-4-yl)-1-oxo-1,3-dihydro-2H-isoindol-2-yl]piperidine-2,6-dione
#
loop_
_entity_poly.entity_id
_entity_poly.type
_entity_poly.pdbx_seq_one_letter_code
_entity_poly.pdbx_strand_id
1 'polypeptide(L)'
;RTLHDDDSCQVIPVLPQVMMILIPGQTLPLQLFHPQEVSMVRNLIQKDRTFAVLAYSNVQEREAQFGTTAEIYAYREEQD
FGIEIVKVKAIGRQRFKVLELRTQSDGIQQAKVQILPECVLPSTMSAVQLESLNKCQIFPSKPVSREDQCSYKWWQKYQK
RKFHCANLTSWPRWLYSLYDAETLMDRIKKQLREWDENLKDDSLPSNPIDFSYRVAACLPIDDVLRIQLLKIGSAIQRLR
CELDIMNKCTSLCCKQCQETEITTKNEIFSLSLCGPMAAYVNPHGYVHETLTVYKACNLNLIGRPSTEHSWFPGYAWTVA
QCKICASHIGWKFTATKKDMSPQKFWGLTRSALLPTIPDTEDEISPDKVILCL
;
A,D
2 'polypeptide(L)'
;MSYNYVVTAQKPTAVNGCVTGHFTSAEDLNLLIAKNTRLEIYVVTAEGLRPVKEVGMYGKIAVMELFRPKGESKDLLFIL
TAKYNACILEYKQSGESIDIITRAHGNVQDRIGRPSETGIIGIIDPECRMIGLRLYDGLFKVIPLDRDNKELKAFNIRLE
ELHVIDVKFLYGCQAPTICFVYQDPQGRHVKTYEVSLREKEFNKGPWKQENVEAEASMVIAVPEPFGGAIIIGQESITYH
NGDKYLAIAPPIIKQSTIVCHNRVDPNGSRYLLGDMEGRLFMLLLEKEEQMDGTVTLKDLRVELLGETSIAECLTYLDNG
VVFVGSRLGDSQLVKLNVDSNEQGSYVVAMETFTNLGPIVDMCVVDLERQGQGQLVTCSGAFKEGSLRIIRNGIGGNGNS
GEIQKLHIRTVPLYESPRKICYQEVSQCFGVLSSRIEVQDTSGGTTALRPSASTQALSSSVSSSKLFSSSTAPHETSFGE
EVEVHNLLIIDQHTFEVLHAHQFLQNEYALSLVSCKLGKDPNTYFIVGTAMVYPEEAEPKQGRIVVFQYSDGKLQTVAEK
EVKGAVYSMVEFNGKLLASINSTVRLYEWTTEKELRTECNHYNNIMALYLKTKGDFILVGDLMRSVLLLAYKPMEGNFEE
IARDFNPNWMSAVEILDDDNFLGAENAFNLFVCQKDSAATTDEERQHLQEVGLFHLGEFVNVFCHGSLVMQNLGETSTPT
QGSVLFGTVNGMIGLVTSLSESWYNLLLDMQNRLNKVIKSVGKIEHSFWRSFHTERKTEPATGFIDGDLIESFLDISRPK
MQEVVANLQYDDGSGMKREATADDLIKVVEELTRIH
;
B,E
3 'polypeptide(L)' SERPFHCNQCGASFTQKGNLLRHIKLHSGEKPFKCPFCSYACRRRDALTGHLRTHSV C,F
#
loop_
_chem_comp.id
_chem_comp.type
_chem_comp.name
_chem_comp.formula
LWK non-polymer (3S)-3-[5-(1-benzylpiperidin-4-yl)-1-oxo-1,3-dihydro-2H-isoindol-2-yl]piperidine-2,6-dione 'C25 H27 N3 O3'
ZN non-polymer 'ZINC ION' 'Zn 2'
#
# COMPACT_ATOMS: atom_id res chain seq x y z
N THR A 2 -0.95 40.45 -62.39
CA THR A 2 0.32 39.73 -62.51
C THR A 2 1.23 40.02 -61.33
N LEU A 3 1.74 38.96 -60.71
CA LEU A 3 2.63 39.08 -59.57
C LEU A 3 3.73 38.03 -59.66
N HIS A 4 4.94 38.42 -59.27
CA HIS A 4 6.10 37.55 -59.37
C HIS A 4 6.10 36.54 -58.21
N ASP A 5 6.58 35.34 -58.51
CA ASP A 5 6.66 34.30 -57.49
C ASP A 5 7.63 34.71 -56.38
N ASP A 6 7.51 34.03 -55.24
CA ASP A 6 8.24 34.44 -54.05
C ASP A 6 9.74 34.18 -54.21
N ASP A 7 10.53 34.99 -53.50
CA ASP A 7 11.98 34.86 -53.40
C ASP A 7 12.69 34.97 -54.75
N SER A 8 11.97 35.31 -55.82
CA SER A 8 12.55 35.29 -57.15
C SER A 8 13.63 36.35 -57.30
N CYS A 9 14.70 35.99 -58.01
CA CYS A 9 15.76 36.94 -58.34
C CYS A 9 15.30 37.77 -59.52
N GLN A 10 14.89 39.00 -59.25
CA GLN A 10 14.28 39.87 -60.24
C GLN A 10 15.09 41.15 -60.42
N VAL A 11 14.98 41.75 -61.60
CA VAL A 11 15.67 42.99 -61.95
C VAL A 11 14.59 44.01 -62.29
N ILE A 12 14.52 45.09 -61.51
CA ILE A 12 13.44 46.07 -61.63
C ILE A 12 14.03 47.47 -61.78
N PRO A 13 13.43 48.34 -62.57
CA PRO A 13 13.90 49.73 -62.63
C PRO A 13 13.68 50.46 -61.31
N VAL A 14 14.41 51.55 -61.13
CA VAL A 14 14.29 52.41 -59.96
C VAL A 14 13.93 53.81 -60.45
N LEU A 15 12.85 54.36 -59.90
CA LEU A 15 12.37 55.67 -60.28
C LEU A 15 12.99 56.73 -59.38
N PRO A 16 13.75 57.68 -59.92
CA PRO A 16 14.27 58.76 -59.09
C PRO A 16 13.17 59.73 -58.70
N GLN A 17 13.44 60.48 -57.63
CA GLN A 17 12.53 61.50 -57.09
C GLN A 17 11.22 60.92 -56.60
N VAL A 18 11.04 59.60 -56.70
CA VAL A 18 9.92 58.96 -56.01
C VAL A 18 10.40 58.72 -54.59
N MET A 19 10.22 59.71 -53.72
CA MET A 19 10.77 59.73 -52.37
C MET A 19 9.62 59.55 -51.38
N MET A 20 9.40 58.30 -50.99
CA MET A 20 8.39 57.93 -50.01
C MET A 20 8.60 56.45 -49.72
N ILE A 21 7.73 55.89 -48.88
CA ILE A 21 7.74 54.47 -48.58
C ILE A 21 6.34 53.95 -48.84
N LEU A 22 6.22 52.98 -49.75
CA LEU A 22 4.92 52.51 -50.20
C LEU A 22 4.54 51.24 -49.44
N ILE A 23 3.27 51.13 -49.12
CA ILE A 23 2.71 49.97 -48.44
C ILE A 23 1.76 49.28 -49.40
N PRO A 24 1.82 47.95 -49.56
CA PRO A 24 1.06 47.28 -50.62
C PRO A 24 -0.40 47.70 -50.68
N GLY A 25 -0.88 47.92 -51.90
CA GLY A 25 -2.23 48.37 -52.16
C GLY A 25 -2.43 49.87 -52.15
N GLN A 26 -1.59 50.61 -51.44
CA GLN A 26 -1.71 52.07 -51.44
C GLN A 26 -1.50 52.63 -52.83
N THR A 27 -2.42 53.46 -53.28
CA THR A 27 -2.34 54.06 -54.60
C THR A 27 -1.47 55.31 -54.54
N LEU A 28 -0.77 55.57 -55.64
CA LEU A 28 0.17 56.69 -55.72
C LEU A 28 -0.02 57.46 -57.02
N PRO A 29 -0.56 58.67 -56.97
CA PRO A 29 -0.49 59.55 -58.14
C PRO A 29 0.86 60.24 -58.20
N LEU A 30 1.40 60.34 -59.42
CA LEU A 30 2.76 60.82 -59.63
C LEU A 30 2.78 61.84 -60.76
N GLN A 31 3.33 63.01 -60.47
CA GLN A 31 3.53 64.06 -61.47
C GLN A 31 4.89 63.89 -62.12
N LEU A 32 4.90 63.68 -63.44
CA LEU A 32 6.14 63.53 -64.19
C LEU A 32 6.45 64.81 -64.96
N PHE A 33 7.74 65.04 -65.19
CA PHE A 33 8.23 66.23 -65.86
C PHE A 33 9.45 65.92 -66.69
N HIS A 34 10.35 65.11 -66.13
CA HIS A 34 11.50 64.64 -66.88
C HIS A 34 11.02 63.83 -68.09
N PRO A 35 11.69 63.94 -69.24
CA PRO A 35 11.43 62.98 -70.31
C PRO A 35 11.94 61.59 -69.97
N GLN A 36 12.95 61.51 -69.09
CA GLN A 36 13.48 60.22 -68.68
C GLN A 36 12.49 59.46 -67.80
N GLU A 37 11.83 60.16 -66.87
CA GLU A 37 10.72 59.54 -66.15
C GLU A 37 9.69 58.99 -67.12
N VAL A 38 9.38 59.75 -68.17
CA VAL A 38 8.53 59.22 -69.22
C VAL A 38 9.25 58.15 -70.01
N SER A 39 10.54 58.37 -70.31
CA SER A 39 11.32 57.39 -71.07
C SER A 39 11.30 56.03 -70.38
N MET A 40 11.27 56.01 -69.06
CA MET A 40 11.11 54.75 -68.36
C MET A 40 9.67 54.26 -68.46
N VAL A 41 8.70 55.16 -68.25
CA VAL A 41 7.30 54.78 -68.28
C VAL A 41 6.85 54.50 -69.71
N ARG A 42 7.28 55.34 -70.66
CA ARG A 42 6.90 55.17 -72.06
C ARG A 42 7.27 53.80 -72.60
N ASN A 43 8.24 53.11 -71.98
CA ASN A 43 8.50 51.72 -72.30
C ASN A 43 7.91 50.76 -71.27
N LEU A 44 8.03 51.11 -69.98
CA LEU A 44 7.48 50.26 -68.92
C LEU A 44 6.02 49.96 -69.15
N ILE A 45 5.25 50.97 -69.56
CA ILE A 45 3.83 50.79 -69.87
C ILE A 45 3.59 49.72 -70.91
N GLN A 46 4.62 49.33 -71.64
CA GLN A 46 4.59 48.22 -72.59
C GLN A 46 5.57 47.16 -72.10
N LYS A 47 5.11 46.32 -71.17
CA LYS A 47 3.76 46.34 -70.62
C LYS A 47 3.77 46.07 -69.11
N ASP A 48 4.96 45.81 -68.57
CA ASP A 48 5.12 45.46 -67.16
C ASP A 48 4.31 46.36 -66.23
N ARG A 49 4.49 47.68 -66.36
CA ARG A 49 3.85 48.68 -65.49
C ARG A 49 4.22 48.52 -64.02
N THR A 50 5.37 47.89 -63.73
CA THR A 50 5.81 47.70 -62.36
C THR A 50 7.24 48.22 -62.21
N PHE A 51 7.47 49.05 -61.19
CA PHE A 51 8.84 49.43 -60.86
C PHE A 51 9.14 49.06 -59.41
N ALA A 52 9.87 49.91 -58.68
CA ALA A 52 10.25 49.58 -57.30
C ALA A 52 10.34 50.86 -56.50
N VAL A 53 9.31 51.14 -55.68
CA VAL A 53 9.40 52.20 -54.71
C VAL A 53 10.33 51.76 -53.58
N LEU A 54 11.27 52.62 -53.21
CA LEU A 54 12.26 52.31 -52.21
C LEU A 54 11.83 52.84 -50.84
N ALA A 55 12.64 52.52 -49.82
CA ALA A 55 12.40 52.97 -48.45
C ALA A 55 13.69 53.57 -47.89
N TYR A 56 13.95 54.83 -48.23
CA TYR A 56 15.16 55.49 -47.79
C TYR A 56 15.10 55.81 -46.30
N SER A 57 16.15 55.44 -45.57
CA SER A 57 16.26 55.79 -44.16
C SER A 57 16.97 57.13 -43.98
N ASN A 58 18.09 57.32 -44.67
CA ASN A 58 18.81 58.60 -44.72
C ASN A 58 19.05 58.91 -46.19
N VAL A 59 18.06 59.57 -46.82
CA VAL A 59 18.10 59.78 -48.26
C VAL A 59 19.22 60.72 -48.67
N GLN A 60 19.61 61.66 -47.80
CA GLN A 60 20.74 62.53 -48.12
C GLN A 60 22.02 61.72 -48.32
N GLU A 61 22.17 60.63 -47.57
CA GLU A 61 23.22 59.67 -47.81
C GLU A 61 22.72 58.47 -48.62
N ARG A 62 21.44 58.45 -48.98
CA ARG A 62 20.83 57.37 -49.75
C ARG A 62 21.00 56.02 -49.07
N GLU A 63 20.45 55.91 -47.86
CA GLU A 63 20.48 54.67 -47.11
C GLU A 63 19.10 54.03 -47.19
N ALA A 64 18.98 52.98 -48.00
CA ALA A 64 17.75 52.21 -48.13
C ALA A 64 18.12 50.73 -48.15
N GLN A 65 17.21 49.91 -47.63
CA GLN A 65 17.51 48.49 -47.48
C GLN A 65 16.40 47.62 -48.06
N PHE A 66 15.17 48.14 -48.09
CA PHE A 66 14.02 47.38 -48.59
C PHE A 66 13.15 48.33 -49.39
N GLY A 67 11.92 47.92 -49.63
CA GLY A 67 10.96 48.73 -50.35
C GLY A 67 9.75 47.91 -50.75
N THR A 68 8.94 48.49 -51.62
CA THR A 68 7.70 47.88 -52.06
C THR A 68 7.60 48.03 -53.57
N THR A 69 7.40 46.91 -54.27
CA THR A 69 7.10 46.98 -55.68
C THR A 69 5.81 47.78 -55.89
N ALA A 70 5.75 48.50 -57.00
CA ALA A 70 4.59 49.28 -57.36
C ALA A 70 4.12 48.84 -58.74
N GLU A 71 2.81 48.86 -58.93
CA GLU A 71 2.20 48.46 -60.19
C GLU A 71 1.47 49.68 -60.75
N ILE A 72 2.00 50.24 -61.83
CA ILE A 72 1.41 51.43 -62.44
C ILE A 72 0.11 51.02 -63.11
N TYR A 73 -1.01 51.47 -62.56
CA TYR A 73 -2.32 51.03 -63.02
C TYR A 73 -3.04 52.10 -63.82
N ALA A 74 -2.59 53.35 -63.80
CA ALA A 74 -3.15 54.37 -64.66
C ALA A 74 -2.03 55.19 -65.28
N TYR A 75 -2.28 55.64 -66.51
CA TYR A 75 -1.32 56.37 -67.33
C TYR A 75 -2.01 56.90 -68.56
N ARG A 76 -2.33 58.19 -68.55
CA ARG A 76 -2.98 58.83 -69.68
C ARG A 76 -2.92 60.34 -69.43
N GLU A 77 -2.46 61.11 -70.40
CA GLU A 77 -2.14 62.51 -70.13
C GLU A 77 -1.96 63.25 -71.45
N GLU A 78 -1.94 64.58 -71.37
CA GLU A 78 -2.02 65.42 -72.56
C GLU A 78 -1.17 66.67 -72.37
N GLN A 79 -1.35 67.63 -73.28
CA GLN A 79 -0.72 68.95 -73.21
C GLN A 79 -1.76 70.08 -73.21
N ASP A 80 -2.81 69.90 -72.41
CA ASP A 80 -3.89 70.89 -72.37
C ASP A 80 -3.35 72.24 -71.87
N PHE A 81 -4.04 73.31 -72.28
CA PHE A 81 -3.56 74.69 -72.17
C PHE A 81 -2.05 74.80 -72.40
N GLY A 82 -1.58 74.12 -73.44
CA GLY A 82 -0.21 74.22 -73.89
C GLY A 82 0.84 73.58 -73.01
N ILE A 83 0.51 73.23 -71.78
CA ILE A 83 1.47 72.66 -70.85
C ILE A 83 1.39 71.14 -70.94
N GLU A 84 2.50 70.50 -71.30
CA GLU A 84 2.52 69.04 -71.45
C GLU A 84 2.53 68.42 -70.06
N ILE A 85 1.43 67.77 -69.71
CA ILE A 85 1.16 67.27 -68.37
C ILE A 85 1.08 65.76 -68.43
N VAL A 86 1.81 65.08 -67.54
CA VAL A 86 1.87 63.61 -67.54
C VAL A 86 1.81 63.13 -66.09
N LYS A 87 0.68 62.57 -65.69
CA LYS A 87 0.47 62.06 -64.34
C LYS A 87 -0.04 60.63 -64.40
N VAL A 88 0.43 59.80 -63.48
CA VAL A 88 0.10 58.38 -63.43
C VAL A 88 -0.34 58.01 -62.03
N LYS A 89 -1.24 57.02 -61.94
CA LYS A 89 -1.64 56.42 -60.67
C LYS A 89 -0.98 55.05 -60.56
N ALA A 90 -0.16 54.87 -59.52
CA ALA A 90 0.52 53.60 -59.27
C ALA A 90 0.02 53.02 -57.96
N ILE A 91 0.14 51.69 -57.84
CA ILE A 91 -0.33 50.97 -56.66
C ILE A 91 0.74 49.94 -56.27
N GLY A 92 0.95 49.79 -54.95
CA GLY A 92 2.00 48.91 -54.49
C GLY A 92 1.55 47.46 -54.41
N ARG A 93 2.51 46.56 -54.56
CA ARG A 93 2.22 45.13 -54.55
C ARG A 93 3.13 44.38 -53.58
N GLN A 94 4.11 43.65 -54.10
CA GLN A 94 4.92 42.78 -53.27
C GLN A 94 6.12 43.53 -52.69
N ARG A 95 6.35 43.32 -51.40
CA ARG A 95 7.51 43.89 -50.73
C ARG A 95 8.79 43.19 -51.21
N PHE A 96 9.92 43.87 -51.06
CA PHE A 96 11.17 43.33 -51.58
C PHE A 96 12.34 43.75 -50.68
N LYS A 97 13.53 43.25 -51.01
CA LYS A 97 14.74 43.47 -50.24
C LYS A 97 15.90 43.80 -51.17
N VAL A 98 16.64 44.86 -50.85
CA VAL A 98 17.72 45.32 -51.71
C VAL A 98 18.82 44.27 -51.76
N LEU A 99 19.27 43.94 -52.98
CA LEU A 99 20.44 43.09 -53.17
C LEU A 99 21.48 43.94 -53.89
N GLU A 100 21.59 43.83 -55.21
CA GLU A 100 22.46 44.68 -56.00
C GLU A 100 21.61 45.73 -56.72
N LEU A 101 22.27 46.78 -57.21
CA LEU A 101 21.62 47.88 -57.90
C LEU A 101 22.52 48.41 -59.00
N ARG A 102 21.93 48.65 -60.17
CA ARG A 102 22.67 49.17 -61.31
C ARG A 102 22.13 50.53 -61.77
N THR A 103 22.76 51.60 -61.31
CA THR A 103 22.60 52.92 -61.91
C THR A 103 23.15 52.88 -63.33
N GLN A 104 22.28 52.79 -64.33
CA GLN A 104 22.77 52.65 -65.70
C GLN A 104 23.23 53.99 -66.26
N SER A 105 23.26 54.10 -67.60
CA SER A 105 23.81 55.25 -68.32
C SER A 105 23.26 56.55 -67.75
N ASP A 106 22.15 57.04 -68.31
CA ASP A 106 21.37 57.99 -67.54
C ASP A 106 20.78 57.21 -66.38
N GLY A 107 20.42 57.94 -65.32
CA GLY A 107 19.83 57.38 -64.12
C GLY A 107 19.55 55.88 -64.06
N ILE A 108 18.68 55.40 -64.96
CA ILE A 108 18.19 54.01 -65.04
C ILE A 108 18.78 53.10 -63.96
N GLN A 109 18.41 53.34 -62.71
CA GLN A 109 18.83 52.47 -61.62
C GLN A 109 17.98 51.20 -61.66
N GLN A 110 18.58 50.11 -62.11
CA GLN A 110 17.91 48.81 -62.02
C GLN A 110 18.08 48.21 -60.62
N ALA A 111 17.18 47.27 -60.27
CA ALA A 111 17.12 46.70 -58.93
C ALA A 111 17.19 45.17 -59.00
N LYS A 112 18.38 44.61 -58.86
CA LYS A 112 18.50 43.17 -58.60
C LYS A 112 17.91 42.88 -57.23
N VAL A 113 16.85 42.08 -57.20
CA VAL A 113 16.02 41.98 -56.01
C VAL A 113 15.50 40.56 -55.81
N GLN A 114 15.24 40.23 -54.55
CA GLN A 114 14.61 38.97 -54.16
C GLN A 114 13.25 39.28 -53.56
N ILE A 115 12.21 38.66 -54.11
CA ILE A 115 10.85 38.93 -53.64
C ILE A 115 10.73 38.53 -52.16
N LEU A 116 9.91 39.28 -51.43
CA LEU A 116 9.67 39.00 -50.02
C LEU A 116 8.41 38.17 -49.88
N PRO A 117 8.48 36.98 -49.30
CA PRO A 117 7.29 36.12 -49.20
C PRO A 117 6.31 36.64 -48.18
N GLU A 118 5.03 36.59 -48.56
CA GLU A 118 3.94 36.88 -47.62
C GLU A 118 3.70 35.65 -46.76
N CYS A 119 3.86 35.80 -45.45
CA CYS A 119 3.81 34.67 -44.52
C CYS A 119 2.41 34.60 -43.91
N VAL A 120 1.64 33.61 -44.31
CA VAL A 120 0.29 33.38 -43.79
C VAL A 120 0.37 32.30 -42.71
N LEU A 121 -0.34 32.53 -41.61
CA LEU A 121 -0.33 31.61 -40.49
C LEU A 121 -1.77 31.23 -40.12
N PRO A 122 -2.03 29.96 -39.82
CA PRO A 122 -3.38 29.57 -39.40
C PRO A 122 -3.69 30.02 -37.99
N SER A 123 -4.86 29.63 -37.47
CA SER A 123 -5.26 30.02 -36.14
C SER A 123 -4.38 29.36 -35.09
N THR A 124 -4.54 29.80 -33.84
CA THR A 124 -3.81 29.25 -32.71
C THR A 124 -4.33 27.88 -32.29
N MET A 125 -5.51 27.49 -32.76
CA MET A 125 -6.19 26.31 -32.24
C MET A 125 -6.03 25.07 -33.11
N SER A 126 -5.63 25.22 -34.38
CA SER A 126 -5.58 24.09 -35.30
C SER A 126 -4.85 22.89 -34.72
N ALA A 127 -3.83 23.12 -33.91
CA ALA A 127 -3.10 22.02 -33.29
C ALA A 127 -3.91 21.40 -32.15
N VAL A 128 -4.31 22.23 -31.18
CA VAL A 128 -4.90 21.71 -29.94
C VAL A 128 -6.42 21.56 -29.98
N GLN A 129 -7.07 22.13 -31.00
CA GLN A 129 -8.53 22.03 -31.07
C GLN A 129 -8.95 20.57 -31.20
N LEU A 130 -9.94 20.17 -30.39
CA LEU A 130 -10.38 18.78 -30.34
C LEU A 130 -11.23 18.44 -31.55
N GLU A 131 -10.95 17.28 -32.16
CA GLU A 131 -11.71 16.87 -33.34
C GLU A 131 -13.20 16.75 -33.06
N SER A 132 -13.59 16.54 -31.80
CA SER A 132 -15.00 16.47 -31.46
C SER A 132 -15.69 17.82 -31.59
N LEU A 133 -14.96 18.91 -31.37
CA LEU A 133 -15.54 20.25 -31.35
C LEU A 133 -15.32 21.03 -32.64
N ASN A 134 -14.75 20.39 -33.67
CA ASN A 134 -14.61 21.08 -34.96
C ASN A 134 -15.97 21.56 -35.48
N LYS A 135 -17.04 20.84 -35.14
CA LYS A 135 -18.38 21.31 -35.47
C LYS A 135 -18.75 22.55 -34.66
N CYS A 136 -18.23 22.67 -33.44
CA CYS A 136 -18.52 23.80 -32.57
C CYS A 136 -17.66 25.02 -32.86
N GLN A 137 -16.66 24.90 -33.74
CA GLN A 137 -15.82 26.04 -34.08
C GLN A 137 -16.65 27.21 -34.60
N ILE A 138 -17.54 26.94 -35.55
CA ILE A 138 -18.29 28.00 -36.21
C ILE A 138 -19.38 28.50 -35.27
N PHE A 139 -19.48 29.82 -35.14
CA PHE A 139 -20.43 30.53 -34.29
C PHE A 139 -21.75 30.74 -35.03
N PRO A 140 -22.83 31.06 -34.31
CA PRO A 140 -24.06 31.48 -35.01
C PRO A 140 -23.92 32.87 -35.62
N SER A 141 -22.81 33.06 -36.34
CA SER A 141 -22.46 34.31 -37.01
C SER A 141 -22.34 35.47 -36.02
N LYS A 142 -22.28 36.67 -36.57
CA LYS A 142 -22.16 37.99 -35.96
C LYS A 142 -23.45 38.77 -36.13
N PRO A 143 -23.81 39.63 -35.17
CA PRO A 143 -25.06 40.40 -35.30
C PRO A 143 -24.94 41.64 -36.18
N VAL A 144 -23.73 42.01 -36.62
CA VAL A 144 -23.45 43.27 -37.32
C VAL A 144 -24.39 44.39 -36.89
N SER A 145 -24.17 44.92 -35.69
CA SER A 145 -25.05 45.94 -35.15
C SER A 145 -24.19 47.01 -34.47
N ARG A 146 -24.84 47.85 -33.67
CA ARG A 146 -24.17 48.89 -32.91
C ARG A 146 -24.60 48.89 -31.44
N GLU A 147 -25.12 47.77 -30.95
CA GLU A 147 -25.60 47.69 -29.57
C GLU A 147 -24.94 46.57 -28.79
N ASP A 148 -24.88 45.36 -29.32
CA ASP A 148 -24.13 44.29 -28.71
C ASP A 148 -22.67 44.28 -29.15
N GLN A 149 -22.28 45.21 -30.02
CA GLN A 149 -20.87 45.54 -30.23
C GLN A 149 -20.43 46.65 -29.29
N CYS A 150 -21.27 47.65 -29.08
CA CYS A 150 -21.01 48.65 -28.04
C CYS A 150 -20.96 48.00 -26.67
N SER A 151 -21.72 46.93 -26.46
CA SER A 151 -21.61 46.10 -25.27
C SER A 151 -20.59 44.99 -25.54
N TYR A 152 -19.90 44.56 -24.48
CA TYR A 152 -18.87 43.54 -24.61
C TYR A 152 -19.36 42.14 -24.27
N LYS A 153 -20.55 42.01 -23.70
CA LYS A 153 -21.04 40.70 -23.28
C LYS A 153 -21.04 39.69 -24.42
N TRP A 154 -21.44 40.12 -25.61
CA TRP A 154 -21.43 39.23 -26.77
C TRP A 154 -20.03 38.72 -27.06
N TRP A 155 -19.04 39.61 -27.05
CA TRP A 155 -17.68 39.20 -27.41
C TRP A 155 -17.04 38.32 -26.34
N GLN A 156 -17.42 38.49 -25.07
CA GLN A 156 -16.91 37.62 -24.01
C GLN A 156 -17.26 36.16 -24.29
N LYS A 157 -18.52 35.90 -24.63
CA LYS A 157 -18.93 34.55 -25.00
C LYS A 157 -18.18 34.07 -26.24
N TYR A 158 -17.88 34.99 -27.17
CA TYR A 158 -17.07 34.64 -28.33
C TYR A 158 -15.66 34.22 -27.91
N GLN A 159 -14.98 35.08 -27.17
CA GLN A 159 -13.66 34.74 -26.63
C GLN A 159 -13.71 33.47 -25.79
N LYS A 160 -14.83 33.22 -25.11
CA LYS A 160 -14.96 32.02 -24.28
C LYS A 160 -14.97 30.76 -25.13
N ARG A 161 -15.68 30.79 -26.26
CA ARG A 161 -15.96 29.57 -26.99
C ARG A 161 -14.80 29.16 -27.89
N LYS A 162 -14.38 30.06 -28.78
CA LYS A 162 -13.37 29.73 -29.78
C LYS A 162 -12.07 29.24 -29.16
N PHE A 163 -11.78 29.62 -27.91
CA PHE A 163 -10.58 29.18 -27.21
C PHE A 163 -10.93 28.30 -25.99
N HIS A 164 -12.08 27.64 -26.01
CA HIS A 164 -12.43 26.74 -24.91
C HIS A 164 -11.36 25.66 -24.74
N CYS A 165 -10.84 25.13 -25.84
CA CYS A 165 -9.81 24.11 -25.80
C CYS A 165 -8.41 24.68 -25.52
N ALA A 166 -8.28 26.00 -25.40
CA ALA A 166 -7.01 26.59 -25.00
C ALA A 166 -6.63 26.25 -23.57
N ASN A 167 -7.58 25.71 -22.79
CA ASN A 167 -7.28 25.25 -21.44
C ASN A 167 -6.32 24.06 -21.41
N LEU A 168 -5.94 23.53 -22.57
CA LEU A 168 -4.98 22.44 -22.69
C LEU A 168 -3.55 22.94 -22.91
N THR A 169 -3.33 24.24 -22.82
CA THR A 169 -2.01 24.83 -22.98
C THR A 169 -1.55 25.39 -21.64
N SER A 170 -0.33 25.94 -21.63
CA SER A 170 0.18 26.65 -20.47
C SER A 170 -0.33 28.08 -20.38
N TRP A 171 -1.16 28.52 -21.33
CA TRP A 171 -1.58 29.91 -21.43
C TRP A 171 -3.10 29.95 -21.54
N PRO A 172 -3.77 30.83 -20.80
CA PRO A 172 -5.24 30.91 -20.89
C PRO A 172 -5.72 31.59 -22.16
N ARG A 173 -7.04 31.72 -22.28
CA ARG A 173 -7.66 32.21 -23.52
C ARG A 173 -7.31 33.67 -23.78
N TRP A 174 -7.59 34.55 -22.82
CA TRP A 174 -7.47 35.99 -23.04
C TRP A 174 -6.09 36.40 -23.53
N LEU A 175 -5.07 35.57 -23.30
CA LEU A 175 -3.78 35.81 -23.94
C LEU A 175 -3.89 35.68 -25.45
N TYR A 176 -4.51 34.60 -25.93
CA TYR A 176 -4.71 34.43 -27.36
C TYR A 176 -5.60 35.52 -27.95
N SER A 177 -6.44 36.15 -27.13
CA SER A 177 -7.18 37.33 -27.58
C SER A 177 -6.24 38.43 -28.05
N LEU A 178 -5.05 38.51 -27.45
CA LEU A 178 -4.03 39.44 -27.92
C LEU A 178 -3.33 38.95 -29.18
N TYR A 179 -3.69 37.77 -29.68
CA TYR A 179 -3.18 37.25 -30.94
C TYR A 179 -4.30 36.81 -31.86
N ASP A 180 -5.56 37.08 -31.50
CA ASP A 180 -6.70 36.72 -32.33
C ASP A 180 -6.91 37.83 -33.35
N ALA A 181 -6.74 37.50 -34.63
CA ALA A 181 -6.92 38.48 -35.69
C ALA A 181 -8.28 39.15 -35.60
N GLU A 182 -9.33 38.36 -35.40
CA GLU A 182 -10.68 38.92 -35.29
C GLU A 182 -10.79 39.84 -34.07
N THR A 183 -10.12 39.51 -32.98
CA THR A 183 -10.14 40.38 -31.80
C THR A 183 -9.36 41.67 -32.06
N LEU A 184 -8.16 41.54 -32.62
CA LEU A 184 -7.34 42.71 -32.91
C LEU A 184 -8.02 43.62 -33.93
N MET A 185 -8.68 43.05 -34.94
CA MET A 185 -9.46 43.86 -35.86
C MET A 185 -10.57 44.61 -35.13
N ASP A 186 -11.25 43.95 -34.20
CA ASP A 186 -12.30 44.62 -33.43
C ASP A 186 -11.71 45.75 -32.60
N ARG A 187 -10.53 45.54 -32.01
CA ARG A 187 -9.88 46.60 -31.25
C ARG A 187 -9.59 47.81 -32.14
N ILE A 188 -9.30 47.59 -33.42
CA ILE A 188 -9.23 48.70 -34.36
C ILE A 188 -10.63 49.08 -34.84
N LYS A 189 -11.54 48.11 -34.95
CA LYS A 189 -12.94 48.41 -35.26
C LYS A 189 -13.63 49.21 -34.16
N LYS A 190 -12.92 49.60 -33.09
CA LYS A 190 -13.46 50.44 -32.02
C LYS A 190 -12.75 51.77 -31.90
N GLN A 191 -11.64 51.98 -32.60
CA GLN A 191 -10.84 53.20 -32.46
C GLN A 191 -11.09 54.22 -33.57
N LEU A 192 -11.46 53.77 -34.77
CA LEU A 192 -11.59 54.68 -35.90
C LEU A 192 -12.99 55.27 -36.06
N ARG A 193 -13.99 54.71 -35.36
CA ARG A 193 -15.25 55.42 -35.25
C ARG A 193 -15.11 56.66 -34.39
N GLU A 194 -14.11 56.70 -33.51
CA GLU A 194 -13.70 57.96 -32.89
C GLU A 194 -13.11 58.93 -33.92
N TRP A 195 -12.63 58.42 -35.04
CA TRP A 195 -11.96 59.21 -36.07
C TRP A 195 -12.80 59.39 -37.32
N ASP A 196 -13.48 58.35 -37.78
CA ASP A 196 -14.19 58.38 -39.05
C ASP A 196 -15.62 57.90 -38.86
N GLU A 197 -16.53 58.47 -39.67
CA GLU A 197 -17.91 58.05 -39.71
C GLU A 197 -18.23 57.16 -40.91
N ASN A 198 -17.24 56.81 -41.72
CA ASN A 198 -17.47 55.89 -42.83
C ASN A 198 -17.71 54.48 -42.31
N LEU A 199 -18.63 53.77 -42.97
CA LEU A 199 -19.01 52.41 -42.55
C LEU A 199 -17.82 51.46 -42.64
N LYS A 200 -17.37 50.96 -41.49
CA LYS A 200 -16.29 49.97 -41.46
C LYS A 200 -16.68 48.70 -42.20
N ASP A 201 -17.87 48.17 -41.90
CA ASP A 201 -18.40 46.90 -42.42
C ASP A 201 -18.00 46.59 -43.86
N ASP A 202 -18.49 47.38 -44.82
CA ASP A 202 -18.19 47.07 -46.22
C ASP A 202 -16.82 47.59 -46.63
N SER A 203 -16.47 48.80 -46.20
CA SER A 203 -15.24 49.43 -46.66
C SER A 203 -14.01 48.60 -46.30
N LEU A 204 -14.02 47.96 -45.14
CA LEU A 204 -12.82 47.23 -44.77
C LEU A 204 -12.87 45.81 -45.32
N PRO A 205 -11.71 45.23 -45.64
CA PRO A 205 -11.68 43.82 -46.02
C PRO A 205 -11.69 42.90 -44.82
N SER A 206 -12.34 41.75 -44.98
CA SER A 206 -12.36 40.75 -43.92
C SER A 206 -10.97 40.16 -43.73
N ASN A 207 -10.33 39.77 -44.82
CA ASN A 207 -8.99 39.19 -44.76
C ASN A 207 -8.02 40.14 -44.05
N PRO A 208 -7.31 39.68 -43.01
CA PRO A 208 -6.41 40.58 -42.28
C PRO A 208 -5.22 41.07 -43.08
N ILE A 209 -4.82 40.37 -44.15
CA ILE A 209 -3.67 40.80 -44.94
C ILE A 209 -3.92 42.18 -45.52
N ASP A 210 -4.99 42.33 -46.30
CA ASP A 210 -5.32 43.64 -46.85
C ASP A 210 -5.79 44.60 -45.77
N PHE A 211 -6.41 44.09 -44.71
CA PHE A 211 -6.85 44.95 -43.62
C PHE A 211 -5.68 45.53 -42.84
N SER A 212 -4.56 44.81 -42.77
CA SER A 212 -3.38 45.33 -42.10
C SER A 212 -2.76 46.48 -42.89
N TYR A 213 -2.77 46.37 -44.22
CA TYR A 213 -2.20 47.42 -45.07
C TYR A 213 -3.11 48.63 -45.19
N ARG A 214 -4.42 48.46 -44.99
CA ARG A 214 -5.31 49.62 -44.96
C ARG A 214 -5.15 50.41 -43.67
N VAL A 215 -4.90 49.73 -42.55
CA VAL A 215 -4.56 50.43 -41.33
C VAL A 215 -3.22 51.15 -41.48
N ALA A 216 -2.28 50.52 -42.19
CA ALA A 216 -0.95 51.09 -42.35
C ALA A 216 -0.92 52.33 -43.24
N ALA A 217 -1.93 52.50 -44.10
CA ALA A 217 -2.01 53.66 -44.99
C ALA A 217 -2.98 54.71 -44.48
N CYS A 218 -3.24 54.73 -43.17
CA CYS A 218 -4.08 55.75 -42.55
C CYS A 218 -3.49 56.30 -41.27
N LEU A 219 -2.36 55.77 -40.80
CA LEU A 219 -1.75 56.22 -39.56
C LEU A 219 -0.66 57.22 -39.87
N PRO A 220 -0.77 58.47 -39.41
CA PRO A 220 0.34 59.41 -39.57
C PRO A 220 1.53 58.99 -38.73
N ILE A 221 2.48 58.27 -39.34
CA ILE A 221 3.64 57.74 -38.64
C ILE A 221 4.90 58.15 -39.39
N ASP A 222 6.05 57.86 -38.78
CA ASP A 222 7.32 58.28 -39.34
C ASP A 222 7.61 57.56 -40.65
N ASP A 223 8.63 58.05 -41.35
CA ASP A 223 9.19 57.29 -42.46
C ASP A 223 9.84 56.01 -41.95
N VAL A 224 10.52 56.09 -40.80
CA VAL A 224 11.23 54.93 -40.25
C VAL A 224 10.25 53.93 -39.63
N LEU A 225 9.20 54.41 -38.97
CA LEU A 225 8.18 53.52 -38.45
C LEU A 225 7.53 52.72 -39.58
N ARG A 226 7.22 53.40 -40.68
CA ARG A 226 6.68 52.74 -41.86
C ARG A 226 7.63 51.66 -42.38
N ILE A 227 8.95 51.84 -42.17
CA ILE A 227 9.94 50.91 -42.68
C ILE A 227 9.86 49.56 -41.97
N GLN A 228 10.15 49.51 -40.67
CA GLN A 228 10.12 48.22 -39.99
C GLN A 228 8.71 47.66 -39.93
N LEU A 229 7.69 48.49 -40.18
CA LEU A 229 6.35 47.98 -40.38
C LEU A 229 6.28 47.08 -41.61
N LEU A 230 7.16 47.33 -42.58
CA LEU A 230 7.22 46.49 -43.79
C LEU A 230 8.09 45.25 -43.58
N LYS A 231 9.00 45.26 -42.60
CA LYS A 231 9.77 44.06 -42.27
C LYS A 231 8.91 42.97 -41.66
N ILE A 232 7.66 43.24 -41.34
CA ILE A 232 6.84 42.33 -40.56
C ILE A 232 6.04 41.46 -41.52
N GLY A 233 6.45 40.19 -41.64
CA GLY A 233 5.69 39.27 -42.47
C GLY A 233 4.37 38.87 -41.84
N SER A 234 4.36 38.69 -40.51
CA SER A 234 3.15 38.29 -39.82
C SER A 234 2.16 39.45 -39.79
N ALA A 235 1.00 39.25 -40.41
CA ALA A 235 -0.08 40.24 -40.28
C ALA A 235 -0.49 40.43 -38.84
N ILE A 236 -0.35 39.39 -38.01
CA ILE A 236 -0.71 39.49 -36.60
C ILE A 236 0.24 40.44 -35.88
N GLN A 237 1.55 40.20 -36.01
CA GLN A 237 2.54 41.13 -35.45
C GLN A 237 2.32 42.54 -35.97
N ARG A 238 2.05 42.67 -37.27
CA ARG A 238 1.76 43.97 -37.86
C ARG A 238 0.59 44.66 -37.16
N LEU A 239 -0.41 43.89 -36.74
CA LEU A 239 -1.57 44.47 -36.08
C LEU A 239 -1.24 44.92 -34.67
N ARG A 240 -0.55 44.07 -33.90
CA ARG A 240 -0.17 44.45 -32.54
C ARG A 240 0.75 45.67 -32.54
N CYS A 241 1.70 45.71 -33.48
CA CYS A 241 2.55 46.88 -33.59
C CYS A 241 1.73 48.13 -33.88
N GLU A 242 0.83 48.05 -34.86
CA GLU A 242 -0.08 49.17 -35.12
C GLU A 242 -0.91 49.49 -33.88
N LEU A 243 -1.37 48.46 -33.17
CA LEU A 243 -2.23 48.68 -32.02
C LEU A 243 -1.49 49.43 -30.91
N ASP A 244 -0.37 48.86 -30.44
CA ASP A 244 0.40 49.51 -29.39
C ASP A 244 0.86 50.91 -29.79
N ILE A 245 1.03 51.15 -31.09
CA ILE A 245 1.24 52.51 -31.56
C ILE A 245 0.01 53.36 -31.27
N MET A 246 -1.17 52.88 -31.67
CA MET A 246 -2.41 53.62 -31.43
C MET A 246 -2.71 53.79 -29.95
N ASN A 247 -2.11 52.96 -29.08
CA ASN A 247 -2.25 53.16 -27.64
C ASN A 247 -1.29 54.24 -27.16
N LYS A 248 0.00 54.05 -27.42
CA LYS A 248 1.03 54.97 -26.93
C LYS A 248 1.14 56.18 -27.85
N CYS A 249 1.56 55.96 -29.09
CA CYS A 249 1.80 57.06 -30.01
C CYS A 249 0.51 57.81 -30.34
N THR A 250 0.22 58.85 -29.58
CA THR A 250 -0.99 59.66 -29.77
C THR A 250 -0.67 61.10 -30.16
N SER A 251 0.01 61.87 -29.31
CA SER A 251 0.23 63.29 -29.56
C SER A 251 1.42 63.51 -30.48
N LEU A 252 1.25 64.40 -31.45
CA LEU A 252 2.21 64.57 -32.54
C LEU A 252 3.02 65.84 -32.37
N CYS A 253 4.32 65.73 -32.60
CA CYS A 253 5.26 66.83 -32.47
C CYS A 253 5.98 67.07 -33.80
N CYS A 254 6.70 68.19 -33.87
CA CYS A 254 7.49 68.51 -35.05
C CYS A 254 8.64 67.52 -35.19
N LYS A 255 8.69 66.82 -36.33
CA LYS A 255 9.75 65.84 -36.57
C LYS A 255 11.14 66.46 -36.49
N GLN A 256 11.27 67.73 -36.88
CA GLN A 256 12.60 68.34 -36.97
C GLN A 256 13.09 68.82 -35.61
N CYS A 257 12.31 69.67 -34.93
CA CYS A 257 12.76 70.19 -33.65
C CYS A 257 12.47 69.21 -32.51
N GLN A 258 11.32 68.54 -32.56
CA GLN A 258 10.94 67.53 -31.57
C GLN A 258 10.84 68.14 -30.17
N GLU A 259 10.48 69.42 -30.09
CA GLU A 259 10.27 70.12 -28.84
C GLU A 259 8.88 70.73 -28.73
N THR A 260 8.01 70.52 -29.71
CA THR A 260 6.75 71.24 -29.82
C THR A 260 5.63 70.25 -30.09
N GLU A 261 4.73 70.08 -29.11
CA GLU A 261 3.56 69.23 -29.26
C GLU A 261 2.53 69.93 -30.14
N ILE A 262 2.31 69.41 -31.34
CA ILE A 262 1.40 70.06 -32.28
C ILE A 262 -0.05 69.73 -31.94
N THR A 263 -0.40 68.44 -32.01
CA THR A 263 -1.78 68.01 -31.84
C THR A 263 -1.80 66.59 -31.31
N THR A 264 -2.98 66.17 -30.86
CA THR A 264 -3.22 64.84 -30.32
C THR A 264 -4.07 64.03 -31.29
N LYS A 265 -4.04 62.70 -31.12
CA LYS A 265 -4.81 61.84 -32.01
C LYS A 265 -6.30 62.06 -31.86
N ASN A 266 -6.74 62.55 -30.69
CA ASN A 266 -8.14 62.87 -30.49
C ASN A 266 -8.63 63.91 -31.49
N GLU A 267 -7.74 64.85 -31.85
CA GLU A 267 -8.12 65.94 -32.75
C GLU A 267 -8.26 65.48 -34.20
N ILE A 268 -7.87 64.25 -34.53
CA ILE A 268 -8.00 63.77 -35.89
C ILE A 268 -9.47 63.55 -36.23
N PHE A 269 -9.81 63.76 -37.49
CA PHE A 269 -11.16 63.52 -37.98
C PHE A 269 -11.11 63.32 -39.49
N SER A 270 -12.07 62.55 -39.99
CA SER A 270 -12.19 62.30 -41.42
C SER A 270 -13.15 63.31 -42.02
N LEU A 271 -12.63 64.22 -42.85
CA LEU A 271 -13.49 65.22 -43.49
C LEU A 271 -14.40 64.57 -44.52
N SER A 272 -13.83 63.81 -45.45
CA SER A 272 -14.58 63.07 -46.45
C SER A 272 -14.39 61.56 -46.22
N LEU A 273 -15.06 60.77 -47.07
CA LEU A 273 -14.90 59.33 -47.02
C LEU A 273 -13.48 58.89 -47.36
N CYS A 274 -12.69 59.76 -47.99
CA CYS A 274 -11.30 59.44 -48.31
C CYS A 274 -10.53 58.98 -47.08
N GLY A 275 -10.79 59.60 -45.93
CA GLY A 275 -10.12 59.26 -44.71
C GLY A 275 -9.55 60.48 -44.01
N PRO A 276 -8.92 60.27 -42.85
CA PRO A 276 -8.24 61.38 -42.18
C PRO A 276 -6.98 61.80 -42.92
N MET A 277 -6.16 60.82 -43.29
CA MET A 277 -4.95 61.05 -44.06
C MET A 277 -5.16 60.58 -45.49
N ALA A 278 -4.63 61.35 -46.44
CA ALA A 278 -4.71 60.99 -47.86
C ALA A 278 -3.57 61.68 -48.58
N ALA A 279 -3.30 61.21 -49.79
CA ALA A 279 -2.23 61.77 -50.61
C ALA A 279 -2.81 62.82 -51.55
N TYR A 280 -2.35 64.05 -51.40
CA TYR A 280 -2.79 65.15 -52.25
C TYR A 280 -1.59 65.72 -53.01
N VAL A 281 -1.87 66.33 -54.16
CA VAL A 281 -0.84 66.89 -55.01
C VAL A 281 -1.03 68.40 -55.12
N ASN A 282 0.07 69.11 -55.31
CA ASN A 282 0.09 70.53 -55.56
C ASN A 282 0.33 70.81 -57.05
N PRO A 283 0.19 72.07 -57.49
CA PRO A 283 0.36 72.35 -58.93
C PRO A 283 1.80 72.24 -59.43
N HIS A 284 2.76 71.88 -58.59
CA HIS A 284 4.15 71.74 -59.03
C HIS A 284 4.66 70.30 -58.94
N GLY A 285 3.80 69.33 -58.66
CA GLY A 285 4.20 67.95 -58.60
C GLY A 285 4.65 67.46 -57.25
N TYR A 286 4.53 68.29 -56.20
CA TYR A 286 4.87 67.85 -54.85
C TYR A 286 3.69 67.12 -54.24
N VAL A 287 3.94 65.90 -53.77
CA VAL A 287 2.91 65.06 -53.18
C VAL A 287 2.99 65.19 -51.66
N HIS A 288 1.84 65.41 -51.03
CA HIS A 288 1.76 65.59 -49.59
C HIS A 288 0.78 64.58 -49.01
N GLU A 289 1.27 63.75 -48.10
CA GLU A 289 0.38 62.92 -47.28
C GLU A 289 -0.16 63.81 -46.16
N THR A 290 -1.35 64.38 -46.39
CA THR A 290 -1.91 65.40 -45.51
C THR A 290 -2.92 64.77 -44.58
N LEU A 291 -2.79 65.05 -43.29
CA LEU A 291 -3.72 64.62 -42.27
C LEU A 291 -4.64 65.77 -41.87
N THR A 292 -5.88 65.45 -41.55
CA THR A 292 -6.88 66.43 -41.13
C THR A 292 -7.10 66.32 -39.63
N VAL A 293 -6.95 67.44 -38.93
CA VAL A 293 -7.16 67.50 -37.48
C VAL A 293 -7.97 68.74 -37.17
N TYR A 294 -8.78 68.65 -36.11
CA TYR A 294 -9.62 69.79 -35.73
C TYR A 294 -8.79 70.95 -35.16
N LYS A 295 -7.82 70.64 -34.31
CA LYS A 295 -7.11 71.69 -33.57
C LYS A 295 -5.62 71.40 -33.55
N ALA A 296 -4.83 72.47 -33.67
CA ALA A 296 -3.38 72.40 -33.57
C ALA A 296 -2.88 73.71 -32.97
N CYS A 297 -1.71 73.66 -32.34
CA CYS A 297 -1.18 74.80 -31.62
C CYS A 297 0.33 74.87 -31.83
N ASN A 298 0.93 75.94 -31.29
CA ASN A 298 2.36 76.19 -31.40
C ASN A 298 2.81 76.27 -32.86
N LEU A 299 2.04 77.01 -33.66
CA LEU A 299 2.34 77.20 -35.07
C LEU A 299 2.20 78.67 -35.43
N ASN A 300 3.03 79.12 -36.36
CA ASN A 300 2.95 80.45 -36.94
C ASN A 300 2.47 80.36 -38.38
N LEU A 301 1.64 81.32 -38.79
CA LEU A 301 1.13 81.35 -40.15
C LEU A 301 2.00 82.23 -41.03
N ILE A 302 2.08 81.85 -42.31
CA ILE A 302 2.89 82.56 -43.30
C ILE A 302 1.98 83.02 -44.43
N GLY A 303 2.06 84.30 -44.77
CA GLY A 303 1.30 84.86 -45.87
C GLY A 303 -0.19 84.95 -45.60
N ARG A 304 -0.91 85.34 -46.64
CA ARG A 304 -2.36 85.47 -46.57
C ARG A 304 -3.04 84.22 -47.08
N PRO A 305 -4.28 83.96 -46.64
CA PRO A 305 -4.98 82.76 -47.11
C PRO A 305 -5.28 82.83 -48.60
N SER A 306 -5.34 81.67 -49.23
CA SER A 306 -5.62 81.57 -50.65
C SER A 306 -6.44 80.31 -50.92
N THR A 307 -7.40 80.43 -51.85
CA THR A 307 -8.18 79.29 -52.31
C THR A 307 -7.57 78.61 -53.51
N GLU A 308 -6.41 79.08 -53.97
CA GLU A 308 -5.77 78.56 -55.18
C GLU A 308 -5.38 77.09 -55.03
N HIS A 309 -6.02 76.23 -55.83
CA HIS A 309 -5.71 74.80 -55.85
C HIS A 309 -5.97 74.14 -54.50
N SER A 310 -6.99 74.63 -53.80
CA SER A 310 -7.32 74.08 -52.49
C SER A 310 -7.84 72.66 -52.62
N TRP A 311 -7.32 71.76 -51.78
CA TRP A 311 -7.75 70.37 -51.79
C TRP A 311 -9.12 70.18 -51.17
N PHE A 312 -9.65 71.19 -50.48
CA PHE A 312 -10.94 71.10 -49.79
C PHE A 312 -11.73 72.34 -50.17
N PRO A 313 -12.50 72.27 -51.27
CA PRO A 313 -13.24 73.44 -51.74
C PRO A 313 -14.11 74.06 -50.64
N GLY A 314 -14.19 75.39 -50.66
CA GLY A 314 -14.85 76.13 -49.61
C GLY A 314 -13.93 76.61 -48.50
N TYR A 315 -12.65 76.23 -48.51
CA TYR A 315 -11.69 76.58 -47.49
C TYR A 315 -10.48 77.27 -48.12
N ALA A 316 -9.90 78.21 -47.35
CA ALA A 316 -8.70 78.91 -47.74
C ALA A 316 -7.56 78.46 -46.83
N TRP A 317 -6.45 78.04 -47.43
CA TRP A 317 -5.31 77.54 -46.69
C TRP A 317 -4.33 78.67 -46.39
N THR A 318 -3.67 78.56 -45.24
CA THR A 318 -2.61 79.47 -44.87
C THR A 318 -1.46 78.63 -44.33
N VAL A 319 -0.25 78.88 -44.83
CA VAL A 319 0.89 78.08 -44.44
C VAL A 319 1.10 78.16 -42.94
N ALA A 320 1.39 77.02 -42.32
CA ALA A 320 1.77 76.94 -40.92
C ALA A 320 3.15 76.32 -40.78
N GLN A 321 3.95 76.90 -39.91
CA GLN A 321 5.30 76.42 -39.63
C GLN A 321 5.51 76.36 -38.12
N CYS A 322 6.49 75.55 -37.72
CA CYS A 322 6.76 75.35 -36.31
C CYS A 322 7.18 76.65 -35.63
N LYS A 323 6.67 76.85 -34.41
CA LYS A 323 7.02 78.04 -33.64
C LYS A 323 8.51 78.10 -33.31
N ILE A 324 9.15 76.94 -33.14
CA ILE A 324 10.52 76.91 -32.65
C ILE A 324 11.52 76.87 -33.79
N CYS A 325 11.38 75.92 -34.72
CA CYS A 325 12.37 75.70 -35.76
C CYS A 325 11.95 76.24 -37.13
N ALA A 326 10.71 76.71 -37.26
CA ALA A 326 10.16 77.28 -38.48
C ALA A 326 10.11 76.30 -39.64
N SER A 327 10.25 75.00 -39.37
CA SER A 327 10.05 74.01 -40.42
C SER A 327 8.57 73.86 -40.72
N HIS A 328 8.27 73.51 -41.97
CA HIS A 328 6.89 73.45 -42.43
C HIS A 328 6.16 72.29 -41.78
N ILE A 329 4.99 72.57 -41.19
CA ILE A 329 4.16 71.55 -40.60
C ILE A 329 2.90 71.28 -41.43
N GLY A 330 2.38 72.28 -42.14
CA GLY A 330 1.19 72.11 -42.95
C GLY A 330 0.49 73.40 -43.27
N TRP A 331 -0.84 73.40 -43.14
CA TRP A 331 -1.65 74.56 -43.49
C TRP A 331 -2.82 74.68 -42.53
N LYS A 332 -3.25 75.91 -42.29
CA LYS A 332 -4.49 76.18 -41.58
C LYS A 332 -5.58 76.47 -42.60
N PHE A 333 -6.59 75.62 -42.64
CA PHE A 333 -7.70 75.75 -43.59
C PHE A 333 -8.85 76.46 -42.91
N THR A 334 -9.28 77.58 -43.51
CA THR A 334 -10.31 78.43 -42.94
C THR A 334 -11.47 78.53 -43.93
N ALA A 335 -12.69 78.34 -43.43
CA ALA A 335 -13.86 78.34 -44.28
C ALA A 335 -14.10 79.70 -44.92
N THR A 336 -14.63 79.68 -46.14
CA THR A 336 -14.98 80.90 -46.86
C THR A 336 -16.38 81.37 -46.52
N LYS A 337 -17.32 80.44 -46.33
CA LYS A 337 -18.71 80.74 -46.04
C LYS A 337 -19.04 80.31 -44.62
N LYS A 338 -20.23 80.70 -44.15
CA LYS A 338 -20.61 80.40 -42.79
C LYS A 338 -21.29 79.05 -42.65
N ASP A 339 -21.87 78.51 -43.71
CA ASP A 339 -22.53 77.21 -43.64
C ASP A 339 -21.55 76.05 -43.77
N MET A 340 -20.24 76.31 -43.66
CA MET A 340 -19.23 75.26 -43.70
C MET A 340 -19.15 74.56 -42.35
N SER A 341 -19.00 73.23 -42.39
CA SER A 341 -19.17 72.45 -41.16
C SER A 341 -18.07 72.72 -40.11
N PRO A 342 -16.80 72.29 -40.25
CA PRO A 342 -15.85 72.58 -39.17
C PRO A 342 -15.41 74.03 -39.10
N GLN A 343 -15.54 74.78 -40.19
CA GLN A 343 -15.20 76.21 -40.24
C GLN A 343 -13.69 76.43 -40.24
N LYS A 344 -12.96 75.73 -39.36
CA LYS A 344 -11.53 75.93 -39.22
C LYS A 344 -10.74 74.63 -39.18
N PHE A 345 -11.20 73.59 -39.88
CA PHE A 345 -10.46 72.33 -39.87
C PHE A 345 -9.00 72.60 -40.23
N TRP A 346 -8.09 72.12 -39.38
CA TRP A 346 -6.66 72.41 -39.51
C TRP A 346 -6.07 71.66 -40.70
N GLY A 347 -5.18 70.72 -40.45
CA GLY A 347 -4.65 69.91 -41.52
C GLY A 347 -3.14 69.94 -41.59
N LEU A 348 -2.51 68.81 -41.27
CA LEU A 348 -1.06 68.70 -41.18
C LEU A 348 -0.52 67.66 -42.15
N THR A 349 0.71 67.90 -42.64
CA THR A 349 1.44 66.94 -43.46
C THR A 349 2.24 66.00 -42.58
N ARG A 350 2.15 64.69 -42.88
CA ARG A 350 2.66 63.67 -41.98
C ARG A 350 4.18 63.68 -41.89
N SER A 351 4.89 63.86 -43.01
CA SER A 351 6.34 63.69 -43.05
C SER A 351 7.07 64.53 -42.01
N ALA A 352 6.41 65.54 -41.45
CA ALA A 352 6.96 66.35 -40.36
C ALA A 352 6.39 65.96 -39.01
N LEU A 353 5.58 64.91 -38.93
CA LEU A 353 4.89 64.54 -37.71
C LEU A 353 5.29 63.15 -37.23
N LEU A 354 5.04 62.92 -35.93
CA LEU A 354 5.14 61.65 -35.24
C LEU A 354 4.23 61.71 -34.02
N PRO A 355 3.23 60.83 -33.91
CA PRO A 355 2.32 60.87 -32.76
C PRO A 355 3.01 60.48 -31.45
N THR A 356 4.22 60.98 -31.23
CA THR A 356 5.11 60.52 -30.17
C THR A 356 4.56 60.14 -28.80
N ILE A 357 5.28 59.23 -28.15
CA ILE A 357 5.06 58.82 -26.76
C ILE A 357 5.06 60.07 -25.88
N PRO A 358 3.95 60.37 -25.20
CA PRO A 358 3.97 61.51 -24.27
C PRO A 358 4.81 61.21 -23.04
N ASP A 359 6.04 61.71 -23.02
CA ASP A 359 6.88 61.65 -21.83
C ASP A 359 6.21 62.38 -20.69
N THR A 360 5.27 61.69 -20.03
CA THR A 360 4.37 62.31 -19.08
C THR A 360 5.12 63.10 -18.02
N GLU A 361 4.87 64.40 -17.97
CA GLU A 361 5.56 65.32 -17.05
C GLU A 361 5.08 65.18 -15.62
N ASP A 362 4.36 64.11 -15.29
CA ASP A 362 3.96 63.87 -13.91
C ASP A 362 5.17 63.48 -13.08
N GLU A 363 5.40 64.21 -11.99
CA GLU A 363 6.51 63.89 -11.10
C GLU A 363 6.36 62.50 -10.47
N ILE A 364 5.16 61.93 -10.51
CA ILE A 364 4.94 60.57 -10.03
C ILE A 364 4.90 59.56 -11.16
N SER A 365 4.65 60.00 -12.40
CA SER A 365 4.66 59.14 -13.57
C SER A 365 5.55 59.78 -14.63
N PRO A 366 6.87 59.74 -14.42
CA PRO A 366 7.80 60.36 -15.39
C PRO A 366 7.93 59.52 -16.65
N ASP A 367 8.99 58.73 -16.74
CA ASP A 367 9.17 57.80 -17.85
C ASP A 367 8.36 56.55 -17.57
N LYS A 368 8.52 55.52 -18.40
CA LYS A 368 7.78 54.28 -18.21
C LYS A 368 8.48 53.13 -18.92
N VAL A 369 8.04 52.85 -20.14
CA VAL A 369 8.56 51.74 -20.93
C VAL A 369 8.10 51.97 -22.36
N ILE A 370 9.01 51.83 -23.32
CA ILE A 370 8.67 52.10 -24.71
C ILE A 370 8.92 50.86 -25.55
N LEU A 371 8.18 49.79 -25.27
CA LEU A 371 8.26 48.53 -26.02
C LEU A 371 7.54 48.73 -27.35
N CYS A 372 8.30 49.02 -28.40
CA CYS A 372 7.70 49.27 -29.71
C CYS A 372 7.19 47.99 -30.36
N LEU A 373 6.29 47.29 -29.70
CA LEU A 373 5.57 46.17 -30.29
C LEU A 373 4.12 46.61 -30.41
N SER B 2 24.38 21.27 -35.01
CA SER B 2 23.66 20.50 -34.01
C SER B 2 23.38 19.08 -34.49
N TYR B 3 23.48 18.13 -33.56
CA TYR B 3 23.28 16.71 -33.85
C TYR B 3 22.50 16.13 -32.69
N ASN B 4 21.22 15.83 -32.91
CA ASN B 4 20.34 15.49 -31.80
C ASN B 4 19.57 14.20 -32.06
N TYR B 5 18.99 13.68 -30.98
CA TYR B 5 18.35 12.37 -30.95
C TYR B 5 17.07 12.50 -30.13
N VAL B 6 15.93 12.15 -30.74
CA VAL B 6 14.64 12.19 -30.06
C VAL B 6 14.01 10.80 -30.12
N VAL B 7 13.40 10.39 -29.00
CA VAL B 7 12.83 9.05 -28.88
C VAL B 7 11.60 9.14 -27.97
N THR B 8 10.62 8.28 -28.24
CA THR B 8 9.43 8.21 -27.41
C THR B 8 9.73 7.39 -26.17
N ALA B 9 9.50 7.98 -25.00
CA ALA B 9 9.64 7.28 -23.73
C ALA B 9 8.33 6.69 -23.26
N GLN B 10 7.22 7.41 -23.44
CA GLN B 10 5.90 6.94 -23.05
C GLN B 10 4.94 7.22 -24.18
N LYS B 11 4.26 6.18 -24.67
CA LYS B 11 3.35 6.33 -25.78
C LYS B 11 2.15 7.20 -25.38
N PRO B 12 1.51 7.86 -26.34
CA PRO B 12 0.39 8.75 -26.00
C PRO B 12 -0.76 8.01 -25.33
N THR B 13 -1.41 8.69 -24.38
CA THR B 13 -2.50 8.11 -23.62
C THR B 13 -3.85 8.74 -23.93
N ALA B 14 -3.88 9.89 -24.60
CA ALA B 14 -5.14 10.52 -24.96
C ALA B 14 -5.87 9.70 -26.01
N VAL B 15 -7.20 9.65 -25.88
CA VAL B 15 -8.04 8.86 -26.77
C VAL B 15 -8.77 9.82 -27.70
N ASN B 16 -8.46 9.75 -28.99
CA ASN B 16 -9.05 10.63 -29.99
C ASN B 16 -10.05 9.93 -30.89
N GLY B 17 -10.24 8.62 -30.73
CA GLY B 17 -11.19 7.89 -31.55
C GLY B 17 -11.39 6.47 -31.09
N CYS B 18 -12.57 5.91 -31.36
CA CYS B 18 -12.88 4.54 -30.95
C CYS B 18 -13.99 4.00 -31.83
N VAL B 19 -13.81 2.79 -32.35
CA VAL B 19 -14.80 2.13 -33.19
C VAL B 19 -14.79 0.63 -32.87
N THR B 20 -15.93 -0.01 -33.10
CA THR B 20 -16.08 -1.45 -32.92
C THR B 20 -16.47 -2.09 -34.24
N GLY B 21 -16.13 -3.36 -34.39
CA GLY B 21 -16.43 -4.07 -35.62
C GLY B 21 -15.82 -5.44 -35.63
N HIS B 22 -16.00 -6.12 -36.77
CA HIS B 22 -15.56 -7.50 -36.95
C HIS B 22 -14.33 -7.48 -37.85
N PHE B 23 -13.18 -7.23 -37.23
CA PHE B 23 -11.93 -7.00 -37.95
C PHE B 23 -11.02 -8.22 -37.95
N THR B 24 -10.81 -8.85 -36.80
CA THR B 24 -9.99 -10.06 -36.75
C THR B 24 -10.70 -11.26 -37.36
N SER B 25 -12.03 -11.22 -37.43
CA SER B 25 -12.85 -12.22 -38.10
C SER B 25 -14.28 -11.71 -38.15
N ALA B 26 -15.05 -12.22 -39.11
CA ALA B 26 -16.44 -11.80 -39.23
C ALA B 26 -17.24 -12.13 -37.96
N GLU B 27 -16.84 -13.18 -37.25
CA GLU B 27 -17.52 -13.55 -36.00
C GLU B 27 -16.92 -12.88 -34.78
N ASP B 28 -15.61 -12.65 -34.76
CA ASP B 28 -14.98 -11.99 -33.63
C ASP B 28 -15.46 -10.55 -33.53
N LEU B 29 -15.56 -10.05 -32.29
CA LEU B 29 -15.93 -8.67 -32.01
C LEU B 29 -14.72 -7.92 -31.50
N ASN B 30 -14.32 -6.88 -32.22
CA ASN B 30 -13.10 -6.13 -31.93
C ASN B 30 -13.42 -4.74 -31.43
N LEU B 31 -12.51 -4.19 -30.61
CA LEU B 31 -12.53 -2.81 -30.19
C LEU B 31 -11.28 -2.11 -30.70
N LEU B 32 -11.46 -0.98 -31.36
CA LEU B 32 -10.36 -0.20 -31.92
C LEU B 32 -10.21 1.10 -31.15
N ILE B 33 -8.97 1.38 -30.73
CA ILE B 33 -8.65 2.56 -29.94
C ILE B 33 -7.67 3.42 -30.73
N ALA B 34 -7.92 4.72 -30.77
CA ALA B 34 -7.02 5.67 -31.41
C ALA B 34 -6.30 6.46 -30.34
N LYS B 35 -4.96 6.44 -30.39
CA LYS B 35 -4.10 7.19 -29.48
C LYS B 35 -3.05 7.92 -30.31
N ASN B 36 -3.46 9.02 -30.96
CA ASN B 36 -2.55 9.87 -31.72
C ASN B 36 -1.85 9.08 -32.81
N THR B 37 -0.60 8.69 -32.56
CA THR B 37 0.19 7.91 -33.50
C THR B 37 0.06 6.40 -33.27
N ARG B 38 -0.66 6.00 -32.23
CA ARG B 38 -0.79 4.59 -31.87
C ARG B 38 -2.21 4.11 -32.17
N LEU B 39 -2.32 2.87 -32.65
CA LEU B 39 -3.60 2.23 -32.90
C LEU B 39 -3.65 0.92 -32.16
N GLU B 40 -4.72 0.70 -31.41
CA GLU B 40 -4.86 -0.46 -30.55
C GLU B 40 -6.06 -1.30 -30.98
N ILE B 41 -5.92 -2.62 -30.91
CA ILE B 41 -6.98 -3.56 -31.26
C ILE B 41 -7.27 -4.41 -30.04
N TYR B 42 -8.52 -4.36 -29.58
CA TYR B 42 -8.98 -5.13 -28.43
C TYR B 42 -10.16 -5.99 -28.85
N VAL B 43 -10.33 -7.13 -28.20
CA VAL B 43 -11.41 -8.06 -28.48
C VAL B 43 -12.37 -8.06 -27.30
N VAL B 44 -13.67 -7.95 -27.59
CA VAL B 44 -14.69 -7.88 -26.55
C VAL B 44 -14.89 -9.26 -25.95
N THR B 45 -14.62 -9.39 -24.66
CA THR B 45 -14.94 -10.59 -23.90
C THR B 45 -16.17 -10.34 -23.02
N ALA B 46 -16.62 -11.39 -22.34
CA ALA B 46 -17.74 -11.24 -21.41
C ALA B 46 -17.34 -10.41 -20.20
N GLU B 47 -16.15 -10.65 -19.65
CA GLU B 47 -15.71 -9.91 -18.47
C GLU B 47 -15.16 -8.53 -18.84
N GLY B 48 -14.59 -8.39 -20.03
CA GLY B 48 -14.05 -7.11 -20.44
C GLY B 48 -13.57 -7.08 -21.88
N LEU B 49 -12.29 -6.77 -22.08
CA LEU B 49 -11.72 -6.58 -23.40
C LEU B 49 -10.39 -7.31 -23.49
N ARG B 50 -10.18 -8.06 -24.57
CA ARG B 50 -8.95 -8.82 -24.75
C ARG B 50 -7.95 -7.98 -25.53
N PRO B 51 -6.85 -7.54 -24.93
CA PRO B 51 -5.83 -6.81 -25.68
C PRO B 51 -5.14 -7.73 -26.68
N VAL B 52 -4.98 -7.23 -27.91
CA VAL B 52 -4.42 -8.05 -28.99
C VAL B 52 -3.16 -7.42 -29.55
N LYS B 53 -3.27 -6.21 -30.10
CA LYS B 53 -2.16 -5.62 -30.83
C LYS B 53 -2.17 -4.11 -30.70
N GLU B 54 -0.98 -3.53 -30.59
CA GLU B 54 -0.79 -2.09 -30.60
C GLU B 54 0.30 -1.76 -31.61
N VAL B 55 0.02 -0.81 -32.49
CA VAL B 55 0.93 -0.46 -33.58
C VAL B 55 1.19 1.03 -33.57
N GLY B 56 2.23 1.43 -34.29
CA GLY B 56 2.57 2.83 -34.47
C GLY B 56 2.49 3.20 -35.93
N MET B 57 1.99 4.40 -36.20
CA MET B 57 1.77 4.87 -37.56
C MET B 57 2.68 6.05 -37.86
N TYR B 58 3.10 6.14 -39.12
CA TYR B 58 3.83 7.32 -39.60
C TYR B 58 2.86 8.40 -40.08
N GLY B 59 1.92 8.71 -39.19
CA GLY B 59 0.92 9.72 -39.45
C GLY B 59 0.09 9.94 -38.21
N LYS B 60 -0.49 11.13 -38.13
CA LYS B 60 -1.36 11.48 -37.01
C LYS B 60 -2.79 11.09 -37.39
N ILE B 61 -3.36 10.13 -36.66
CA ILE B 61 -4.62 9.54 -37.05
C ILE B 61 -5.73 10.57 -36.87
N ALA B 62 -6.41 10.91 -37.95
CA ALA B 62 -7.49 11.89 -37.95
C ALA B 62 -8.86 11.28 -38.21
N VAL B 63 -8.96 10.30 -39.09
CA VAL B 63 -10.21 9.62 -39.40
C VAL B 63 -9.99 8.12 -39.33
N MET B 64 -10.93 7.41 -38.70
CA MET B 64 -10.82 5.97 -38.54
C MET B 64 -12.23 5.39 -38.59
N GLU B 65 -12.54 4.65 -39.66
CA GLU B 65 -13.86 4.07 -39.83
C GLU B 65 -13.73 2.68 -40.46
N LEU B 66 -14.55 1.75 -39.99
CA LEU B 66 -14.58 0.39 -40.49
C LEU B 66 -15.72 0.22 -41.50
N PHE B 67 -15.57 -0.77 -42.37
CA PHE B 67 -16.57 -1.04 -43.40
C PHE B 67 -16.38 -2.46 -43.90
N ARG B 68 -17.41 -2.97 -44.58
CA ARG B 68 -17.43 -4.35 -45.08
C ARG B 68 -17.53 -4.33 -46.60
N PRO B 69 -16.41 -4.54 -47.31
CA PRO B 69 -16.42 -4.36 -48.77
C PRO B 69 -17.19 -5.46 -49.49
N LYS B 70 -17.59 -5.14 -50.72
CA LYS B 70 -18.30 -6.04 -51.61
C LYS B 70 -17.55 -7.36 -51.80
N GLY B 71 -18.10 -8.44 -51.29
CA GLY B 71 -17.50 -9.76 -51.44
C GLY B 71 -16.15 -9.87 -50.77
N GLU B 72 -16.09 -9.57 -49.48
CA GLU B 72 -14.85 -9.64 -48.72
C GLU B 72 -15.12 -10.38 -47.41
N SER B 73 -14.05 -10.91 -46.83
CA SER B 73 -14.19 -11.82 -45.70
C SER B 73 -14.72 -11.10 -44.45
N LYS B 74 -14.17 -9.93 -44.14
CA LYS B 74 -14.43 -9.29 -42.87
C LYS B 74 -14.41 -7.77 -43.04
N ASP B 75 -14.62 -7.06 -41.94
CA ASP B 75 -14.57 -5.61 -41.97
C ASP B 75 -13.16 -5.13 -42.29
N LEU B 76 -13.09 -4.13 -43.18
CA LEU B 76 -11.84 -3.48 -43.51
C LEU B 76 -11.81 -2.08 -42.93
N LEU B 77 -10.60 -1.56 -42.74
CA LEU B 77 -10.38 -0.33 -41.99
C LEU B 77 -9.87 0.77 -42.91
N PHE B 78 -10.44 1.96 -42.76
CA PHE B 78 -9.98 3.15 -43.47
C PHE B 78 -9.33 4.11 -42.48
N ILE B 79 -8.17 4.63 -42.84
CA ILE B 79 -7.41 5.54 -41.98
C ILE B 79 -6.89 6.68 -42.85
N LEU B 80 -6.99 7.91 -42.33
CA LEU B 80 -6.41 9.09 -42.96
C LEU B 80 -5.57 9.83 -41.93
N THR B 81 -4.34 10.16 -42.30
CA THR B 81 -3.44 10.84 -41.39
C THR B 81 -3.67 12.35 -41.44
N ALA B 82 -3.08 13.05 -40.47
CA ALA B 82 -3.18 14.50 -40.47
C ALA B 82 -2.42 15.12 -41.63
N LYS B 83 -1.34 14.47 -42.08
CA LYS B 83 -0.65 14.87 -43.29
C LYS B 83 -1.30 14.34 -44.55
N TYR B 84 -2.56 13.89 -44.44
CA TYR B 84 -3.43 13.53 -45.55
C TYR B 84 -3.01 12.24 -46.24
N ASN B 85 -2.21 11.40 -45.58
CA ASN B 85 -1.95 10.06 -46.09
C ASN B 85 -3.10 9.14 -45.71
N ALA B 86 -3.62 8.42 -46.70
CA ALA B 86 -4.66 7.43 -46.48
C ALA B 86 -4.09 6.02 -46.61
N CYS B 87 -4.75 5.07 -45.93
CA CYS B 87 -4.34 3.67 -46.00
C CYS B 87 -5.51 2.81 -45.58
N ILE B 88 -5.59 1.62 -46.18
CA ILE B 88 -6.64 0.66 -45.91
C ILE B 88 -5.99 -0.63 -45.44
N LEU B 89 -6.46 -1.16 -44.31
CA LEU B 89 -5.80 -2.26 -43.62
C LEU B 89 -6.70 -3.47 -43.54
N GLU B 90 -6.08 -4.65 -43.60
CA GLU B 90 -6.77 -5.93 -43.46
C GLU B 90 -6.04 -6.77 -42.43
N TYR B 91 -6.79 -7.34 -41.49
CA TYR B 91 -6.20 -8.14 -40.43
C TYR B 91 -5.77 -9.50 -40.98
N LYS B 92 -4.50 -9.85 -40.76
CA LYS B 92 -3.95 -11.08 -41.31
C LYS B 92 -3.30 -11.89 -40.19
N GLN B 93 -3.73 -13.14 -40.05
CA GLN B 93 -3.08 -14.10 -39.17
C GLN B 93 -2.44 -15.18 -40.03
N SER B 94 -1.14 -15.41 -39.80
CA SER B 94 -0.38 -16.45 -40.49
C SER B 94 0.23 -17.35 -39.41
N GLY B 95 -0.60 -18.26 -38.89
CA GLY B 95 -0.19 -19.10 -37.77
C GLY B 95 0.02 -18.29 -36.51
N GLU B 96 1.24 -18.28 -35.99
CA GLU B 96 1.52 -17.51 -34.79
C GLU B 96 1.85 -16.05 -35.10
N SER B 97 2.16 -15.73 -36.35
CA SER B 97 2.50 -14.36 -36.73
C SER B 97 1.23 -13.59 -37.10
N ILE B 98 1.10 -12.39 -36.54
CA ILE B 98 -0.02 -11.51 -36.78
C ILE B 98 0.46 -10.31 -37.58
N ASP B 99 -0.26 -9.97 -38.64
CA ASP B 99 0.18 -8.92 -39.55
C ASP B 99 -1.02 -8.08 -39.97
N ILE B 100 -0.78 -6.78 -40.14
CA ILE B 100 -1.76 -5.86 -40.70
C ILE B 100 -1.23 -5.42 -42.04
N ILE B 101 -1.89 -5.85 -43.11
CA ILE B 101 -1.43 -5.62 -44.48
C ILE B 101 -2.09 -4.38 -45.03
N THR B 102 -1.37 -3.69 -45.91
CA THR B 102 -1.88 -2.51 -46.59
C THR B 102 -2.42 -2.96 -47.94
N ARG B 103 -3.74 -3.14 -48.02
CA ARG B 103 -4.36 -3.58 -49.27
C ARG B 103 -4.33 -2.48 -50.32
N ALA B 104 -4.38 -1.22 -49.89
CA ALA B 104 -4.26 -0.10 -50.79
C ALA B 104 -3.84 1.13 -49.99
N HIS B 105 -3.17 2.06 -50.66
CA HIS B 105 -2.68 3.26 -50.00
C HIS B 105 -2.59 4.39 -51.01
N GLY B 106 -2.43 5.60 -50.50
CA GLY B 106 -2.29 6.77 -51.32
C GLY B 106 -2.54 8.03 -50.51
N ASN B 107 -2.00 9.13 -51.01
CA ASN B 107 -2.18 10.43 -50.38
C ASN B 107 -3.18 11.26 -51.18
N VAL B 108 -4.03 11.99 -50.48
CA VAL B 108 -5.12 12.72 -51.09
C VAL B 108 -4.88 14.23 -51.04
N GLN B 109 -3.62 14.65 -50.83
CA GLN B 109 -3.32 16.07 -50.76
C GLN B 109 -3.49 16.75 -52.13
N ASP B 110 -3.91 18.00 -52.08
CA ASP B 110 -3.85 18.92 -53.22
C ASP B 110 -3.01 20.11 -52.83
N ARG B 111 -2.18 20.59 -53.77
CA ARG B 111 -1.27 21.69 -53.46
C ARG B 111 -2.01 22.91 -52.92
N ILE B 112 -3.10 23.29 -53.59
CA ILE B 112 -3.86 24.48 -53.24
C ILE B 112 -5.20 24.05 -52.66
N GLY B 113 -5.54 24.62 -51.50
CA GLY B 113 -6.79 24.33 -50.84
C GLY B 113 -6.87 24.96 -49.47
N ARG B 114 -8.01 25.56 -49.16
CA ARG B 114 -8.20 26.23 -47.89
C ARG B 114 -8.87 25.28 -46.92
N PRO B 115 -8.16 24.77 -45.90
CA PRO B 115 -8.78 23.79 -45.00
C PRO B 115 -10.00 24.40 -44.31
N SER B 116 -11.08 23.63 -44.27
CA SER B 116 -12.33 24.11 -43.72
C SER B 116 -12.20 24.38 -42.22
N GLU B 117 -13.09 25.21 -41.71
CA GLU B 117 -13.06 25.53 -40.28
C GLU B 117 -13.41 24.31 -39.45
N THR B 118 -14.39 23.52 -39.89
CA THR B 118 -14.85 22.34 -39.18
C THR B 118 -13.93 21.13 -39.38
N GLY B 119 -12.72 21.31 -39.91
CA GLY B 119 -11.74 20.25 -39.92
C GLY B 119 -12.01 19.12 -40.90
N ILE B 120 -11.16 18.10 -40.80
CA ILE B 120 -11.24 16.94 -41.67
C ILE B 120 -12.40 16.05 -41.25
N ILE B 121 -13.14 15.54 -42.25
CA ILE B 121 -14.23 14.61 -42.02
C ILE B 121 -14.11 13.47 -43.04
N GLY B 122 -14.14 12.23 -42.54
CA GLY B 122 -14.07 11.07 -43.41
C GLY B 122 -15.20 10.10 -43.16
N ILE B 123 -16.00 9.82 -44.20
CA ILE B 123 -17.18 8.98 -44.08
C ILE B 123 -17.21 7.99 -45.26
N ILE B 124 -17.83 6.84 -45.00
CA ILE B 124 -17.97 5.77 -45.99
C ILE B 124 -19.45 5.41 -46.12
N ASP B 125 -19.90 5.20 -47.35
CA ASP B 125 -21.29 4.89 -47.60
C ASP B 125 -21.63 3.49 -47.05
N PRO B 126 -22.89 3.24 -46.70
CA PRO B 126 -23.24 1.95 -46.10
C PRO B 126 -22.98 0.75 -47.00
N GLU B 127 -23.14 0.91 -48.32
CA GLU B 127 -22.85 -0.19 -49.23
C GLU B 127 -21.36 -0.46 -49.39
N CYS B 128 -20.51 0.39 -48.83
CA CYS B 128 -19.05 0.26 -48.95
C CYS B 128 -18.61 0.41 -50.40
N ARG B 129 -19.28 1.28 -51.14
CA ARG B 129 -18.93 1.56 -52.52
C ARG B 129 -17.93 2.68 -52.66
N MET B 130 -17.94 3.67 -51.77
CA MET B 130 -17.14 4.87 -51.95
C MET B 130 -16.87 5.52 -50.60
N ILE B 131 -15.82 6.35 -50.58
CA ILE B 131 -15.41 7.08 -49.39
C ILE B 131 -15.58 8.57 -49.65
N GLY B 132 -16.18 9.27 -48.69
CA GLY B 132 -16.35 10.71 -48.77
C GLY B 132 -15.37 11.44 -47.86
N LEU B 133 -14.78 12.51 -48.39
CA LEU B 133 -13.79 13.29 -47.65
C LEU B 133 -14.06 14.78 -47.85
N ARG B 134 -14.08 15.52 -46.74
CA ARG B 134 -14.21 16.98 -46.75
C ARG B 134 -12.95 17.55 -46.10
N LEU B 135 -12.04 18.05 -46.92
CA LEU B 135 -10.79 18.63 -46.44
C LEU B 135 -10.72 20.13 -46.60
N TYR B 136 -11.14 20.67 -47.74
CA TYR B 136 -11.14 22.09 -47.99
C TYR B 136 -12.52 22.57 -48.39
N ASP B 137 -12.83 23.82 -48.05
CA ASP B 137 -14.13 24.40 -48.35
C ASP B 137 -14.36 24.49 -49.86
N GLY B 138 -15.59 24.20 -50.28
CA GLY B 138 -15.96 24.26 -51.67
C GLY B 138 -15.48 23.11 -52.51
N LEU B 139 -14.85 22.10 -51.91
CA LEU B 139 -14.39 20.92 -52.63
C LEU B 139 -14.70 19.69 -51.79
N PHE B 140 -14.97 18.58 -52.47
CA PHE B 140 -15.35 17.34 -51.81
C PHE B 140 -14.69 16.18 -52.56
N LYS B 141 -13.65 15.60 -51.95
CA LYS B 141 -12.94 14.49 -52.57
C LYS B 141 -13.75 13.22 -52.44
N VAL B 142 -13.72 12.40 -53.50
CA VAL B 142 -14.48 11.15 -53.55
C VAL B 142 -13.54 10.04 -53.98
N ILE B 143 -13.53 8.95 -53.21
CA ILE B 143 -12.78 7.75 -53.52
C ILE B 143 -13.77 6.60 -53.63
N PRO B 144 -13.85 5.89 -54.77
CA PRO B 144 -14.76 4.75 -54.89
C PRO B 144 -14.31 3.55 -54.05
N LEU B 152 -5.03 4.49 -55.39
CA LEU B 152 -6.21 5.10 -54.79
C LEU B 152 -6.47 6.49 -55.35
N LYS B 153 -6.68 6.55 -56.66
CA LYS B 153 -6.99 7.81 -57.31
C LYS B 153 -8.35 8.34 -56.86
N ALA B 154 -8.44 9.67 -56.78
CA ALA B 154 -9.64 10.34 -56.31
C ALA B 154 -9.91 11.53 -57.20
N PHE B 155 -11.13 12.07 -57.08
CA PHE B 155 -11.51 13.25 -57.83
C PHE B 155 -12.30 14.18 -56.93
N ASN B 156 -12.26 15.47 -57.23
CA ASN B 156 -12.95 16.48 -56.46
C ASN B 156 -14.22 16.92 -57.18
N ILE B 157 -15.21 17.32 -56.40
CA ILE B 157 -16.45 17.89 -56.92
C ILE B 157 -16.66 19.24 -56.27
N ARG B 158 -17.22 20.16 -57.03
CA ARG B 158 -17.41 21.51 -56.53
C ARG B 158 -18.57 21.57 -55.53
N LEU B 159 -18.48 22.50 -54.59
CA LEU B 159 -19.50 22.72 -53.58
C LEU B 159 -19.78 24.21 -53.51
N GLU B 160 -21.03 24.59 -53.73
CA GLU B 160 -21.40 26.00 -53.61
C GLU B 160 -21.53 26.40 -52.14
N GLU B 161 -21.84 25.45 -51.27
CA GLU B 161 -21.93 25.70 -49.84
C GLU B 161 -20.52 25.64 -49.26
N LEU B 162 -20.01 26.78 -48.79
CA LEU B 162 -18.62 26.92 -48.42
C LEU B 162 -18.38 26.86 -46.91
N HIS B 163 -19.40 26.48 -46.12
CA HIS B 163 -19.28 26.44 -44.66
C HIS B 163 -20.05 25.23 -44.13
N VAL B 164 -19.52 24.04 -44.41
CA VAL B 164 -20.17 22.80 -43.98
C VAL B 164 -19.90 22.58 -42.50
N ILE B 165 -20.96 22.23 -41.75
CA ILE B 165 -20.83 21.93 -40.34
C ILE B 165 -20.62 20.44 -40.11
N ASP B 166 -21.51 19.62 -40.67
CA ASP B 166 -21.41 18.17 -40.58
C ASP B 166 -22.18 17.56 -41.75
N VAL B 167 -21.72 16.40 -42.21
CA VAL B 167 -22.34 15.72 -43.34
C VAL B 167 -22.21 14.21 -43.12
N LYS B 168 -23.23 13.47 -43.51
CA LYS B 168 -23.24 12.01 -43.35
C LYS B 168 -23.90 11.37 -44.56
N PHE B 169 -23.60 10.10 -44.76
CA PHE B 169 -24.20 9.32 -45.84
C PHE B 169 -25.61 8.87 -45.45
N LEU B 170 -26.55 9.06 -46.37
CA LEU B 170 -27.93 8.66 -46.10
C LEU B 170 -28.10 7.15 -46.21
N TYR B 171 -29.07 6.64 -45.48
CA TYR B 171 -29.48 5.25 -45.60
C TYR B 171 -30.64 5.16 -46.59
N GLY B 172 -30.73 4.01 -47.27
CA GLY B 172 -31.86 3.72 -48.13
C GLY B 172 -32.11 4.77 -49.20
N CYS B 173 -31.21 4.86 -50.17
CA CYS B 173 -31.41 5.75 -51.31
C CYS B 173 -31.03 5.01 -52.59
N GLN B 174 -31.50 5.54 -53.72
CA GLN B 174 -31.26 4.89 -55.00
C GLN B 174 -29.76 4.91 -55.35
N ALA B 175 -29.09 6.00 -55.04
CA ALA B 175 -27.65 6.15 -55.16
C ALA B 175 -27.11 6.77 -53.87
N PRO B 176 -25.82 6.56 -53.57
CA PRO B 176 -25.24 7.19 -52.37
C PRO B 176 -25.53 8.68 -52.32
N THR B 177 -26.16 9.11 -51.23
CA THR B 177 -26.65 10.47 -51.07
C THR B 177 -26.13 11.04 -49.76
N ILE B 178 -25.70 12.30 -49.79
CA ILE B 178 -25.17 12.97 -48.60
C ILE B 178 -26.11 14.10 -48.20
N CYS B 179 -26.21 14.31 -46.89
CA CYS B 179 -26.99 15.40 -46.32
C CYS B 179 -26.11 16.16 -45.34
N PHE B 180 -26.08 17.48 -45.47
CA PHE B 180 -25.16 18.31 -44.71
C PHE B 180 -25.89 19.50 -44.11
N VAL B 181 -25.24 20.11 -43.11
CA VAL B 181 -25.71 21.33 -42.49
C VAL B 181 -24.68 22.41 -42.76
N TYR B 182 -25.11 23.50 -43.38
CA TYR B 182 -24.25 24.62 -43.74
C TYR B 182 -24.76 25.90 -43.09
N GLN B 183 -23.92 26.91 -43.07
CA GLN B 183 -24.28 28.24 -42.60
C GLN B 183 -23.98 29.22 -43.72
N ASP B 184 -25.02 29.81 -44.28
CA ASP B 184 -24.94 30.86 -45.29
C ASP B 184 -25.19 32.22 -44.65
N PRO B 185 -24.93 33.32 -45.38
CA PRO B 185 -25.15 34.65 -44.80
C PRO B 185 -26.60 35.00 -44.53
N GLN B 186 -27.48 33.99 -44.44
CA GLN B 186 -28.88 34.22 -44.12
C GLN B 186 -29.42 33.25 -43.07
N GLY B 187 -28.56 32.52 -42.37
CA GLY B 187 -28.99 31.62 -41.34
C GLY B 187 -28.23 30.32 -41.42
N ARG B 188 -28.84 29.27 -40.85
CA ARG B 188 -28.27 27.92 -40.87
C ARG B 188 -29.35 26.98 -41.38
N HIS B 189 -29.01 26.15 -42.37
CA HIS B 189 -29.97 25.29 -43.04
C HIS B 189 -29.34 23.95 -43.34
N VAL B 190 -30.20 22.97 -43.62
CA VAL B 190 -29.80 21.62 -43.99
C VAL B 190 -30.16 21.37 -45.45
N LYS B 191 -29.40 20.49 -46.10
CA LYS B 191 -29.57 20.25 -47.53
C LYS B 191 -29.09 18.83 -47.85
N THR B 192 -29.30 18.41 -49.09
CA THR B 192 -28.94 17.06 -49.53
C THR B 192 -28.27 17.13 -50.90
N TYR B 193 -27.54 16.05 -51.23
CA TYR B 193 -26.85 15.94 -52.51
C TYR B 193 -26.65 14.47 -52.84
N GLU B 194 -26.89 14.10 -54.10
CA GLU B 194 -26.68 12.74 -54.57
C GLU B 194 -25.39 12.63 -55.37
N VAL B 195 -24.85 11.42 -55.42
CA VAL B 195 -23.55 11.14 -56.03
C VAL B 195 -23.75 10.26 -57.25
N SER B 196 -23.09 10.61 -58.36
CA SER B 196 -23.09 9.81 -59.58
C SER B 196 -21.64 9.60 -60.01
N LEU B 197 -21.10 8.41 -59.76
CA LEU B 197 -19.74 8.09 -60.17
C LEU B 197 -19.62 8.08 -61.69
N ARG B 198 -20.58 7.46 -62.38
CA ARG B 198 -20.56 7.41 -63.83
C ARG B 198 -20.47 8.82 -64.43
N GLU B 199 -21.09 9.80 -63.77
CA GLU B 199 -21.02 11.18 -64.18
C GLU B 199 -19.89 11.95 -63.51
N LYS B 200 -19.41 11.46 -62.36
CA LYS B 200 -18.41 12.16 -61.54
C LYS B 200 -18.90 13.56 -61.21
N GLU B 201 -20.20 13.66 -60.94
CA GLU B 201 -20.87 14.93 -60.70
C GLU B 201 -22.02 14.71 -59.74
N PHE B 202 -22.63 15.81 -59.32
CA PHE B 202 -23.71 15.79 -58.34
C PHE B 202 -25.06 15.63 -59.01
N ASN B 203 -25.95 14.93 -58.33
CA ASN B 203 -27.36 14.86 -58.69
C ASN B 203 -28.19 15.45 -57.55
N LYS B 204 -29.49 15.62 -57.79
CA LYS B 204 -30.34 16.32 -56.84
C LYS B 204 -30.69 15.44 -55.66
N GLY B 205 -30.58 15.99 -54.44
CA GLY B 205 -30.92 15.29 -53.23
C GLY B 205 -32.42 15.13 -53.09
N PRO B 206 -32.85 14.07 -52.43
CA PRO B 206 -34.30 13.78 -52.36
C PRO B 206 -35.12 14.83 -51.62
N TRP B 207 -34.53 15.60 -50.71
CA TRP B 207 -35.32 16.56 -49.94
C TRP B 207 -34.43 17.71 -49.48
N LYS B 208 -35.01 18.58 -48.65
CA LYS B 208 -34.41 19.85 -48.27
C LYS B 208 -35.28 20.55 -47.22
N GLN B 209 -34.66 21.13 -46.19
CA GLN B 209 -35.36 21.94 -45.20
C GLN B 209 -34.64 23.27 -45.11
N GLU B 210 -35.33 24.34 -45.51
CA GLU B 210 -34.69 25.64 -45.74
C GLU B 210 -34.19 26.33 -44.47
N ASN B 211 -34.55 25.83 -43.28
CA ASN B 211 -34.14 26.48 -42.04
C ASN B 211 -33.84 25.44 -40.98
N VAL B 212 -32.96 25.81 -40.04
CA VAL B 212 -32.65 24.98 -38.89
C VAL B 212 -32.12 25.87 -37.78
N GLU B 213 -31.94 25.31 -36.59
CA GLU B 213 -31.50 26.08 -35.43
C GLU B 213 -30.16 26.75 -35.70
N ALA B 214 -29.95 27.91 -35.07
CA ALA B 214 -28.73 28.69 -35.28
C ALA B 214 -27.50 28.00 -34.71
N GLU B 215 -27.66 27.04 -33.80
CA GLU B 215 -26.54 26.34 -33.19
C GLU B 215 -26.54 24.85 -33.53
N ALA B 216 -27.07 24.49 -34.70
CA ALA B 216 -27.02 23.11 -35.16
C ALA B 216 -25.57 22.65 -35.30
N SER B 217 -25.25 21.50 -34.70
CA SER B 217 -23.85 21.10 -34.67
C SER B 217 -23.63 19.63 -35.02
N MET B 218 -24.62 18.78 -34.80
CA MET B 218 -24.46 17.34 -35.01
C MET B 218 -25.50 16.82 -35.98
N VAL B 219 -25.06 15.94 -36.89
CA VAL B 219 -25.92 15.31 -37.88
C VAL B 219 -25.65 13.81 -37.84
N ILE B 220 -26.70 13.03 -37.61
CA ILE B 220 -26.61 11.57 -37.56
C ILE B 220 -27.69 11.00 -38.46
N ALA B 221 -27.30 10.14 -39.40
CA ALA B 221 -28.23 9.50 -40.32
C ALA B 221 -28.68 8.16 -39.73
N VAL B 222 -29.99 8.00 -39.59
CA VAL B 222 -30.58 6.82 -38.93
C VAL B 222 -30.65 5.71 -39.97
N PRO B 223 -30.43 4.44 -39.59
CA PRO B 223 -30.39 3.36 -40.60
C PRO B 223 -31.67 3.14 -41.39
N GLU B 224 -31.67 2.08 -42.19
CA GLU B 224 -32.66 1.93 -43.26
C GLU B 224 -34.09 1.80 -42.77
N PRO B 225 -34.40 1.03 -41.70
CA PRO B 225 -35.80 1.00 -41.23
C PRO B 225 -36.39 2.37 -40.99
N PHE B 226 -35.62 3.26 -40.35
CA PHE B 226 -36.07 4.63 -40.14
C PHE B 226 -35.73 5.51 -41.35
N GLY B 227 -34.45 5.59 -41.69
CA GLY B 227 -34.00 6.54 -42.69
C GLY B 227 -33.91 7.94 -42.12
N GLY B 228 -33.52 8.87 -42.97
CA GLY B 228 -33.44 10.25 -42.56
C GLY B 228 -32.19 10.56 -41.75
N ALA B 229 -32.21 11.71 -41.10
CA ALA B 229 -31.08 12.20 -40.33
C ALA B 229 -31.55 12.89 -39.07
N ILE B 230 -30.79 12.72 -37.99
CA ILE B 230 -31.06 13.39 -36.73
C ILE B 230 -30.21 14.65 -36.67
N ILE B 231 -30.83 15.78 -36.31
CA ILE B 231 -30.15 17.07 -36.20
C ILE B 231 -30.23 17.51 -34.75
N ILE B 232 -29.08 17.89 -34.19
CA ILE B 232 -28.98 18.25 -32.78
C ILE B 232 -28.32 19.63 -32.67
N GLY B 233 -28.88 20.48 -31.82
CA GLY B 233 -28.28 21.76 -31.49
C GLY B 233 -28.24 21.99 -29.99
N GLN B 234 -28.10 23.25 -29.58
CA GLN B 234 -28.15 23.56 -28.15
C GLN B 234 -29.57 23.44 -27.61
N GLU B 235 -30.56 23.82 -28.41
CA GLU B 235 -31.94 23.92 -27.94
C GLU B 235 -32.89 22.92 -28.59
N SER B 236 -32.68 22.58 -29.86
CA SER B 236 -33.62 21.75 -30.61
C SER B 236 -32.92 20.49 -31.09
N ILE B 237 -33.65 19.38 -31.05
CA ILE B 237 -33.25 18.11 -31.65
C ILE B 237 -34.33 17.72 -32.62
N THR B 238 -34.02 17.73 -33.92
CA THR B 238 -35.01 17.53 -34.96
C THR B 238 -34.68 16.29 -35.79
N TYR B 239 -35.71 15.74 -36.43
CA TYR B 239 -35.58 14.63 -37.36
C TYR B 239 -36.26 15.01 -38.67
N HIS B 240 -35.62 14.63 -39.78
CA HIS B 240 -36.14 14.93 -41.11
C HIS B 240 -35.97 13.72 -42.01
N ASN B 241 -37.06 13.37 -42.72
CA ASN B 241 -37.07 12.26 -43.69
C ASN B 241 -37.99 12.69 -44.83
N GLY B 242 -37.48 13.58 -45.68
CA GLY B 242 -38.27 14.11 -46.77
C GLY B 242 -39.34 15.07 -46.31
N ASP B 243 -40.56 14.56 -46.13
CA ASP B 243 -41.67 15.35 -45.62
C ASP B 243 -42.00 15.04 -44.17
N LYS B 244 -41.40 14.00 -43.59
CA LYS B 244 -41.54 13.73 -42.16
C LYS B 244 -40.62 14.64 -41.36
N TYR B 245 -41.16 15.22 -40.29
CA TYR B 245 -40.42 16.22 -39.51
C TYR B 245 -40.83 16.11 -38.06
N LEU B 246 -39.86 15.86 -37.19
CA LEU B 246 -40.09 15.77 -35.75
C LEU B 246 -39.13 16.72 -35.07
N ALA B 247 -39.48 17.12 -33.84
CA ALA B 247 -38.64 18.07 -33.11
C ALA B 247 -38.96 17.97 -31.63
N ILE B 248 -37.90 18.03 -30.80
CA ILE B 248 -38.03 18.03 -29.35
C ILE B 248 -37.03 19.04 -28.79
N ALA B 249 -37.25 19.43 -27.53
CA ALA B 249 -36.39 20.41 -26.86
C ALA B 249 -36.30 20.05 -25.38
N PRO B 250 -35.51 19.02 -25.05
CA PRO B 250 -35.38 18.64 -23.65
C PRO B 250 -34.56 19.69 -22.88
N PRO B 251 -34.79 19.80 -21.58
CA PRO B 251 -34.06 20.81 -20.78
C PRO B 251 -32.64 20.42 -20.43
N ILE B 252 -32.41 19.14 -20.16
CA ILE B 252 -31.15 18.63 -19.64
C ILE B 252 -29.95 18.92 -20.53
N ILE B 253 -30.16 19.45 -21.73
CA ILE B 253 -29.08 19.66 -22.69
C ILE B 253 -28.58 21.10 -22.74
N LYS B 254 -29.39 22.07 -22.32
CA LYS B 254 -28.98 23.47 -22.42
C LYS B 254 -27.75 23.79 -21.57
N GLN B 255 -27.38 22.93 -20.62
CA GLN B 255 -26.20 23.21 -19.80
C GLN B 255 -24.91 22.97 -20.56
N SER B 256 -24.90 22.05 -21.52
CA SER B 256 -23.68 21.72 -22.26
C SER B 256 -24.04 21.20 -23.63
N THR B 257 -23.27 21.61 -24.63
CA THR B 257 -23.55 21.25 -26.02
C THR B 257 -23.24 19.77 -26.28
N ILE B 258 -24.06 19.15 -27.13
CA ILE B 258 -23.83 17.76 -27.50
C ILE B 258 -22.66 17.68 -28.48
N VAL B 259 -21.77 16.71 -28.26
CA VAL B 259 -20.47 16.76 -28.92
C VAL B 259 -20.07 15.42 -29.54
N CYS B 260 -20.39 14.31 -28.87
CA CYS B 260 -19.98 12.99 -29.35
C CYS B 260 -21.12 12.00 -29.13
N HIS B 261 -21.13 10.95 -29.95
CA HIS B 261 -22.25 10.01 -29.98
C HIS B 261 -21.76 8.64 -30.43
N ASN B 262 -22.72 7.72 -30.58
CA ASN B 262 -22.49 6.36 -31.06
C ASN B 262 -23.85 5.70 -31.22
N ARG B 263 -23.93 4.78 -32.18
CA ARG B 263 -25.15 4.01 -32.39
C ARG B 263 -25.16 2.80 -31.47
N VAL B 264 -26.28 2.61 -30.76
CA VAL B 264 -26.40 1.53 -29.78
C VAL B 264 -26.87 0.24 -30.44
N ASP B 265 -28.00 0.30 -31.13
CA ASP B 265 -28.53 -0.93 -31.72
C ASP B 265 -28.50 -0.86 -33.24
N PRO B 266 -28.11 -1.96 -33.91
CA PRO B 266 -28.06 -1.95 -35.37
C PRO B 266 -29.39 -1.63 -36.03
N ASN B 267 -30.52 -1.88 -35.36
CA ASN B 267 -31.80 -1.46 -35.90
C ASN B 267 -32.02 0.04 -35.78
N GLY B 268 -31.20 0.74 -34.99
CA GLY B 268 -31.23 2.18 -34.97
C GLY B 268 -32.28 2.80 -34.08
N SER B 269 -32.60 2.16 -32.95
CA SER B 269 -33.62 2.68 -32.05
C SER B 269 -33.06 3.47 -30.87
N ARG B 270 -31.77 3.32 -30.57
CA ARG B 270 -31.17 3.96 -29.40
C ARG B 270 -29.84 4.59 -29.77
N TYR B 271 -29.62 5.81 -29.29
CA TYR B 271 -28.37 6.54 -29.50
C TYR B 271 -27.81 6.99 -28.16
N LEU B 272 -26.50 7.15 -28.11
CA LEU B 272 -25.81 7.70 -26.95
C LEU B 272 -25.38 9.12 -27.23
N LEU B 273 -25.50 9.99 -26.22
CA LEU B 273 -25.06 11.37 -26.32
C LEU B 273 -24.29 11.76 -25.08
N GLY B 274 -23.18 12.46 -25.27
CA GLY B 274 -22.39 12.99 -24.19
C GLY B 274 -22.23 14.50 -24.35
N ASP B 275 -22.07 15.18 -23.22
CA ASP B 275 -21.91 16.62 -23.24
C ASP B 275 -20.44 17.01 -23.10
N MET B 276 -20.19 18.31 -23.07
CA MET B 276 -18.82 18.82 -22.94
C MET B 276 -18.27 18.66 -21.54
N GLU B 277 -19.07 18.19 -20.58
CA GLU B 277 -18.71 18.25 -19.18
C GLU B 277 -18.75 16.89 -18.49
N GLY B 278 -18.99 15.81 -19.23
CA GLY B 278 -18.99 14.48 -18.68
C GLY B 278 -20.35 13.87 -18.42
N ARG B 279 -21.44 14.60 -18.63
CA ARG B 279 -22.77 14.02 -18.52
C ARG B 279 -23.03 13.14 -19.75
N LEU B 280 -23.55 11.94 -19.50
CA LEU B 280 -23.83 10.98 -20.57
C LEU B 280 -25.33 10.76 -20.67
N PHE B 281 -25.86 10.93 -21.89
CA PHE B 281 -27.29 10.78 -22.14
C PHE B 281 -27.55 9.67 -23.14
N MET B 282 -28.78 9.19 -23.14
CA MET B 282 -29.27 8.19 -24.10
C MET B 282 -30.44 8.76 -24.87
N LEU B 283 -30.45 8.55 -26.18
CA LEU B 283 -31.57 8.91 -27.03
C LEU B 283 -32.39 7.65 -27.30
N LEU B 284 -33.68 7.71 -26.99
CA LEU B 284 -34.59 6.60 -27.16
C LEU B 284 -35.64 6.94 -28.21
N LEU B 285 -35.92 5.99 -29.10
CA LEU B 285 -36.90 6.17 -30.17
C LEU B 285 -38.18 5.43 -29.80
N GLU B 286 -39.27 6.18 -29.62
CA GLU B 286 -40.59 5.60 -29.38
C GLU B 286 -41.27 5.45 -30.73
N LYS B 287 -41.17 4.25 -31.31
CA LYS B 287 -41.69 4.00 -32.64
C LYS B 287 -43.17 3.64 -32.61
N THR B 296 -43.77 3.59 -38.72
CA THR B 296 -43.49 5.01 -38.54
C THR B 296 -43.00 5.30 -37.12
N LEU B 297 -42.36 6.45 -36.95
CA LEU B 297 -41.79 6.85 -35.66
C LEU B 297 -42.70 7.87 -35.02
N LYS B 298 -43.12 7.60 -33.78
CA LYS B 298 -44.08 8.46 -33.10
C LYS B 298 -43.41 9.69 -32.50
N ASP B 299 -42.48 9.49 -31.57
CA ASP B 299 -41.87 10.60 -30.86
C ASP B 299 -40.47 10.22 -30.42
N LEU B 300 -39.73 11.22 -29.94
CA LEU B 300 -38.39 11.05 -29.41
C LEU B 300 -38.38 11.39 -27.92
N ARG B 301 -37.51 10.71 -27.18
CA ARG B 301 -37.42 10.87 -25.73
C ARG B 301 -35.97 10.74 -25.30
N VAL B 302 -35.55 11.65 -24.41
CA VAL B 302 -34.18 11.72 -23.95
C VAL B 302 -34.15 11.43 -22.46
N GLU B 303 -33.05 10.81 -22.00
CA GLU B 303 -32.88 10.42 -20.62
C GLU B 303 -31.43 10.57 -20.19
N LEU B 304 -31.25 11.14 -19.00
CA LEU B 304 -29.91 11.25 -18.42
C LEU B 304 -29.47 9.90 -17.88
N LEU B 305 -28.22 9.52 -18.16
CA LEU B 305 -27.66 8.27 -17.70
C LEU B 305 -26.73 8.43 -16.50
N GLY B 306 -25.94 9.49 -16.49
CA GLY B 306 -25.03 9.74 -15.39
C GLY B 306 -23.91 10.67 -15.82
N GLU B 307 -22.89 10.73 -14.98
CA GLU B 307 -21.72 11.56 -15.21
C GLU B 307 -20.51 10.69 -15.44
N THR B 308 -19.71 11.05 -16.45
CA THR B 308 -18.49 10.35 -16.80
C THR B 308 -17.36 11.37 -16.93
N SER B 309 -16.18 10.88 -17.30
CA SER B 309 -15.14 11.78 -17.78
C SER B 309 -15.59 12.45 -19.08
N ILE B 310 -15.12 13.67 -19.30
CA ILE B 310 -15.46 14.39 -20.53
C ILE B 310 -15.03 13.54 -21.72
N ALA B 311 -16.01 13.17 -22.55
CA ALA B 311 -15.83 12.15 -23.57
C ALA B 311 -15.50 12.78 -24.92
N GLU B 312 -14.43 12.26 -25.54
CA GLU B 312 -14.10 12.60 -26.92
C GLU B 312 -14.81 11.67 -27.91
N CYS B 313 -14.90 10.39 -27.58
CA CYS B 313 -15.55 9.40 -28.41
C CYS B 313 -16.26 8.40 -27.53
N LEU B 314 -17.34 7.83 -28.05
CA LEU B 314 -18.13 6.85 -27.32
C LEU B 314 -18.46 5.69 -28.23
N THR B 315 -18.55 4.49 -27.65
CA THR B 315 -18.88 3.29 -28.39
C THR B 315 -19.71 2.36 -27.52
N TYR B 316 -20.87 1.96 -28.04
CA TYR B 316 -21.65 0.90 -27.39
C TYR B 316 -20.97 -0.43 -27.63
N LEU B 317 -20.60 -1.12 -26.55
CA LEU B 317 -19.95 -2.42 -26.68
C LEU B 317 -21.01 -3.52 -26.74
N ASP B 318 -21.39 -4.04 -25.58
CA ASP B 318 -22.41 -5.08 -25.45
C ASP B 318 -22.61 -5.30 -23.96
N ASN B 319 -23.69 -6.03 -23.63
CA ASN B 319 -24.01 -6.38 -22.25
C ASN B 319 -24.21 -5.13 -21.39
N GLY B 320 -24.71 -4.06 -21.99
CA GLY B 320 -24.88 -2.82 -21.27
C GLY B 320 -23.59 -2.12 -20.91
N VAL B 321 -22.51 -2.39 -21.64
CA VAL B 321 -21.21 -1.77 -21.39
C VAL B 321 -20.90 -0.81 -22.52
N VAL B 322 -20.39 0.37 -22.16
CA VAL B 322 -20.03 1.40 -23.13
C VAL B 322 -18.63 1.89 -22.80
N PHE B 323 -17.83 2.10 -23.85
CA PHE B 323 -16.47 2.60 -23.68
C PHE B 323 -16.47 4.12 -23.70
N VAL B 324 -15.77 4.72 -22.75
CA VAL B 324 -15.66 6.18 -22.64
C VAL B 324 -14.29 6.60 -23.17
N GLY B 325 -14.28 7.21 -24.35
CA GLY B 325 -13.04 7.76 -24.89
C GLY B 325 -12.83 9.19 -24.43
N SER B 326 -11.73 9.46 -23.74
CA SER B 326 -11.49 10.75 -23.12
C SER B 326 -10.17 11.34 -23.58
N ARG B 327 -10.19 12.63 -23.92
CA ARG B 327 -8.99 13.40 -24.19
C ARG B 327 -8.47 14.11 -22.95
N LEU B 328 -9.37 14.49 -22.04
CA LEU B 328 -9.01 15.29 -20.89
C LEU B 328 -8.67 14.45 -19.66
N GLY B 329 -9.29 13.29 -19.52
CA GLY B 329 -9.06 12.44 -18.36
C GLY B 329 -8.96 10.98 -18.70
N ASP B 330 -9.01 10.13 -17.67
CA ASP B 330 -8.89 8.69 -17.88
C ASP B 330 -10.08 8.15 -18.67
N SER B 331 -9.81 7.20 -19.56
CA SER B 331 -10.88 6.45 -20.20
C SER B 331 -11.51 5.49 -19.20
N GLN B 332 -12.76 5.14 -19.44
CA GLN B 332 -13.53 4.38 -18.47
C GLN B 332 -14.36 3.31 -19.16
N LEU B 333 -14.56 2.20 -18.46
CA LEU B 333 -15.52 1.18 -18.85
C LEU B 333 -16.68 1.23 -17.88
N VAL B 334 -17.88 1.44 -18.41
CA VAL B 334 -19.06 1.67 -17.58
C VAL B 334 -20.15 0.67 -17.94
N LYS B 335 -20.98 0.34 -16.95
CA LYS B 335 -22.12 -0.53 -17.12
C LYS B 335 -23.39 0.33 -17.19
N LEU B 336 -24.37 -0.15 -17.96
CA LEU B 336 -25.64 0.55 -18.11
C LEU B 336 -26.71 -0.33 -17.46
N ASN B 337 -27.07 0.00 -16.23
CA ASN B 337 -28.09 -0.73 -15.49
C ASN B 337 -29.48 -0.22 -15.84
N VAL B 338 -30.44 -1.14 -15.87
CA VAL B 338 -31.81 -0.77 -16.21
C VAL B 338 -32.38 0.17 -15.16
N ASP B 339 -32.00 0.00 -13.90
CA ASP B 339 -32.38 0.90 -12.83
C ASP B 339 -31.27 1.92 -12.58
N SER B 340 -31.68 3.13 -12.23
CA SER B 340 -30.75 4.16 -11.79
C SER B 340 -30.14 3.78 -10.44
N ASN B 341 -29.05 4.46 -10.10
CA ASN B 341 -28.46 4.23 -8.78
C ASN B 341 -29.01 5.28 -7.82
N GLU B 342 -28.55 5.23 -6.56
CA GLU B 342 -29.12 6.09 -5.54
C GLU B 342 -28.84 7.57 -5.81
N GLN B 343 -27.72 7.88 -6.43
CA GLN B 343 -27.42 9.25 -6.83
C GLN B 343 -28.19 9.68 -8.08
N GLY B 344 -28.97 8.78 -8.68
CA GLY B 344 -29.78 9.11 -9.84
C GLY B 344 -29.24 8.60 -11.15
N SER B 345 -28.00 8.13 -11.20
CA SER B 345 -27.39 7.69 -12.44
C SER B 345 -27.64 6.21 -12.70
N TYR B 346 -27.79 5.87 -13.98
CA TYR B 346 -27.84 4.49 -14.44
C TYR B 346 -26.47 3.91 -14.74
N VAL B 347 -25.42 4.71 -14.66
CA VAL B 347 -24.08 4.27 -15.04
C VAL B 347 -23.21 4.11 -13.80
N VAL B 348 -22.33 3.13 -13.86
CA VAL B 348 -21.31 2.91 -12.83
C VAL B 348 -20.01 2.57 -13.53
N ALA B 349 -18.91 3.12 -13.04
CA ALA B 349 -17.61 2.86 -13.64
C ALA B 349 -17.11 1.49 -13.21
N MET B 350 -16.70 0.67 -14.19
CA MET B 350 -16.17 -0.66 -13.92
C MET B 350 -14.65 -0.70 -13.89
N GLU B 351 -13.99 -0.01 -14.82
CA GLU B 351 -12.54 -0.03 -14.91
C GLU B 351 -12.08 1.24 -15.62
N THR B 352 -10.94 1.77 -15.18
CA THR B 352 -10.37 2.99 -15.73
C THR B 352 -9.02 2.71 -16.35
N PHE B 353 -8.71 3.47 -17.40
CA PHE B 353 -7.45 3.36 -18.12
C PHE B 353 -6.64 4.64 -17.92
N THR B 354 -5.38 4.48 -17.53
CA THR B 354 -4.53 5.62 -17.21
C THR B 354 -4.38 6.56 -18.40
N ASN B 355 -4.61 7.85 -18.17
CA ASN B 355 -4.41 8.89 -19.17
C ASN B 355 -3.51 9.96 -18.56
N LEU B 356 -2.37 10.21 -19.20
CA LEU B 356 -1.45 11.24 -18.72
C LEU B 356 -1.75 12.62 -19.27
N GLY B 357 -2.53 12.73 -20.35
CA GLY B 357 -2.79 14.01 -20.97
C GLY B 357 -4.09 14.63 -20.56
N PRO B 358 -4.19 15.96 -20.68
CA PRO B 358 -3.14 16.89 -21.15
C PRO B 358 -2.08 17.15 -20.08
N ILE B 359 -0.85 17.47 -20.48
CA ILE B 359 0.23 17.77 -19.56
C ILE B 359 0.53 19.26 -19.69
N VAL B 360 0.25 20.02 -18.63
CA VAL B 360 0.48 21.46 -18.66
C VAL B 360 1.76 21.85 -17.94
N ASP B 361 2.35 20.98 -17.12
CA ASP B 361 3.61 21.23 -16.44
C ASP B 361 4.07 19.92 -15.82
N MET B 362 5.34 19.91 -15.40
CA MET B 362 5.92 18.72 -14.79
C MET B 362 7.22 19.10 -14.09
N CYS B 363 7.67 18.21 -13.19
CA CYS B 363 8.92 18.39 -12.50
C CYS B 363 9.51 17.01 -12.20
N VAL B 364 10.82 16.98 -12.00
CA VAL B 364 11.56 15.74 -11.74
C VAL B 364 12.10 15.78 -10.32
N VAL B 365 11.87 14.70 -9.57
CA VAL B 365 12.27 14.63 -8.17
C VAL B 365 12.83 13.24 -7.87
N ASP B 366 13.95 13.21 -7.13
CA ASP B 366 14.50 11.97 -6.59
C ASP B 366 13.96 11.83 -5.17
N LEU B 367 12.71 11.36 -5.10
CA LEU B 367 12.01 11.32 -3.81
C LEU B 367 12.74 10.42 -2.81
N GLU B 368 13.07 9.20 -3.23
CA GLU B 368 13.77 8.25 -2.37
C GLU B 368 15.23 8.61 -2.12
N ARG B 369 15.73 9.72 -2.68
CA ARG B 369 17.13 10.12 -2.52
C ARG B 369 18.08 9.03 -2.99
N GLN B 370 17.74 8.39 -4.10
CA GLN B 370 18.51 7.27 -4.63
C GLN B 370 19.25 7.61 -5.92
N GLY B 371 19.26 8.88 -6.33
CA GLY B 371 19.82 9.23 -7.62
C GLY B 371 18.96 8.83 -8.79
N GLN B 372 17.69 8.52 -8.56
CA GLN B 372 16.80 8.02 -9.61
C GLN B 372 16.13 9.17 -10.35
N GLY B 373 15.17 9.82 -9.70
CA GLY B 373 14.36 10.83 -10.36
C GLY B 373 13.01 10.30 -10.76
N GLN B 374 11.95 10.90 -10.21
CA GLN B 374 10.58 10.52 -10.54
C GLN B 374 9.88 11.67 -11.23
N LEU B 375 9.01 11.35 -12.18
CA LEU B 375 8.30 12.35 -12.97
C LEU B 375 6.93 12.61 -12.35
N VAL B 376 6.65 13.86 -12.04
CA VAL B 376 5.38 14.28 -11.46
C VAL B 376 4.80 15.37 -12.34
N THR B 377 3.59 15.15 -12.84
CA THR B 377 2.97 16.06 -13.80
C THR B 377 1.71 16.68 -13.21
N CYS B 378 1.40 17.90 -13.67
CA CYS B 378 0.10 18.51 -13.48
C CYS B 378 -0.71 18.24 -14.74
N SER B 379 -1.65 17.31 -14.65
CA SER B 379 -2.33 16.77 -15.81
C SER B 379 -3.84 16.92 -15.68
N GLY B 380 -4.53 16.71 -16.80
CA GLY B 380 -5.98 16.78 -16.83
C GLY B 380 -6.51 18.20 -16.77
N ALA B 381 -7.84 18.28 -16.72
CA ALA B 381 -8.54 19.55 -16.65
C ALA B 381 -9.90 19.32 -16.01
N PHE B 382 -10.41 20.37 -15.36
CA PHE B 382 -11.75 20.38 -14.74
C PHE B 382 -11.76 19.30 -13.65
N LYS B 383 -12.84 18.52 -13.52
CA LYS B 383 -12.89 17.51 -12.49
C LYS B 383 -11.89 16.38 -12.71
N GLU B 384 -11.37 16.23 -13.93
CA GLU B 384 -10.34 15.25 -14.21
C GLU B 384 -8.94 15.76 -13.91
N GLY B 385 -8.81 17.00 -13.43
CA GLY B 385 -7.51 17.50 -13.06
C GLY B 385 -6.87 16.62 -11.99
N SER B 386 -5.58 16.36 -12.16
CA SER B 386 -4.92 15.40 -11.30
C SER B 386 -3.41 15.57 -11.39
N LEU B 387 -2.72 15.04 -10.38
CA LEU B 387 -1.28 14.87 -10.42
C LEU B 387 -0.96 13.42 -10.75
N ARG B 388 0.11 13.21 -11.52
CA ARG B 388 0.50 11.89 -11.98
C ARG B 388 1.94 11.63 -11.54
N ILE B 389 2.16 10.54 -10.83
CA ILE B 389 3.47 10.16 -10.32
C ILE B 389 3.99 9.02 -11.17
N ILE B 390 5.14 9.22 -11.80
CA ILE B 390 5.72 8.28 -12.74
C ILE B 390 7.01 7.73 -12.13
N ARG B 391 7.11 6.40 -12.09
CA ARG B 391 8.22 5.72 -11.42
C ARG B 391 8.80 4.68 -12.37
N ASN B 392 10.11 4.75 -12.58
CA ASN B 392 10.80 3.82 -13.47
C ASN B 392 11.48 2.73 -12.66
N GLY B 393 11.37 1.49 -13.14
CA GLY B 393 11.98 0.36 -12.46
C GLY B 393 11.43 -0.98 -12.89
N LYS B 405 10.19 -0.96 -16.20
CA LYS B 405 9.44 0.04 -16.98
C LYS B 405 8.72 1.02 -16.05
N LEU B 406 7.87 1.87 -16.63
CA LEU B 406 7.32 2.99 -15.90
C LEU B 406 6.13 2.57 -15.05
N HIS B 407 6.12 3.01 -13.80
CA HIS B 407 5.02 2.80 -12.87
C HIS B 407 4.22 4.09 -12.72
N ILE B 408 2.90 3.97 -12.61
CA ILE B 408 2.00 5.12 -12.62
C ILE B 408 1.15 5.09 -11.36
N ARG B 409 1.16 6.19 -10.62
CA ARG B 409 0.23 6.43 -9.52
C ARG B 409 -0.60 7.66 -9.85
N THR B 410 -1.90 7.59 -9.58
CA THR B 410 -2.84 8.66 -9.90
C THR B 410 -3.38 9.27 -8.62
N VAL B 411 -3.32 10.60 -8.53
CA VAL B 411 -3.86 11.35 -7.40
C VAL B 411 -4.84 12.39 -7.92
N PRO B 412 -6.14 12.14 -7.85
CA PRO B 412 -7.11 13.10 -8.40
C PRO B 412 -7.16 14.39 -7.59
N LEU B 413 -7.39 15.50 -8.29
CA LEU B 413 -7.50 16.81 -7.68
C LEU B 413 -8.85 17.47 -7.88
N TYR B 414 -9.60 17.09 -8.92
CA TYR B 414 -10.96 17.59 -9.18
C TYR B 414 -10.98 19.08 -9.49
N GLU B 415 -9.83 19.66 -9.81
CA GLU B 415 -9.77 21.03 -10.33
C GLU B 415 -8.53 21.15 -11.21
N SER B 416 -8.43 22.27 -11.90
CA SER B 416 -7.45 22.42 -12.98
C SER B 416 -6.05 22.71 -12.43
N PRO B 417 -5.08 21.84 -12.66
CA PRO B 417 -3.69 22.17 -12.32
C PRO B 417 -3.04 22.97 -13.41
N ARG B 418 -2.06 23.79 -13.03
CA ARG B 418 -1.45 24.71 -13.99
C ARG B 418 0.08 24.60 -14.02
N LYS B 419 0.73 24.83 -12.87
CA LYS B 419 2.18 24.86 -12.79
C LYS B 419 2.63 24.13 -11.54
N ILE B 420 3.88 23.69 -11.53
CA ILE B 420 4.41 22.91 -10.42
C ILE B 420 5.88 23.25 -10.19
N CYS B 421 6.30 23.16 -8.92
CA CYS B 421 7.70 23.27 -8.54
C CYS B 421 7.89 22.48 -7.26
N TYR B 422 9.13 22.07 -7.00
CA TYR B 422 9.45 21.21 -5.87
C TYR B 422 10.33 21.96 -4.88
N GLN B 423 9.98 21.84 -3.60
CA GLN B 423 10.74 22.42 -2.50
C GLN B 423 11.11 21.29 -1.54
N GLU B 424 12.39 20.89 -1.56
CA GLU B 424 12.82 19.72 -0.81
C GLU B 424 12.77 19.94 0.69
N VAL B 425 13.16 21.14 1.15
CA VAL B 425 13.26 21.38 2.59
C VAL B 425 11.91 21.23 3.27
N SER B 426 10.82 21.58 2.58
CA SER B 426 9.48 21.38 3.11
C SER B 426 8.86 20.06 2.66
N GLN B 427 9.53 19.33 1.77
CA GLN B 427 9.04 18.04 1.27
C GLN B 427 7.61 18.17 0.74
N CYS B 428 7.38 19.20 -0.06
CA CYS B 428 6.05 19.47 -0.58
C CYS B 428 6.15 20.19 -1.91
N PHE B 429 5.05 20.13 -2.66
CA PHE B 429 4.95 20.74 -3.99
C PHE B 429 4.08 21.99 -3.93
N GLY B 430 4.42 22.96 -4.77
CA GLY B 430 3.55 24.09 -5.03
C GLY B 430 2.89 23.91 -6.38
N VAL B 431 1.56 24.12 -6.40
CA VAL B 431 0.76 23.87 -7.60
C VAL B 431 -0.22 25.02 -7.77
N LEU B 432 -0.21 25.64 -8.94
CA LEU B 432 -1.21 26.64 -9.28
C LEU B 432 -2.48 25.94 -9.74
N SER B 433 -3.61 26.28 -9.12
CA SER B 433 -4.87 25.60 -9.40
C SER B 433 -5.96 26.62 -9.70
N SER B 434 -6.92 26.20 -10.51
CA SER B 434 -8.07 27.02 -10.87
C SER B 434 -9.31 26.15 -10.87
N ARG B 435 -10.39 26.67 -10.32
CA ARG B 435 -11.67 25.98 -10.32
C ARG B 435 -12.75 26.86 -10.94
N ILE B 436 -13.76 26.22 -11.50
CA ILE B 436 -14.90 26.92 -12.09
C ILE B 436 -15.99 27.07 -11.03
N GLU B 437 -16.57 28.27 -10.96
CA GLU B 437 -17.75 28.52 -10.14
C GLU B 437 -18.76 29.29 -10.97
N VAL B 438 -20.02 29.17 -10.59
CA VAL B 438 -21.11 29.86 -11.27
C VAL B 438 -21.74 30.88 -10.34
N GLN B 439 -22.21 31.98 -10.93
CA GLN B 439 -22.86 33.02 -10.15
C GLN B 439 -24.26 32.57 -9.75
N ASP B 440 -24.55 32.64 -8.47
CA ASP B 440 -25.79 32.10 -7.91
C ASP B 440 -26.97 33.04 -8.14
N THR B 441 -27.65 33.40 -7.07
CA THR B 441 -28.43 34.60 -6.93
C THR B 441 -28.21 35.28 -5.58
N SER B 442 -27.36 34.73 -4.73
CA SER B 442 -27.17 35.20 -3.37
C SER B 442 -26.05 36.23 -3.21
N GLY B 443 -25.52 36.81 -4.28
CA GLY B 443 -24.43 37.75 -4.13
C GLY B 443 -23.05 37.16 -4.35
N GLY B 444 -22.78 35.99 -3.78
CA GLY B 444 -21.52 35.31 -3.94
C GLY B 444 -21.53 34.37 -5.13
N THR B 445 -20.68 33.34 -5.05
CA THR B 445 -20.60 32.31 -6.08
C THR B 445 -20.57 30.94 -5.41
N THR B 446 -20.99 29.92 -6.16
CA THR B 446 -21.02 28.55 -5.69
C THR B 446 -20.19 27.65 -6.58
N ALA B 447 -19.42 26.75 -5.97
CA ALA B 447 -18.64 25.78 -6.71
C ALA B 447 -19.54 24.73 -7.36
N LEU B 448 -19.05 24.15 -8.46
CA LEU B 448 -19.81 23.14 -9.16
C LEU B 448 -19.78 21.79 -8.46
N ARG B 449 -18.77 21.53 -7.65
CA ARG B 449 -18.53 20.22 -7.08
C ARG B 449 -17.42 20.35 -6.04
N PRO B 450 -17.29 19.38 -5.13
CA PRO B 450 -16.20 19.43 -4.16
C PRO B 450 -14.84 19.24 -4.84
N SER B 451 -13.86 20.02 -4.38
CA SER B 451 -12.52 19.99 -4.95
C SER B 451 -11.50 20.10 -3.82
N ALA B 452 -10.23 19.89 -4.17
CA ALA B 452 -9.16 19.96 -3.19
C ALA B 452 -9.06 21.34 -2.54
N SER B 453 -9.39 22.40 -3.28
CA SER B 453 -9.33 23.75 -2.72
C SER B 453 -10.38 23.98 -1.64
N THR B 454 -11.47 23.21 -1.64
CA THR B 454 -12.47 23.27 -0.58
C THR B 454 -12.33 22.14 0.43
N GLN B 455 -11.33 21.28 0.27
CA GLN B 455 -11.06 20.20 1.20
C GLN B 455 -9.71 20.40 1.89
N ALA B 456 -9.28 21.65 2.04
CA ALA B 456 -7.98 21.93 2.63
C ALA B 456 -8.04 21.88 4.15
N LEU B 457 -6.97 21.35 4.75
CA LEU B 457 -6.85 21.36 6.20
C LEU B 457 -6.73 22.77 6.74
N SER B 458 -6.10 23.67 5.99
CA SER B 458 -6.00 25.07 6.35
C SER B 458 -6.24 25.92 5.10
N SER B 459 -6.81 27.11 5.30
CA SER B 459 -7.19 27.95 4.19
C SER B 459 -6.86 29.41 4.51
N SER B 460 -6.74 30.20 3.45
CA SER B 460 -6.46 31.63 3.58
C SER B 460 -6.77 32.32 2.26
N VAL B 461 -7.14 33.60 2.37
CA VAL B 461 -7.35 34.46 1.21
C VAL B 461 -6.57 35.74 1.47
N SER B 462 -5.63 36.06 0.56
CA SER B 462 -4.84 37.28 0.72
C SER B 462 -5.72 38.51 0.56
N SER B 463 -5.34 39.58 1.25
CA SER B 463 -6.04 40.85 1.19
C SER B 463 -5.01 41.94 0.95
N SER B 464 -5.24 42.75 -0.09
CA SER B 464 -4.27 43.75 -0.55
C SER B 464 -4.99 45.07 -0.78
N LYS B 465 -4.70 46.07 0.03
CA LYS B 465 -5.20 47.42 -0.24
C LYS B 465 -4.68 47.95 -1.56
N LEU B 466 -3.45 47.56 -1.94
CA LEU B 466 -2.84 48.03 -3.18
C LEU B 466 -3.73 47.73 -4.37
N PHE B 467 -4.26 46.52 -4.45
CA PHE B 467 -5.17 46.16 -5.54
C PHE B 467 -6.63 46.34 -5.15
N SER B 468 -6.94 46.49 -3.87
CA SER B 468 -8.24 47.00 -3.46
C SER B 468 -8.42 48.45 -3.88
N SER B 469 -7.32 49.16 -4.17
CA SER B 469 -7.37 50.52 -4.68
C SER B 469 -7.95 50.60 -6.09
N SER B 470 -8.18 49.48 -6.76
CA SER B 470 -8.82 49.51 -8.07
C SER B 470 -10.32 49.71 -7.88
N THR B 471 -10.80 50.90 -8.21
CA THR B 471 -12.22 51.24 -8.15
C THR B 471 -12.71 51.61 -9.54
N ALA B 472 -13.67 50.86 -10.06
CA ALA B 472 -14.18 51.06 -11.41
C ALA B 472 -15.52 50.35 -11.58
N PRO B 473 -16.23 50.53 -12.71
CA PRO B 473 -17.45 49.75 -12.94
C PRO B 473 -17.11 48.31 -13.25
N HIS B 474 -18.02 47.41 -12.83
CA HIS B 474 -17.76 45.99 -13.02
C HIS B 474 -19.04 45.16 -13.07
N GLU B 475 -19.98 45.56 -13.94
CA GLU B 475 -21.27 44.89 -14.10
C GLU B 475 -21.11 43.38 -14.22
N THR B 476 -21.48 42.68 -13.15
CA THR B 476 -21.32 41.23 -13.09
C THR B 476 -22.66 40.57 -13.38
N SER B 477 -22.74 39.78 -14.45
CA SER B 477 -23.98 39.05 -14.68
C SER B 477 -24.06 37.95 -13.63
N PHE B 478 -25.27 37.40 -13.42
CA PHE B 478 -25.44 36.53 -12.23
C PHE B 478 -26.05 35.21 -12.72
N GLY B 479 -25.23 34.33 -13.31
CA GLY B 479 -25.72 33.05 -13.77
C GLY B 479 -24.86 32.46 -14.86
N GLU B 480 -23.54 32.64 -14.76
CA GLU B 480 -22.62 32.14 -15.75
C GLU B 480 -21.29 31.83 -15.05
N GLU B 481 -20.33 31.37 -15.85
CA GLU B 481 -19.09 30.81 -15.28
C GLU B 481 -18.06 31.91 -15.01
N VAL B 482 -17.08 31.56 -14.18
CA VAL B 482 -15.96 32.44 -13.86
C VAL B 482 -14.86 31.56 -13.29
N GLU B 483 -13.60 32.01 -13.45
CA GLU B 483 -12.44 31.29 -12.96
C GLU B 483 -11.88 31.95 -11.72
N VAL B 484 -11.65 31.16 -10.68
CA VAL B 484 -10.98 31.59 -9.46
C VAL B 484 -9.74 30.72 -9.28
N HIS B 485 -8.60 31.34 -9.04
CA HIS B 485 -7.34 30.62 -8.95
C HIS B 485 -6.90 30.44 -7.51
N ASN B 486 -6.23 29.32 -7.24
CA ASN B 486 -5.83 28.94 -5.90
C ASN B 486 -4.43 28.35 -5.95
N LEU B 487 -3.74 28.44 -4.81
CA LEU B 487 -2.43 27.81 -4.62
C LEU B 487 -2.56 26.71 -3.58
N LEU B 488 -2.26 25.48 -3.97
CA LEU B 488 -2.35 24.34 -3.08
C LEU B 488 -0.96 23.90 -2.63
N ILE B 489 -0.85 23.53 -1.37
CA ILE B 489 0.38 22.95 -0.82
C ILE B 489 0.06 21.53 -0.38
N ILE B 490 0.85 20.57 -0.85
CA ILE B 490 0.52 19.15 -0.72
C ILE B 490 1.78 18.37 -0.40
N ASP B 491 1.70 17.51 0.62
CA ASP B 491 2.83 16.70 1.04
C ASP B 491 3.25 15.73 -0.06
N GLN B 492 4.56 15.53 -0.18
CA GLN B 492 5.14 14.68 -1.22
C GLN B 492 5.02 13.20 -0.93
N HIS B 493 4.54 12.82 0.25
CA HIS B 493 4.35 11.41 0.61
C HIS B 493 2.90 10.98 0.53
N THR B 494 2.02 11.65 1.28
CA THR B 494 0.61 11.27 1.32
C THR B 494 -0.20 11.89 0.18
N PHE B 495 0.31 12.96 -0.44
CA PHE B 495 -0.42 13.69 -1.47
C PHE B 495 -1.76 14.20 -0.96
N GLU B 496 -1.80 14.57 0.32
CA GLU B 496 -2.98 15.12 0.97
C GLU B 496 -2.96 16.64 0.89
N VAL B 497 -4.15 17.23 0.83
CA VAL B 497 -4.26 18.69 0.71
C VAL B 497 -3.87 19.31 2.05
N LEU B 498 -2.64 19.80 2.14
CA LEU B 498 -2.16 20.39 3.39
C LEU B 498 -2.65 21.81 3.59
N HIS B 499 -2.65 22.62 2.53
CA HIS B 499 -3.00 24.03 2.66
C HIS B 499 -3.44 24.56 1.30
N ALA B 500 -4.42 25.46 1.31
CA ALA B 500 -4.91 26.13 0.11
C ALA B 500 -5.02 27.61 0.36
N HIS B 501 -4.41 28.42 -0.50
CA HIS B 501 -4.49 29.87 -0.44
C HIS B 501 -5.21 30.35 -1.69
N GLN B 502 -6.29 31.10 -1.49
CA GLN B 502 -7.09 31.60 -2.60
C GLN B 502 -6.56 32.95 -3.06
N PHE B 503 -6.46 33.12 -4.37
CA PHE B 503 -6.00 34.38 -4.92
C PHE B 503 -7.16 35.33 -5.13
N LEU B 504 -6.83 36.59 -5.42
CA LEU B 504 -7.81 37.66 -5.46
C LEU B 504 -8.77 37.49 -6.63
N GLN B 505 -9.88 38.24 -6.56
CA GLN B 505 -10.84 38.29 -7.66
C GLN B 505 -10.18 38.87 -8.91
N ASN B 506 -10.49 38.28 -10.06
CA ASN B 506 -9.95 38.62 -11.37
C ASN B 506 -8.45 38.36 -11.49
N GLU B 507 -7.85 37.74 -10.47
CA GLU B 507 -6.43 37.46 -10.48
C GLU B 507 -6.18 36.08 -11.07
N TYR B 508 -5.27 36.00 -12.04
CA TYR B 508 -4.93 34.76 -12.71
C TYR B 508 -3.53 34.34 -12.27
N ALA B 509 -3.40 33.13 -11.75
CA ALA B 509 -2.10 32.62 -11.35
C ALA B 509 -1.32 32.15 -12.56
N LEU B 510 -0.11 32.68 -12.74
CA LEU B 510 0.65 32.49 -13.97
C LEU B 510 1.97 31.74 -13.74
N SER B 511 2.84 32.26 -12.87
CA SER B 511 4.19 31.72 -12.72
C SER B 511 4.42 31.26 -11.30
N LEU B 512 5.40 30.37 -11.15
CA LEU B 512 5.68 29.72 -9.88
C LEU B 512 7.13 29.26 -9.87
N VAL B 513 7.82 29.48 -8.75
CA VAL B 513 9.21 29.08 -8.61
C VAL B 513 9.52 28.93 -7.12
N SER B 514 10.42 28.01 -6.80
CA SER B 514 10.87 27.78 -5.43
C SER B 514 12.39 27.78 -5.40
N CYS B 515 12.97 28.65 -4.58
CA CYS B 515 14.42 28.79 -4.49
C CYS B 515 14.75 29.74 -3.34
N LYS B 516 16.02 29.73 -2.96
CA LYS B 516 16.54 30.64 -1.94
C LYS B 516 17.12 31.89 -2.58
N LEU B 517 17.17 32.96 -1.80
CA LEU B 517 17.57 34.28 -2.31
C LEU B 517 18.59 34.91 -1.36
N GLY B 518 19.64 35.48 -1.97
CA GLY B 518 20.60 36.29 -1.23
C GLY B 518 21.24 35.54 -0.08
N LYS B 519 21.44 36.26 1.03
CA LYS B 519 22.03 35.69 2.24
C LYS B 519 21.02 34.89 3.06
N ASP B 520 19.73 35.05 2.79
CA ASP B 520 18.70 34.33 3.52
C ASP B 520 18.76 32.84 3.19
N PRO B 521 18.94 31.96 4.16
CA PRO B 521 18.92 30.51 3.90
C PRO B 521 17.53 29.89 3.89
N ASN B 522 16.48 30.66 4.14
CA ASN B 522 15.13 30.15 4.05
C ASN B 522 14.71 29.97 2.58
N THR B 523 13.92 28.93 2.34
CA THR B 523 13.42 28.63 1.01
C THR B 523 12.00 29.17 0.88
N TYR B 524 11.72 29.86 -0.22
CA TYR B 524 10.45 30.54 -0.40
C TYR B 524 9.78 30.13 -1.70
N PHE B 525 8.44 30.23 -1.71
CA PHE B 525 7.64 30.08 -2.91
C PHE B 525 7.31 31.46 -3.44
N ILE B 526 7.63 31.72 -4.70
CA ILE B 526 7.38 33.00 -5.35
C ILE B 526 6.31 32.78 -6.42
N VAL B 527 5.30 33.64 -6.43
CA VAL B 527 4.16 33.49 -7.32
C VAL B 527 3.97 34.79 -8.09
N GLY B 528 3.89 34.68 -9.42
CA GLY B 528 3.59 35.81 -10.27
C GLY B 528 2.14 35.76 -10.72
N THR B 529 1.46 36.90 -10.62
CA THR B 529 0.03 36.98 -10.87
C THR B 529 -0.25 38.10 -11.88
N ALA B 530 -1.53 38.27 -12.19
CA ALA B 530 -2.00 39.34 -13.05
C ALA B 530 -3.48 39.53 -12.84
N MET B 531 -3.95 40.76 -13.05
CA MET B 531 -5.36 41.09 -12.98
C MET B 531 -5.92 41.16 -14.40
N VAL B 532 -6.98 40.40 -14.66
CA VAL B 532 -7.61 40.32 -15.97
C VAL B 532 -9.03 40.83 -15.84
N TYR B 533 -9.39 41.79 -16.70
CA TYR B 533 -10.71 42.37 -16.70
C TYR B 533 -11.33 42.21 -18.09
N PRO B 534 -12.64 41.91 -18.16
CA PRO B 534 -13.22 41.46 -19.44
C PRO B 534 -13.14 42.47 -20.57
N GLU B 535 -13.11 43.76 -20.29
CA GLU B 535 -13.07 44.78 -21.33
C GLU B 535 -11.69 45.39 -21.54
N GLU B 536 -10.68 44.93 -20.81
CA GLU B 536 -9.32 45.45 -20.94
C GLU B 536 -8.43 44.32 -21.43
N ALA B 537 -7.93 44.46 -22.67
CA ALA B 537 -7.13 43.40 -23.27
C ALA B 537 -5.72 43.37 -22.70
N GLU B 538 -4.98 44.47 -22.82
CA GLU B 538 -3.63 44.50 -22.27
C GLU B 538 -3.68 44.62 -20.76
N PRO B 539 -3.01 43.74 -20.02
CA PRO B 539 -3.08 43.79 -18.55
C PRO B 539 -2.29 44.98 -18.01
N LYS B 540 -2.96 45.84 -17.26
CA LYS B 540 -2.36 47.00 -16.64
C LYS B 540 -1.85 46.74 -15.22
N GLN B 541 -1.96 45.50 -14.74
CA GLN B 541 -1.78 45.26 -13.31
C GLN B 541 -1.34 43.83 -13.09
N GLY B 542 -0.50 43.63 -12.07
CA GLY B 542 -0.06 42.30 -11.69
C GLY B 542 0.70 42.34 -10.38
N ARG B 543 1.05 41.16 -9.89
CA ARG B 543 1.72 41.04 -8.60
C ARG B 543 2.77 39.95 -8.65
N ILE B 544 3.76 40.08 -7.77
CA ILE B 544 4.69 39.01 -7.42
C ILE B 544 4.64 38.84 -5.91
N VAL B 545 4.23 37.66 -5.46
CA VAL B 545 4.03 37.38 -4.04
C VAL B 545 4.98 36.27 -3.63
N VAL B 546 5.74 36.52 -2.57
CA VAL B 546 6.68 35.54 -2.01
C VAL B 546 6.02 34.88 -0.82
N PHE B 547 6.09 33.56 -0.76
CA PHE B 547 5.51 32.78 0.33
C PHE B 547 6.58 31.93 1.00
N GLN B 548 6.42 31.70 2.30
CA GLN B 548 7.20 30.72 3.03
C GLN B 548 6.23 29.79 3.75
N TYR B 549 6.49 28.49 3.65
CA TYR B 549 5.66 27.47 4.29
C TYR B 549 6.32 27.01 5.58
N SER B 550 5.64 27.24 6.70
CA SER B 550 6.14 26.88 8.01
C SER B 550 5.02 26.27 8.84
N ASP B 551 5.33 25.16 9.51
CA ASP B 551 4.43 24.44 10.42
C ASP B 551 2.99 24.41 9.92
N GLY B 552 2.84 23.91 8.69
CA GLY B 552 1.53 23.72 8.10
C GLY B 552 0.78 24.98 7.72
N LYS B 553 1.47 26.11 7.57
CA LYS B 553 0.82 27.36 7.20
C LYS B 553 1.72 28.13 6.25
N LEU B 554 1.08 28.84 5.31
CA LEU B 554 1.78 29.68 4.34
C LEU B 554 1.72 31.12 4.80
N GLN B 555 2.88 31.70 5.09
CA GLN B 555 2.97 33.07 5.57
C GLN B 555 3.26 33.99 4.39
N THR B 556 2.40 34.99 4.20
CA THR B 556 2.62 35.98 3.14
C THR B 556 3.79 36.87 3.52
N VAL B 557 4.81 36.89 2.67
CA VAL B 557 6.06 37.58 3.00
C VAL B 557 6.06 39.02 2.49
N ALA B 558 5.79 39.22 1.21
CA ALA B 558 5.91 40.55 0.63
C ALA B 558 4.91 40.73 -0.49
N GLU B 559 4.70 41.98 -0.87
CA GLU B 559 3.80 42.35 -1.96
C GLU B 559 4.52 43.37 -2.83
N LYS B 560 4.51 43.13 -4.15
CA LYS B 560 5.19 44.00 -5.10
C LYS B 560 4.31 44.14 -6.33
N GLU B 561 3.76 45.34 -6.52
CA GLU B 561 2.87 45.63 -7.63
C GLU B 561 3.64 46.06 -8.87
N VAL B 562 3.33 45.45 -10.02
CA VAL B 562 3.87 45.86 -11.29
C VAL B 562 2.69 46.11 -12.23
N LYS B 563 2.93 46.93 -13.25
CA LYS B 563 1.87 47.39 -14.15
C LYS B 563 1.75 46.51 -15.38
N GLY B 564 1.60 45.22 -15.15
CA GLY B 564 1.46 44.27 -16.25
C GLY B 564 1.39 42.86 -15.72
N ALA B 565 1.30 41.92 -16.64
CA ALA B 565 1.17 40.50 -16.28
C ALA B 565 2.53 39.89 -16.02
N VAL B 566 2.62 39.08 -14.95
CA VAL B 566 3.86 38.42 -14.56
C VAL B 566 3.82 37.03 -15.20
N TYR B 567 4.41 36.92 -16.39
CA TYR B 567 4.28 35.71 -17.19
C TYR B 567 5.18 34.58 -16.67
N SER B 568 6.44 34.88 -16.37
CA SER B 568 7.37 33.82 -16.01
C SER B 568 8.41 34.35 -15.02
N MET B 569 8.93 33.42 -14.20
CA MET B 569 10.00 33.70 -13.25
C MET B 569 10.96 32.52 -13.22
N VAL B 570 12.25 32.81 -13.11
CA VAL B 570 13.30 31.79 -13.15
C VAL B 570 14.40 32.17 -12.17
N GLU B 571 14.89 31.17 -11.43
CA GLU B 571 16.05 31.37 -10.57
C GLU B 571 17.28 31.72 -11.40
N PHE B 572 17.91 32.86 -11.09
CA PHE B 572 19.09 33.35 -11.82
C PHE B 572 20.21 33.65 -10.81
N ASN B 573 20.92 32.59 -10.39
CA ASN B 573 22.08 32.71 -9.53
C ASN B 573 21.84 33.62 -8.33
N GLY B 574 21.11 33.14 -7.33
CA GLY B 574 20.82 33.93 -6.16
C GLY B 574 19.84 35.07 -6.37
N LYS B 575 19.47 35.36 -7.61
CA LYS B 575 18.55 36.44 -7.93
C LYS B 575 17.36 35.89 -8.70
N LEU B 576 16.28 36.66 -8.73
CA LEU B 576 15.03 36.25 -9.37
C LEU B 576 14.84 37.03 -10.67
N LEU B 577 14.79 36.31 -11.79
CA LEU B 577 14.48 36.89 -13.08
C LEU B 577 12.98 36.76 -13.34
N ALA B 578 12.33 37.89 -13.64
CA ALA B 578 10.89 37.92 -13.82
C ALA B 578 10.54 38.61 -15.12
N SER B 579 9.43 38.18 -15.72
CA SER B 579 8.92 38.76 -16.95
C SER B 579 7.60 39.47 -16.68
N ILE B 580 7.51 40.73 -17.11
CA ILE B 580 6.33 41.56 -16.93
C ILE B 580 5.93 42.08 -18.30
N ASN B 581 4.87 41.51 -18.88
CA ASN B 581 4.47 41.83 -20.25
C ASN B 581 5.64 41.69 -21.21
N SER B 582 6.11 42.80 -21.75
CA SER B 582 7.27 42.82 -22.64
C SER B 582 8.54 43.26 -21.92
N THR B 583 8.51 43.36 -20.59
CA THR B 583 9.64 43.83 -19.80
C THR B 583 10.28 42.67 -19.05
N VAL B 584 11.60 42.60 -19.08
CA VAL B 584 12.38 41.62 -18.34
C VAL B 584 13.12 42.34 -17.24
N ARG B 585 12.80 42.00 -15.99
CA ARG B 585 13.34 42.70 -14.82
C ARG B 585 14.02 41.70 -13.90
N LEU B 586 15.21 42.05 -13.42
CA LEU B 586 15.97 41.24 -12.47
C LEU B 586 15.84 41.85 -11.08
N TYR B 587 15.37 41.06 -10.12
CA TYR B 587 15.16 41.50 -8.75
C TYR B 587 16.24 40.92 -7.84
N GLU B 588 16.73 41.73 -6.92
CA GLU B 588 17.64 41.30 -5.88
C GLU B 588 16.90 41.16 -4.55
N TRP B 589 17.51 40.41 -3.64
CA TRP B 589 16.92 40.13 -2.33
C TRP B 589 17.55 41.07 -1.31
N THR B 590 16.75 42.01 -0.82
CA THR B 590 17.23 42.97 0.16
C THR B 590 17.45 42.29 1.52
N THR B 591 18.26 42.96 2.35
CA THR B 591 18.41 42.51 3.73
C THR B 591 17.12 42.72 4.53
N GLU B 592 16.23 43.59 4.06
CA GLU B 592 14.92 43.80 4.66
C GLU B 592 13.89 42.77 4.23
N LYS B 593 14.32 41.68 3.61
CA LYS B 593 13.43 40.64 3.08
C LYS B 593 12.43 41.24 2.09
N GLU B 594 12.95 42.00 1.12
CA GLU B 594 12.14 42.58 0.06
C GLU B 594 12.92 42.47 -1.25
N LEU B 595 12.30 42.95 -2.31
CA LEU B 595 12.88 42.90 -3.65
C LEU B 595 13.37 44.28 -4.04
N ARG B 596 14.64 44.37 -4.46
CA ARG B 596 15.22 45.61 -4.95
C ARG B 596 15.42 45.49 -6.46
N THR B 597 14.73 46.35 -7.21
CA THR B 597 14.93 46.39 -8.64
C THR B 597 16.35 46.83 -8.96
N GLU B 598 17.14 45.93 -9.55
CA GLU B 598 18.53 46.24 -9.88
C GLU B 598 18.62 46.85 -11.28
N CYS B 599 18.30 46.07 -12.30
CA CYS B 599 18.47 46.49 -13.68
C CYS B 599 17.25 46.03 -14.48
N ASN B 600 17.27 46.34 -15.78
CA ASN B 600 16.11 46.14 -16.63
C ASN B 600 16.57 46.04 -18.07
N HIS B 601 15.74 45.39 -18.88
CA HIS B 601 15.98 45.30 -20.32
C HIS B 601 14.64 45.29 -21.01
N TYR B 602 14.43 46.24 -21.91
CA TYR B 602 13.20 46.37 -22.66
C TYR B 602 13.35 45.70 -24.02
N ASN B 603 12.35 44.89 -24.39
CA ASN B 603 12.38 44.12 -25.62
C ASN B 603 11.26 44.61 -26.54
N ASN B 604 11.49 44.47 -27.85
CA ASN B 604 10.47 44.81 -28.83
C ASN B 604 9.45 43.71 -29.04
N ILE B 605 9.43 42.69 -28.18
CA ILE B 605 8.46 41.60 -28.24
C ILE B 605 7.96 41.30 -26.83
N MET B 606 6.83 40.60 -26.77
CA MET B 606 6.29 40.19 -25.48
C MET B 606 7.11 39.04 -24.92
N ALA B 607 7.74 39.28 -23.76
CA ALA B 607 8.66 38.32 -23.15
C ALA B 607 7.87 37.25 -22.42
N LEU B 608 7.46 36.23 -23.16
CA LEU B 608 6.61 35.18 -22.60
C LEU B 608 7.43 34.01 -22.07
N TYR B 609 8.21 33.37 -22.93
CA TYR B 609 9.02 32.23 -22.52
C TYR B 609 10.36 32.69 -21.99
N LEU B 610 10.81 32.06 -20.91
CA LEU B 610 11.98 32.51 -20.16
C LEU B 610 12.74 31.30 -19.64
N LYS B 611 13.96 31.09 -20.16
CA LYS B 611 14.82 30.01 -19.71
C LYS B 611 16.24 30.55 -19.54
N THR B 612 16.97 30.00 -18.56
CA THR B 612 18.30 30.48 -18.23
C THR B 612 19.25 29.31 -17.99
N LYS B 613 20.54 29.58 -18.19
CA LYS B 613 21.60 28.67 -17.81
C LYS B 613 22.85 29.49 -17.56
N GLY B 614 23.38 29.42 -16.34
CA GLY B 614 24.51 30.24 -15.95
C GLY B 614 24.20 31.72 -15.89
N ASP B 615 24.87 32.51 -16.73
CA ASP B 615 24.59 33.95 -16.83
C ASP B 615 23.85 34.33 -18.10
N PHE B 616 23.60 33.38 -19.00
CA PHE B 616 22.89 33.68 -20.24
C PHE B 616 21.39 33.70 -20.00
N ILE B 617 20.68 34.48 -20.81
CA ILE B 617 19.24 34.63 -20.72
C ILE B 617 18.65 34.54 -22.12
N LEU B 618 17.77 33.56 -22.34
CA LEU B 618 17.05 33.40 -23.59
C LEU B 618 15.61 33.83 -23.37
N VAL B 619 15.10 34.70 -24.25
CA VAL B 619 13.73 35.19 -24.17
C VAL B 619 13.05 34.93 -25.50
N GLY B 620 11.79 34.51 -25.44
CA GLY B 620 11.02 34.27 -26.65
C GLY B 620 9.56 34.60 -26.42
N ASP B 621 8.86 34.88 -27.52
CA ASP B 621 7.46 35.22 -27.48
C ASP B 621 6.61 34.04 -27.94
N LEU B 622 5.31 34.27 -28.11
CA LEU B 622 4.44 33.21 -28.59
C LEU B 622 4.60 32.95 -30.08
N MET B 623 5.20 33.89 -30.81
CA MET B 623 5.30 33.81 -32.27
C MET B 623 6.73 33.59 -32.74
N ARG B 624 7.48 32.74 -32.02
CA ARG B 624 8.81 32.25 -32.38
C ARG B 624 9.86 33.38 -32.41
N SER B 625 9.49 34.62 -32.13
CA SER B 625 10.47 35.70 -32.02
C SER B 625 11.45 35.38 -30.90
N VAL B 626 12.69 35.04 -31.26
CA VAL B 626 13.71 34.63 -30.30
C VAL B 626 14.57 35.84 -29.93
N LEU B 627 14.99 35.89 -28.67
CA LEU B 627 15.79 36.99 -28.16
C LEU B 627 16.74 36.43 -27.10
N LEU B 628 18.04 36.58 -27.33
CA LEU B 628 19.07 35.97 -26.49
C LEU B 628 19.88 37.07 -25.82
N LEU B 629 19.85 37.11 -24.50
CA LEU B 629 20.60 38.09 -23.71
C LEU B 629 21.68 37.39 -22.90
N ALA B 630 22.64 38.20 -22.44
CA ALA B 630 23.68 37.74 -21.52
C ALA B 630 23.91 38.84 -20.49
N TYR B 631 23.83 38.48 -19.20
CA TYR B 631 24.04 39.44 -18.14
C TYR B 631 25.52 39.72 -17.95
N LYS B 632 25.88 41.00 -17.99
CA LYS B 632 27.25 41.42 -17.75
C LYS B 632 27.38 41.85 -16.31
N PRO B 633 28.01 41.07 -15.43
CA PRO B 633 28.09 41.46 -14.02
C PRO B 633 28.90 42.71 -13.77
N MET B 634 29.86 43.03 -14.65
CA MET B 634 30.72 44.19 -14.41
C MET B 634 29.99 45.51 -14.53
N GLU B 635 28.87 45.57 -15.28
CA GLU B 635 28.11 46.80 -15.43
C GLU B 635 26.68 46.68 -14.90
N GLY B 636 26.29 45.53 -14.37
CA GLY B 636 24.97 45.33 -13.82
C GLY B 636 23.83 45.61 -14.78
N ASN B 637 23.91 45.08 -16.00
CA ASN B 637 22.84 45.22 -16.98
C ASN B 637 23.04 44.13 -18.04
N PHE B 638 22.12 44.09 -19.00
CA PHE B 638 22.11 43.08 -20.03
C PHE B 638 22.52 43.67 -21.38
N GLU B 639 23.14 42.82 -22.20
CA GLU B 639 23.57 43.19 -23.55
C GLU B 639 22.91 42.24 -24.55
N GLU B 640 22.44 42.80 -25.65
CA GLU B 640 21.76 41.99 -26.67
C GLU B 640 22.81 41.25 -27.48
N ILE B 641 22.79 39.92 -27.40
CA ILE B 641 23.79 39.10 -28.06
C ILE B 641 23.33 38.66 -29.45
N ALA B 642 22.06 38.30 -29.58
CA ALA B 642 21.55 37.78 -30.84
C ALA B 642 20.04 37.93 -30.87
N ARG B 643 19.45 37.65 -32.03
CA ARG B 643 18.03 37.84 -32.26
C ARG B 643 17.65 37.18 -33.58
N ASP B 644 16.46 36.58 -33.61
CA ASP B 644 15.94 35.98 -34.84
C ASP B 644 14.42 35.90 -34.75
N PHE B 645 13.76 36.46 -35.76
CA PHE B 645 12.30 36.44 -35.85
C PHE B 645 11.89 35.61 -37.06
N ASN B 646 11.00 34.65 -36.83
CA ASN B 646 10.42 33.85 -37.92
C ASN B 646 8.95 33.61 -37.56
N PRO B 647 8.04 34.40 -38.11
CA PRO B 647 6.64 34.35 -37.64
C PRO B 647 5.99 32.97 -37.71
N ASN B 648 5.73 32.38 -36.53
CA ASN B 648 5.07 31.10 -36.41
C ASN B 648 4.73 30.86 -34.95
N TRP B 649 3.58 30.22 -34.71
CA TRP B 649 3.13 29.95 -33.35
C TRP B 649 4.13 29.05 -32.64
N MET B 650 4.57 29.49 -31.46
CA MET B 650 5.52 28.73 -30.65
C MET B 650 4.86 28.36 -29.33
N SER B 651 5.03 27.10 -28.93
CA SER B 651 4.37 26.55 -27.74
C SER B 651 5.29 26.38 -26.55
N ALA B 652 6.56 26.08 -26.77
CA ALA B 652 7.53 25.92 -25.70
C ALA B 652 8.93 25.95 -26.30
N VAL B 653 9.90 26.37 -25.48
CA VAL B 653 11.28 26.52 -25.94
C VAL B 653 12.20 26.16 -24.78
N GLU B 654 13.40 25.68 -25.12
CA GLU B 654 14.32 25.20 -24.10
C GLU B 654 15.75 25.33 -24.61
N ILE B 655 16.68 25.41 -23.66
CA ILE B 655 18.10 25.58 -23.95
C ILE B 655 18.77 24.21 -23.94
N LEU B 656 19.48 23.88 -25.02
CA LEU B 656 20.28 22.66 -25.05
C LEU B 656 21.63 22.87 -24.37
N ASP B 657 22.37 23.89 -24.80
CA ASP B 657 23.67 24.21 -24.23
C ASP B 657 23.91 25.70 -24.46
N ASP B 658 25.17 26.12 -24.38
CA ASP B 658 25.49 27.53 -24.57
C ASP B 658 25.19 27.98 -26.00
N ASP B 659 25.31 27.09 -26.97
CA ASP B 659 25.24 27.46 -28.38
C ASP B 659 24.01 26.95 -29.11
N ASN B 660 23.21 26.07 -28.49
CA ASN B 660 22.06 25.48 -29.16
C ASN B 660 20.85 25.54 -28.25
N PHE B 661 19.68 25.78 -28.86
CA PHE B 661 18.43 25.95 -28.13
C PHE B 661 17.31 25.23 -28.87
N LEU B 662 16.44 24.56 -28.13
CA LEU B 662 15.37 23.75 -28.69
C LEU B 662 14.01 24.41 -28.48
N GLY B 663 13.17 24.39 -29.52
CA GLY B 663 11.84 24.95 -29.43
C GLY B 663 10.80 24.10 -30.15
N ALA B 664 9.54 24.42 -29.87
CA ALA B 664 8.39 23.77 -30.49
C ALA B 664 7.53 24.83 -31.17
N GLU B 665 7.15 24.62 -32.42
CA GLU B 665 6.48 25.66 -33.21
C GLU B 665 5.36 25.02 -34.05
N ASN B 666 4.13 25.16 -33.57
CA ASN B 666 2.93 24.72 -34.29
C ASN B 666 3.18 23.39 -34.98
N ALA B 667 2.51 23.19 -36.12
CA ALA B 667 2.75 22.08 -37.04
C ALA B 667 3.17 20.76 -36.37
N PHE B 668 2.88 20.62 -35.08
CA PHE B 668 3.40 19.55 -34.25
C PHE B 668 4.87 19.32 -34.60
N ASN B 669 5.67 20.38 -34.40
CA ASN B 669 7.01 20.47 -34.94
C ASN B 669 7.99 20.97 -33.89
N LEU B 670 9.25 20.55 -34.03
CA LEU B 670 10.34 20.96 -33.16
C LEU B 670 11.42 21.66 -33.98
N PHE B 671 12.16 22.57 -33.33
CA PHE B 671 13.20 23.31 -34.04
C PHE B 671 14.35 23.63 -33.10
N VAL B 672 15.56 23.64 -33.64
CA VAL B 672 16.76 24.06 -32.94
C VAL B 672 17.46 25.13 -33.75
N CYS B 673 17.84 26.23 -33.09
CA CYS B 673 18.56 27.33 -33.72
C CYS B 673 19.93 27.48 -33.07
N GLN B 674 20.93 27.77 -33.89
CA GLN B 674 22.31 27.82 -33.45
C GLN B 674 22.68 29.25 -33.04
N LYS B 675 23.71 29.35 -32.19
CA LYS B 675 24.25 30.64 -31.77
C LYS B 675 25.16 31.28 -32.81
N ASP B 676 25.17 30.75 -34.03
CA ASP B 676 25.99 31.28 -35.12
C ASP B 676 27.48 31.15 -34.80
N SER B 677 28.05 29.99 -35.06
CA SER B 677 29.47 29.79 -34.86
C SER B 677 30.26 30.45 -35.98
N ALA B 678 31.12 31.41 -35.62
CA ALA B 678 32.08 32.02 -36.53
C ALA B 678 31.40 32.52 -37.81
N ALA B 679 30.69 33.63 -37.64
CA ALA B 679 30.15 34.38 -38.77
C ALA B 679 31.13 35.46 -39.17
N THR B 680 31.55 35.45 -40.43
CA THR B 680 32.50 36.44 -40.94
C THR B 680 31.83 37.79 -41.15
N THR B 681 30.94 38.16 -40.24
CA THR B 681 30.09 39.34 -40.37
C THR B 681 29.80 39.84 -38.96
N ASP B 682 30.48 40.92 -38.56
CA ASP B 682 30.37 41.40 -37.19
C ASP B 682 28.94 41.76 -36.83
N GLU B 683 28.23 42.45 -37.74
CA GLU B 683 26.83 42.79 -37.48
C GLU B 683 25.89 41.60 -37.61
N GLU B 684 26.38 40.44 -38.07
CA GLU B 684 25.55 39.26 -38.21
C GLU B 684 25.93 38.10 -37.31
N ARG B 685 27.04 38.21 -36.56
CA ARG B 685 27.27 37.26 -35.47
C ARG B 685 26.16 37.30 -34.43
N GLN B 686 25.33 38.34 -34.47
CA GLN B 686 24.10 38.44 -33.69
C GLN B 686 22.89 37.81 -34.40
N HIS B 687 23.08 37.19 -35.55
CA HIS B 687 22.00 36.50 -36.25
C HIS B 687 22.11 34.99 -36.04
N LEU B 688 20.97 34.33 -35.89
CA LEU B 688 20.91 32.90 -35.61
C LEU B 688 20.38 32.15 -36.83
N GLN B 689 21.06 31.07 -37.21
CA GLN B 689 20.65 30.25 -38.33
C GLN B 689 19.60 29.22 -37.93
N GLU B 690 19.42 28.19 -38.74
CA GLU B 690 18.42 27.16 -38.51
C GLU B 690 19.03 25.79 -38.82
N VAL B 691 19.54 25.12 -37.79
CA VAL B 691 20.26 23.86 -37.95
C VAL B 691 19.43 22.66 -37.52
N GLY B 692 18.23 22.88 -36.99
CA GLY B 692 17.40 21.77 -36.56
C GLY B 692 15.92 21.95 -36.82
N LEU B 693 15.31 20.97 -37.48
CA LEU B 693 13.89 20.96 -37.77
C LEU B 693 13.40 19.51 -37.66
N PHE B 694 12.23 19.32 -37.06
CA PHE B 694 11.72 17.97 -36.84
C PHE B 694 10.21 18.02 -36.63
N HIS B 695 9.50 17.10 -37.29
CA HIS B 695 8.06 16.94 -37.09
C HIS B 695 7.83 15.85 -36.06
N LEU B 696 7.41 16.24 -34.87
CA LEU B 696 7.23 15.27 -33.80
C LEU B 696 5.88 14.56 -33.89
N GLY B 697 4.84 15.29 -34.24
CA GLY B 697 3.49 14.76 -34.21
C GLY B 697 2.75 15.03 -32.91
N GLU B 698 3.34 15.79 -32.00
CA GLU B 698 2.71 16.12 -30.72
C GLU B 698 2.91 17.59 -30.41
N PHE B 699 2.01 18.13 -29.60
CA PHE B 699 2.03 19.53 -29.21
C PHE B 699 2.69 19.63 -27.84
N VAL B 700 3.88 20.19 -27.78
CA VAL B 700 4.68 20.26 -26.56
C VAL B 700 4.27 21.49 -25.77
N ASN B 701 4.14 21.32 -24.45
CA ASN B 701 3.77 22.42 -23.57
C ASN B 701 4.88 22.85 -22.62
N VAL B 702 5.80 21.96 -22.25
CA VAL B 702 6.81 22.28 -21.25
C VAL B 702 8.02 21.38 -21.47
N PHE B 703 9.20 21.98 -21.37
CA PHE B 703 10.47 21.26 -21.34
C PHE B 703 11.09 21.39 -19.95
N CYS B 704 11.88 20.39 -19.58
CA CYS B 704 12.63 20.44 -18.33
C CYS B 704 13.78 19.45 -18.39
N HIS B 705 14.89 19.83 -17.77
CA HIS B 705 16.08 18.99 -17.74
C HIS B 705 15.92 17.87 -16.71
N GLY B 706 16.40 16.69 -17.06
CA GLY B 706 16.37 15.56 -16.14
C GLY B 706 16.40 14.25 -16.89
N SER B 707 16.56 13.18 -16.10
CA SER B 707 16.58 11.82 -16.63
C SER B 707 15.97 10.90 -15.60
N LEU B 708 15.48 9.75 -16.07
CA LEU B 708 14.83 8.77 -15.20
C LEU B 708 15.67 7.54 -14.95
N VAL B 709 16.95 7.55 -15.38
CA VAL B 709 17.86 6.49 -15.00
C VAL B 709 18.93 7.08 -14.10
N MET B 710 19.83 6.23 -13.59
CA MET B 710 20.88 6.67 -12.69
C MET B 710 21.89 7.56 -13.40
N PRO B 719 28.11 8.33 -24.90
CA PRO B 719 28.02 8.66 -26.33
C PRO B 719 27.05 9.79 -26.60
N THR B 720 26.23 10.10 -25.59
CA THR B 720 25.22 11.13 -25.65
C THR B 720 25.47 12.16 -24.56
N GLN B 721 25.06 13.40 -24.83
CA GLN B 721 25.28 14.49 -23.88
C GLN B 721 24.01 15.31 -23.77
N GLY B 722 23.68 15.69 -22.53
CA GLY B 722 22.47 16.41 -22.24
C GLY B 722 21.27 15.48 -22.07
N SER B 723 20.17 16.07 -21.62
CA SER B 723 18.93 15.32 -21.36
C SER B 723 17.79 16.30 -21.14
N VAL B 724 16.76 16.24 -21.99
CA VAL B 724 15.58 17.10 -21.87
C VAL B 724 14.34 16.25 -22.06
N LEU B 725 13.52 16.17 -21.02
CA LEU B 725 12.21 15.53 -21.11
C LEU B 725 11.15 16.58 -21.44
N PHE B 726 10.06 16.12 -22.08
CA PHE B 726 8.98 17.03 -22.45
C PHE B 726 7.66 16.28 -22.44
N GLY B 727 6.61 16.97 -22.04
CA GLY B 727 5.27 16.41 -22.04
C GLY B 727 4.35 17.07 -23.04
N THR B 728 3.33 16.36 -23.49
CA THR B 728 2.44 16.81 -24.55
C THR B 728 1.00 16.87 -24.08
N VAL B 729 0.13 17.37 -24.96
CA VAL B 729 -1.30 17.35 -24.68
C VAL B 729 -1.83 15.92 -24.69
N ASN B 730 -1.32 15.09 -25.59
CA ASN B 730 -1.71 13.69 -25.65
C ASN B 730 -0.99 12.83 -24.62
N GLY B 731 -0.22 13.42 -23.71
CA GLY B 731 0.49 12.68 -22.69
C GLY B 731 1.78 12.04 -23.15
N MET B 732 2.16 12.22 -24.42
CA MET B 732 3.42 11.64 -24.90
C MET B 732 4.60 12.24 -24.16
N ILE B 733 5.59 11.40 -23.88
CA ILE B 733 6.82 11.79 -23.18
C ILE B 733 8.00 11.27 -23.98
N GLY B 734 8.94 12.17 -24.31
CA GLY B 734 10.16 11.78 -24.97
C GLY B 734 11.38 12.39 -24.29
N LEU B 735 12.54 11.91 -24.71
CA LEU B 735 13.82 12.40 -24.22
C LEU B 735 14.67 12.85 -25.39
N VAL B 736 15.30 14.01 -25.25
CA VAL B 736 16.15 14.59 -26.28
C VAL B 736 17.54 14.81 -25.71
N THR B 737 18.55 14.32 -26.42
CA THR B 737 19.94 14.47 -26.01
C THR B 737 20.78 14.82 -27.22
N SER B 738 21.96 15.38 -26.97
CA SER B 738 22.83 15.85 -28.04
C SER B 738 23.82 14.76 -28.45
N LEU B 739 24.22 14.81 -29.72
CA LEU B 739 25.14 13.84 -30.30
C LEU B 739 26.31 14.56 -30.94
N SER B 740 27.38 13.81 -31.17
CA SER B 740 28.50 14.31 -31.96
C SER B 740 28.17 14.19 -33.45
N GLU B 741 28.97 14.88 -34.26
CA GLU B 741 28.78 14.82 -35.71
C GLU B 741 28.93 13.39 -36.22
N SER B 742 29.89 12.64 -35.66
CA SER B 742 30.07 11.24 -36.06
C SER B 742 28.85 10.40 -35.73
N TRP B 743 28.32 10.56 -34.51
CA TRP B 743 27.12 9.83 -34.11
C TRP B 743 25.94 10.15 -35.03
N TYR B 744 25.75 11.43 -35.34
CA TYR B 744 24.67 11.83 -36.23
C TYR B 744 24.85 11.23 -37.62
N ASN B 745 26.05 11.39 -38.20
CA ASN B 745 26.31 10.89 -39.54
C ASN B 745 26.11 9.37 -39.62
N LEU B 746 26.51 8.65 -38.59
CA LEU B 746 26.37 7.19 -38.60
C LEU B 746 24.90 6.78 -38.63
N LEU B 747 24.07 7.40 -37.79
CA LEU B 747 22.66 7.02 -37.72
C LEU B 747 21.88 7.43 -38.96
N LEU B 748 22.33 8.47 -39.66
CA LEU B 748 21.61 8.93 -40.85
C LEU B 748 21.54 7.83 -41.91
N ASP B 749 22.69 7.24 -42.24
CA ASP B 749 22.69 6.16 -43.23
C ASP B 749 21.93 4.95 -42.72
N MET B 750 21.97 4.68 -41.41
CA MET B 750 21.23 3.56 -40.87
C MET B 750 19.72 3.77 -41.00
N GLN B 751 19.24 4.99 -40.75
CA GLN B 751 17.83 5.28 -40.95
C GLN B 751 17.42 5.10 -42.40
N ASN B 752 18.21 5.65 -43.32
CA ASN B 752 17.93 5.48 -44.75
C ASN B 752 17.90 4.01 -45.14
N ARG B 753 18.77 3.21 -44.54
CA ARG B 753 18.76 1.77 -44.82
C ARG B 753 17.53 1.11 -44.24
N LEU B 754 17.16 1.46 -43.00
CA LEU B 754 16.03 0.82 -42.34
C LEU B 754 14.71 1.15 -43.02
N ASN B 755 14.59 2.36 -43.59
CA ASN B 755 13.35 2.72 -44.28
C ASN B 755 13.04 1.81 -45.46
N LYS B 756 14.04 1.07 -45.97
CA LYS B 756 13.82 0.14 -47.06
C LYS B 756 13.26 -1.18 -46.57
N VAL B 757 13.56 -1.57 -45.34
CA VAL B 757 13.29 -2.92 -44.86
C VAL B 757 12.14 -2.96 -43.85
N ILE B 758 11.92 -1.90 -43.09
CA ILE B 758 10.85 -1.88 -42.10
C ILE B 758 9.52 -1.83 -42.81
N LYS B 759 8.61 -2.73 -42.44
CA LYS B 759 7.25 -2.68 -42.95
C LYS B 759 6.58 -1.40 -42.49
N SER B 760 6.24 -0.53 -43.44
CA SER B 760 5.73 0.80 -43.15
C SER B 760 4.21 0.78 -43.21
N VAL B 761 3.58 1.24 -42.13
CA VAL B 761 2.12 1.25 -42.06
C VAL B 761 1.59 2.15 -43.17
N GLY B 762 0.77 1.59 -44.04
CA GLY B 762 0.27 2.35 -45.17
C GLY B 762 1.33 2.70 -46.19
N LYS B 763 2.52 2.12 -46.08
CA LYS B 763 3.64 2.42 -46.97
C LYS B 763 3.93 3.92 -46.99
N ILE B 764 3.85 4.54 -45.82
CA ILE B 764 4.15 5.96 -45.63
C ILE B 764 5.64 6.10 -45.36
N GLU B 765 6.32 6.91 -46.16
CA GLU B 765 7.75 7.10 -45.98
C GLU B 765 8.05 7.88 -44.70
N HIS B 766 9.02 7.39 -43.93
CA HIS B 766 9.44 8.09 -42.72
C HIS B 766 9.94 9.49 -43.03
N SER B 767 10.58 9.68 -44.19
CA SER B 767 11.01 11.01 -44.59
C SER B 767 9.83 11.94 -44.81
N PHE B 768 8.72 11.40 -45.33
CA PHE B 768 7.52 12.19 -45.53
C PHE B 768 6.80 12.45 -44.22
N TRP B 769 6.72 11.44 -43.35
CA TRP B 769 6.07 11.58 -42.06
C TRP B 769 6.75 12.64 -41.21
N ARG B 770 8.05 12.49 -40.98
CA ARG B 770 8.79 13.43 -40.13
C ARG B 770 9.15 14.73 -40.83
N SER B 771 8.69 14.94 -42.05
CA SER B 771 8.96 16.19 -42.76
C SER B 771 8.29 17.36 -42.04
N PHE B 772 9.07 18.42 -41.82
CA PHE B 772 8.53 19.66 -41.29
C PHE B 772 7.38 20.12 -42.18
N HIS B 773 6.21 20.33 -41.59
CA HIS B 773 4.98 20.50 -42.35
C HIS B 773 4.12 21.56 -41.69
N THR B 774 3.94 22.69 -42.38
CA THR B 774 2.91 23.66 -42.04
C THR B 774 1.69 23.39 -42.92
N GLU B 775 0.63 24.16 -42.70
CA GLU B 775 -0.57 23.95 -43.51
C GLU B 775 -0.35 24.29 -44.97
N ARG B 776 0.80 24.85 -45.34
CA ARG B 776 1.13 25.12 -46.73
C ARG B 776 2.56 24.78 -47.12
N LYS B 777 3.47 24.54 -46.18
CA LYS B 777 4.87 24.31 -46.50
C LYS B 777 5.30 22.92 -46.09
N THR B 778 6.45 22.50 -46.63
CA THR B 778 7.02 21.19 -46.36
C THR B 778 8.50 21.25 -46.66
N GLU B 779 9.32 20.75 -45.72
CA GLU B 779 10.76 20.80 -45.86
C GLU B 779 11.32 19.61 -45.09
N PRO B 780 12.29 18.89 -45.66
CA PRO B 780 12.81 17.70 -44.98
C PRO B 780 13.47 18.04 -43.65
N ALA B 781 13.28 17.17 -42.68
CA ALA B 781 13.86 17.38 -41.36
C ALA B 781 15.37 17.14 -41.40
N THR B 782 16.07 17.74 -40.43
CA THR B 782 17.51 17.57 -40.33
C THR B 782 17.92 17.85 -38.89
N GLY B 783 18.98 17.16 -38.46
CA GLY B 783 19.52 17.37 -37.13
C GLY B 783 18.87 16.57 -36.03
N PHE B 784 17.93 15.69 -36.34
CA PHE B 784 17.22 14.93 -35.34
C PHE B 784 17.08 13.48 -35.78
N ILE B 785 17.51 12.57 -34.92
CA ILE B 785 17.40 11.13 -35.16
C ILE B 785 16.14 10.62 -34.47
N ASP B 786 15.31 9.89 -35.21
CA ASP B 786 14.07 9.34 -34.69
C ASP B 786 14.42 8.10 -33.88
N GLY B 787 14.56 8.29 -32.56
CA GLY B 787 14.98 7.19 -31.69
C GLY B 787 14.04 6.01 -31.69
N ASP B 788 12.75 6.25 -31.96
CA ASP B 788 11.81 5.14 -32.09
C ASP B 788 12.23 4.22 -33.24
N LEU B 789 12.53 4.81 -34.40
CA LEU B 789 12.93 4.01 -35.56
C LEU B 789 14.26 3.31 -35.32
N ILE B 790 15.18 3.95 -34.60
CA ILE B 790 16.46 3.32 -34.27
C ILE B 790 16.24 2.09 -33.39
N GLU B 791 15.39 2.23 -32.36
CA GLU B 791 15.17 1.13 -31.42
C GLU B 791 14.47 -0.06 -32.07
N SER B 792 13.66 0.20 -33.10
CA SER B 792 12.97 -0.88 -33.80
C SER B 792 13.93 -1.84 -34.51
N PHE B 793 15.22 -1.48 -34.58
CA PHE B 793 16.21 -2.35 -35.20
C PHE B 793 16.34 -3.67 -34.46
N LEU B 794 16.22 -3.65 -33.13
CA LEU B 794 16.37 -4.86 -32.33
C LEU B 794 15.22 -5.86 -32.51
N ASP B 795 14.08 -5.44 -33.07
CA ASP B 795 12.92 -6.31 -33.18
C ASP B 795 12.72 -6.86 -34.58
N ILE B 796 13.62 -6.59 -35.51
CA ILE B 796 13.58 -7.23 -36.82
C ILE B 796 14.35 -8.54 -36.74
N SER B 797 14.07 -9.44 -37.68
CA SER B 797 14.78 -10.71 -37.69
C SER B 797 16.27 -10.49 -37.94
N ARG B 798 17.08 -11.40 -37.39
CA ARG B 798 18.52 -11.31 -37.54
C ARG B 798 18.99 -11.21 -39.00
N PRO B 799 18.41 -11.93 -39.97
CA PRO B 799 18.82 -11.70 -41.37
C PRO B 799 18.67 -10.25 -41.82
N LYS B 800 17.60 -9.56 -41.40
CA LYS B 800 17.43 -8.16 -41.77
C LYS B 800 18.58 -7.31 -41.26
N MET B 801 19.09 -7.61 -40.06
CA MET B 801 20.17 -6.84 -39.48
C MET B 801 21.43 -6.91 -40.34
N GLN B 802 21.82 -8.12 -40.73
CA GLN B 802 23.03 -8.29 -41.55
C GLN B 802 22.88 -7.59 -42.89
N GLU B 803 21.69 -7.72 -43.51
CA GLU B 803 21.42 -7.03 -44.77
C GLU B 803 21.64 -5.53 -44.66
N VAL B 804 21.18 -4.92 -43.56
CA VAL B 804 21.27 -3.47 -43.40
C VAL B 804 22.72 -3.05 -43.18
N VAL B 805 23.42 -3.72 -42.26
CA VAL B 805 24.77 -3.30 -41.88
C VAL B 805 25.77 -3.39 -43.03
N ALA B 806 25.47 -4.19 -44.05
CA ALA B 806 26.43 -4.40 -45.13
C ALA B 806 26.75 -3.10 -45.87
N ASN B 807 28.01 -3.00 -46.31
CA ASN B 807 28.48 -1.89 -47.17
C ASN B 807 28.36 -0.54 -46.47
N LEU B 808 28.63 -0.51 -45.17
CA LEU B 808 28.66 0.73 -44.40
C LEU B 808 30.06 0.94 -43.83
N GLN B 809 30.65 2.09 -44.12
CA GLN B 809 31.95 2.42 -43.56
C GLN B 809 31.79 2.79 -42.09
N TYR B 810 32.61 2.18 -41.24
CA TYR B 810 32.46 2.25 -39.80
C TYR B 810 33.63 2.97 -39.15
N ASP B 811 33.32 3.77 -38.13
CA ASP B 811 34.32 4.45 -37.31
C ASP B 811 33.91 4.32 -35.86
N ASP B 812 34.65 3.51 -35.10
CA ASP B 812 34.37 3.33 -33.68
C ASP B 812 34.74 4.54 -32.83
N GLY B 813 35.35 5.56 -33.43
CA GLY B 813 35.79 6.71 -32.68
C GLY B 813 37.30 6.84 -32.68
N SER B 814 37.79 7.98 -33.17
CA SER B 814 39.21 8.31 -33.18
C SER B 814 40.04 7.42 -34.09
N GLY B 815 40.00 6.11 -33.88
CA GLY B 815 40.87 5.18 -34.59
C GLY B 815 40.12 4.19 -35.45
N MET B 816 40.70 3.89 -36.62
CA MET B 816 40.31 2.77 -37.48
C MET B 816 38.97 2.97 -38.18
N LYS B 817 39.02 3.26 -39.48
CA LYS B 817 37.86 3.27 -40.36
C LYS B 817 37.80 1.97 -41.13
N ARG B 818 36.71 1.22 -40.97
CA ARG B 818 36.57 -0.10 -41.59
C ARG B 818 35.14 -0.25 -42.08
N GLU B 819 34.79 -1.48 -42.49
CA GLU B 819 33.42 -1.81 -42.83
C GLU B 819 32.63 -2.10 -41.57
N ALA B 820 31.33 -1.81 -41.61
CA ALA B 820 30.51 -1.92 -40.41
C ALA B 820 30.30 -3.37 -40.03
N THR B 821 30.31 -3.64 -38.73
CA THR B 821 30.03 -4.95 -38.18
C THR B 821 28.58 -5.03 -37.73
N ALA B 822 27.91 -6.12 -38.07
CA ALA B 822 26.53 -6.33 -37.64
C ALA B 822 26.39 -6.19 -36.13
N ASP B 823 27.41 -6.61 -35.38
CA ASP B 823 27.35 -6.59 -33.92
C ASP B 823 27.54 -5.17 -33.38
N ASP B 824 28.51 -4.43 -33.93
CA ASP B 824 28.93 -3.17 -33.33
C ASP B 824 27.77 -2.21 -33.14
N LEU B 825 26.85 -2.13 -34.10
CA LEU B 825 25.68 -1.27 -33.95
C LEU B 825 24.81 -1.74 -32.79
N ILE B 826 24.54 -3.05 -32.72
CA ILE B 826 23.59 -3.60 -31.75
C ILE B 826 23.98 -3.20 -30.33
N LYS B 827 25.23 -3.50 -29.94
CA LYS B 827 25.67 -3.22 -28.58
C LYS B 827 25.82 -1.72 -28.35
N VAL B 828 26.11 -0.96 -29.41
CA VAL B 828 26.00 0.49 -29.33
C VAL B 828 24.54 0.90 -29.16
N VAL B 829 23.63 0.31 -29.95
CA VAL B 829 22.21 0.64 -29.86
C VAL B 829 21.68 0.43 -28.45
N GLU B 830 22.05 -0.67 -27.80
CA GLU B 830 21.54 -0.92 -26.45
C GLU B 830 22.01 0.15 -25.47
N GLU B 831 23.31 0.45 -25.47
CA GLU B 831 23.80 1.52 -24.61
C GLU B 831 23.16 2.85 -24.94
N LEU B 832 22.64 3.01 -26.17
CA LEU B 832 21.82 4.17 -26.49
C LEU B 832 20.41 4.03 -25.93
N THR B 833 19.86 2.82 -25.94
CA THR B 833 18.56 2.59 -25.32
C THR B 833 18.59 2.88 -23.83
N ARG B 834 19.74 2.66 -23.19
CA ARG B 834 19.87 2.90 -21.74
C ARG B 834 19.89 4.40 -21.42
N ILE B 835 19.03 5.17 -22.07
CA ILE B 835 18.79 6.54 -21.69
C ILE B 835 17.37 6.76 -21.18
N HIS B 836 16.40 5.94 -21.60
CA HIS B 836 15.04 6.02 -21.11
C HIS B 836 14.55 4.66 -20.61
N SER C 1 1.84 94.40 -52.58
CA SER C 1 1.02 93.86 -51.50
C SER C 1 0.08 92.78 -52.03
N GLU C 2 0.33 92.33 -53.26
CA GLU C 2 -0.43 91.23 -53.85
C GLU C 2 0.29 89.90 -53.76
N ARG C 3 1.53 89.88 -53.29
CA ARG C 3 2.31 88.67 -52.99
C ARG C 3 2.37 87.71 -54.17
N PRO C 4 3.17 88.01 -55.19
CA PRO C 4 3.24 87.11 -56.34
C PRO C 4 4.41 86.14 -56.25
N PHE C 5 4.94 85.92 -55.04
CA PHE C 5 6.08 85.04 -54.82
C PHE C 5 5.61 83.89 -53.92
N HIS C 6 5.16 82.82 -54.56
CA HIS C 6 4.58 81.66 -53.90
C HIS C 6 5.63 80.54 -53.78
N CYS C 7 5.58 79.80 -52.68
CA CYS C 7 6.46 78.66 -52.46
C CYS C 7 5.78 77.37 -52.92
N ASN C 8 6.50 76.59 -53.73
CA ASN C 8 5.91 75.39 -54.32
C ASN C 8 5.59 74.29 -53.30
N GLN C 9 6.26 74.28 -52.14
CA GLN C 9 6.01 73.23 -51.16
C GLN C 9 4.75 73.51 -50.34
N CYS C 10 4.75 74.61 -49.60
CA CYS C 10 3.68 74.95 -48.68
C CYS C 10 2.64 75.90 -49.27
N GLY C 11 3.03 76.82 -50.16
CA GLY C 11 2.10 77.74 -50.77
C GLY C 11 2.21 79.16 -50.27
N ALA C 12 3.18 79.45 -49.40
CA ALA C 12 3.27 80.76 -48.77
C ALA C 12 3.43 81.85 -49.82
N SER C 13 2.60 82.88 -49.70
CA SER C 13 2.68 84.05 -50.56
C SER C 13 3.62 85.08 -49.93
N PHE C 14 4.53 85.61 -50.73
CA PHE C 14 5.47 86.62 -50.28
C PHE C 14 5.47 87.80 -51.24
N THR C 15 5.79 88.98 -50.70
CA THR C 15 5.70 90.21 -51.47
C THR C 15 6.96 90.53 -52.27
N GLN C 16 8.12 89.97 -51.89
CA GLN C 16 9.36 90.13 -52.64
C GLN C 16 10.02 88.78 -52.82
N LYS C 17 10.80 88.68 -53.90
CA LYS C 17 11.46 87.43 -54.24
C LYS C 17 12.35 86.94 -53.10
N GLY C 18 13.33 87.74 -52.70
CA GLY C 18 14.31 87.35 -51.69
C GLY C 18 13.73 86.87 -50.38
N ASN C 19 12.49 87.28 -50.07
CA ASN C 19 11.82 86.76 -48.88
C ASN C 19 11.35 85.33 -49.10
N LEU C 20 10.98 84.98 -50.33
CA LEU C 20 10.55 83.62 -50.63
C LEU C 20 11.71 82.63 -50.54
N LEU C 21 12.88 83.02 -51.06
CA LEU C 21 14.06 82.16 -50.96
C LEU C 21 14.38 81.83 -49.51
N ARG C 22 14.32 82.83 -48.62
CA ARG C 22 14.52 82.57 -47.20
C ARG C 22 13.52 81.52 -46.68
N HIS C 23 12.34 81.45 -47.28
CA HIS C 23 11.33 80.50 -46.84
C HIS C 23 11.64 79.08 -47.33
N ILE C 24 11.89 78.92 -48.63
CA ILE C 24 12.11 77.59 -49.19
C ILE C 24 13.36 76.94 -48.62
N LYS C 25 14.28 77.72 -48.05
CA LYS C 25 15.45 77.14 -47.40
C LYS C 25 15.08 76.48 -46.07
N LEU C 26 14.13 77.06 -45.35
CA LEU C 26 13.68 76.46 -44.09
C LEU C 26 12.87 75.19 -44.32
N HIS C 27 12.31 75.01 -45.52
CA HIS C 27 11.58 73.79 -45.82
C HIS C 27 12.50 72.57 -45.76
N SER C 28 13.72 72.70 -46.26
CA SER C 28 14.68 71.60 -46.33
C SER C 28 15.01 71.05 -44.94
N GLY C 29 15.86 71.76 -44.19
CA GLY C 29 16.08 71.40 -42.81
C GLY C 29 17.53 71.33 -42.40
N GLU C 30 18.03 70.10 -42.17
CA GLU C 30 19.40 69.83 -41.80
C GLU C 30 19.67 70.58 -40.50
N LYS C 31 19.23 70.01 -39.37
CA LYS C 31 19.15 70.60 -38.04
C LYS C 31 18.89 72.10 -38.12
N PRO C 32 17.62 72.52 -38.17
CA PRO C 32 17.29 73.89 -38.59
C PRO C 32 17.52 74.96 -37.52
N PHE C 33 18.52 74.76 -36.66
CA PHE C 33 18.94 75.80 -35.74
C PHE C 33 20.21 76.44 -36.28
N LYS C 34 20.02 77.15 -37.39
CA LYS C 34 21.11 77.78 -38.12
C LYS C 34 21.49 79.09 -37.45
N CYS C 35 22.78 79.25 -37.17
CA CYS C 35 23.27 80.52 -36.68
C CYS C 35 23.50 81.46 -37.86
N PRO C 36 22.97 82.68 -37.83
CA PRO C 36 23.08 83.56 -39.01
C PRO C 36 24.49 84.05 -39.29
N PHE C 37 25.37 84.07 -38.28
CA PHE C 37 26.70 84.62 -38.45
C PHE C 37 27.60 83.67 -39.24
N CYS C 38 27.71 82.44 -38.75
CA CYS C 38 28.67 81.45 -39.23
C CYS C 38 28.05 80.40 -40.12
N SER C 39 26.76 80.10 -39.94
CA SER C 39 25.94 79.09 -40.60
C SER C 39 26.03 77.75 -39.89
N TYR C 40 26.85 77.60 -38.84
CA TYR C 40 26.83 76.35 -38.09
C TYR C 40 25.42 76.03 -37.59
N ALA C 41 24.85 74.96 -38.12
CA ALA C 41 23.55 74.50 -37.64
C ALA C 41 23.77 73.57 -36.44
N CYS C 42 22.78 73.52 -35.57
CA CYS C 42 22.88 72.74 -34.34
C CYS C 42 21.68 71.82 -34.26
N ARG C 43 21.86 70.70 -33.57
CA ARG C 43 20.83 69.68 -33.55
C ARG C 43 19.72 70.00 -32.56
N ARG C 44 19.99 70.84 -31.56
CA ARG C 44 18.99 71.25 -30.60
C ARG C 44 19.04 72.77 -30.44
N ARG C 45 18.04 73.30 -29.74
CA ARG C 45 17.93 74.74 -29.55
C ARG C 45 18.80 75.22 -28.39
N ASP C 46 19.06 74.36 -27.41
CA ASP C 46 19.91 74.76 -26.28
C ASP C 46 21.38 74.71 -26.63
N ALA C 47 21.79 73.79 -27.51
CA ALA C 47 23.18 73.78 -27.94
C ALA C 47 23.49 74.93 -28.87
N LEU C 48 22.48 75.48 -29.54
CA LEU C 48 22.66 76.71 -30.31
C LEU C 48 22.98 77.88 -29.38
N THR C 49 22.25 78.00 -28.27
CA THR C 49 22.52 79.07 -27.32
C THR C 49 23.97 79.02 -26.83
N GLY C 50 24.41 77.86 -26.34
CA GLY C 50 25.79 77.72 -25.93
C GLY C 50 26.76 77.99 -27.06
N HIS C 51 26.37 77.64 -28.29
CA HIS C 51 27.17 77.96 -29.46
C HIS C 51 27.05 79.44 -29.82
N LEU C 52 25.85 80.02 -29.67
CA LEU C 52 25.65 81.43 -30.02
C LEU C 52 26.48 82.36 -29.14
N ARG C 53 26.72 81.98 -27.89
CA ARG C 53 27.44 82.86 -26.97
C ARG C 53 28.91 82.97 -27.35
N THR C 54 29.48 81.94 -27.98
CA THR C 54 30.83 82.06 -28.50
C THR C 54 30.90 82.95 -29.73
N HIS C 55 29.76 83.31 -30.31
CA HIS C 55 29.73 84.05 -31.57
C HIS C 55 29.73 85.56 -31.38
N SER C 56 29.04 86.05 -30.36
CA SER C 56 29.08 87.48 -30.08
C SER C 56 30.49 87.95 -29.82
N VAL C 57 31.25 87.19 -29.03
CA VAL C 57 32.66 87.47 -28.81
C VAL C 57 33.51 86.38 -29.47
N THR D 2 17.67 -49.64 52.10
CA THR D 2 18.25 -49.99 50.81
C THR D 2 17.18 -50.15 49.74
N LEU D 3 17.40 -49.50 48.60
CA LEU D 3 16.49 -49.58 47.47
C LEU D 3 17.30 -49.70 46.20
N HIS D 4 16.84 -50.57 45.29
CA HIS D 4 17.57 -50.83 44.06
C HIS D 4 17.26 -49.76 43.02
N ASP D 5 18.28 -49.37 42.26
CA ASP D 5 18.12 -48.38 41.21
C ASP D 5 17.23 -48.91 40.09
N ASP D 6 16.76 -47.99 39.25
CA ASP D 6 15.78 -48.30 38.22
C ASP D 6 16.37 -49.20 37.13
N ASP D 7 15.49 -49.94 36.47
CA ASP D 7 15.80 -50.80 35.33
C ASP D 7 16.73 -51.95 35.70
N SER D 8 17.04 -52.12 36.98
CA SER D 8 18.03 -53.10 37.40
C SER D 8 17.55 -54.52 37.15
N CYS D 9 18.44 -55.36 36.67
CA CYS D 9 18.18 -56.80 36.52
C CYS D 9 18.42 -57.43 37.89
N GLN D 10 17.35 -57.77 38.58
CA GLN D 10 17.44 -58.26 39.95
C GLN D 10 16.87 -59.66 40.04
N VAL D 11 17.43 -60.43 40.97
CA VAL D 11 17.00 -61.80 41.25
C VAL D 11 16.62 -61.87 42.72
N ILE D 12 15.33 -62.06 43.00
CA ILE D 12 14.82 -62.03 44.37
C ILE D 12 13.96 -63.26 44.60
N PRO D 13 13.94 -63.86 45.79
CA PRO D 13 13.05 -65.00 46.02
C PRO D 13 11.58 -64.61 45.93
N VAL D 14 10.74 -65.62 45.68
CA VAL D 14 9.30 -65.48 45.59
C VAL D 14 8.66 -66.44 46.59
N LEU D 15 7.79 -65.93 47.44
CA LEU D 15 7.15 -66.78 48.45
C LEU D 15 5.85 -67.35 47.89
N PRO D 16 5.74 -68.66 47.72
CA PRO D 16 4.47 -69.26 47.30
C PRO D 16 3.46 -69.22 48.43
N GLN D 17 2.19 -69.41 48.06
CA GLN D 17 1.04 -69.43 48.95
C GLN D 17 0.78 -68.07 49.60
N VAL D 18 1.60 -67.07 49.29
CA VAL D 18 1.30 -65.67 49.64
C VAL D 18 0.39 -65.13 48.53
N MET D 19 -0.91 -65.22 48.76
CA MET D 19 -1.92 -64.94 47.73
C MET D 19 -2.56 -63.57 47.98
N MET D 20 -2.01 -62.55 47.31
CA MET D 20 -2.54 -61.20 47.33
C MET D 20 -1.74 -60.37 46.35
N ILE D 21 -2.07 -59.08 46.26
CA ILE D 21 -1.36 -58.13 45.41
C ILE D 21 -0.93 -56.97 46.30
N LEU D 22 0.37 -56.69 46.33
CA LEU D 22 0.90 -55.73 47.29
C LEU D 22 1.07 -54.38 46.61
N ILE D 23 0.76 -53.32 47.35
CA ILE D 23 0.89 -51.94 46.88
C ILE D 23 1.93 -51.25 47.73
N PRO D 24 2.87 -50.51 47.14
CA PRO D 24 3.98 -49.94 47.93
C PRO D 24 3.49 -49.18 49.16
N GLY D 25 4.15 -49.45 50.29
CA GLY D 25 3.79 -48.87 51.56
C GLY D 25 2.73 -49.65 52.32
N GLN D 26 1.87 -50.38 51.61
CA GLN D 26 0.87 -51.21 52.27
C GLN D 26 1.54 -52.30 53.08
N THR D 27 1.15 -52.42 54.34
CA THR D 27 1.70 -53.42 55.24
C THR D 27 0.95 -54.75 55.11
N LEU D 28 1.69 -55.84 55.32
CA LEU D 28 1.13 -57.19 55.22
C LEU D 28 1.59 -58.02 56.41
N PRO D 29 0.70 -58.32 57.36
CA PRO D 29 1.02 -59.34 58.36
C PRO D 29 0.77 -60.73 57.79
N LEU D 30 1.67 -61.65 58.10
CA LEU D 30 1.66 -62.98 57.49
C LEU D 30 1.83 -64.06 58.54
N GLN D 31 0.91 -65.01 58.55
CA GLN D 31 1.03 -66.21 59.38
C GLN D 31 1.76 -67.26 58.55
N LEU D 32 2.91 -67.70 59.04
CA LEU D 32 3.71 -68.70 58.35
C LEU D 32 3.54 -70.07 59.00
N PHE D 33 3.74 -71.13 58.22
CA PHE D 33 3.50 -72.48 58.70
C PHE D 33 4.52 -73.46 58.12
N HIS D 34 4.81 -73.33 56.83
CA HIS D 34 5.83 -74.16 56.22
C HIS D 34 7.19 -73.89 56.85
N PRO D 35 8.02 -74.91 57.04
CA PRO D 35 9.44 -74.65 57.36
C PRO D 35 10.20 -74.10 56.18
N GLN D 36 9.76 -74.41 54.96
CA GLN D 36 10.43 -73.92 53.77
C GLN D 36 10.26 -72.42 53.60
N GLU D 37 9.03 -71.92 53.81
CA GLU D 37 8.82 -70.48 53.89
C GLU D 37 9.70 -69.87 54.97
N VAL D 38 9.82 -70.54 56.11
CA VAL D 38 10.73 -70.10 57.16
C VAL D 38 12.18 -70.29 56.72
N SER D 39 12.48 -71.41 56.05
CA SER D 39 13.85 -71.66 55.60
C SER D 39 14.41 -70.53 54.76
N MET D 40 13.56 -69.88 53.96
CA MET D 40 13.98 -68.71 53.22
C MET D 40 14.06 -67.47 54.12
N VAL D 41 13.05 -67.28 54.97
CA VAL D 41 12.98 -66.07 55.77
C VAL D 41 14.01 -66.10 56.90
N ARG D 42 14.16 -67.25 57.57
CA ARG D 42 15.11 -67.34 58.69
C ARG D 42 16.52 -66.95 58.28
N ASN D 43 16.86 -67.05 57.00
CA ASN D 43 18.11 -66.52 56.46
C ASN D 43 17.92 -65.20 55.74
N LEU D 44 16.76 -64.99 55.10
CA LEU D 44 16.50 -63.73 54.37
C LEU D 44 16.88 -62.52 55.19
N ILE D 45 16.57 -62.52 56.48
CA ILE D 45 16.91 -61.45 57.41
C ILE D 45 18.41 -61.19 57.46
N GLN D 46 19.19 -61.90 56.64
CA GLN D 46 20.62 -61.64 56.47
C GLN D 46 20.81 -60.14 56.31
N LYS D 47 20.30 -59.59 55.22
CA LYS D 47 20.10 -58.15 55.12
C LYS D 47 18.80 -57.89 54.36
N ASP D 48 18.88 -57.98 53.03
CA ASP D 48 17.82 -57.70 52.05
C ASP D 48 16.44 -57.38 52.62
N ARG D 49 15.85 -58.33 53.35
CA ARG D 49 14.47 -58.22 53.81
C ARG D 49 13.50 -57.96 52.66
N THR D 50 13.91 -58.30 51.44
CA THR D 50 13.10 -58.10 50.26
C THR D 50 13.01 -59.42 49.51
N PHE D 51 11.78 -59.82 49.19
CA PHE D 51 11.54 -60.96 48.30
C PHE D 51 10.72 -60.45 47.13
N ALA D 52 9.73 -61.21 46.68
CA ALA D 52 8.92 -60.76 45.55
C ALA D 52 7.50 -61.29 45.74
N VAL D 53 6.61 -60.42 46.22
CA VAL D 53 5.19 -60.70 46.18
C VAL D 53 4.70 -60.56 44.74
N LEU D 54 3.92 -61.53 44.30
CA LEU D 54 3.47 -61.54 42.91
C LEU D 54 2.12 -60.84 42.78
N ALA D 55 1.66 -60.70 41.54
CA ALA D 55 0.38 -60.10 41.21
C ALA D 55 -0.31 -61.10 40.29
N TYR D 56 -0.94 -62.11 40.88
CA TYR D 56 -1.54 -63.19 40.11
C TYR D 56 -2.74 -62.67 39.33
N SER D 57 -2.75 -62.92 38.02
CA SER D 57 -3.89 -62.56 37.20
C SER D 57 -4.92 -63.68 37.14
N ASN D 58 -4.47 -64.90 36.87
CA ASN D 58 -5.31 -66.10 36.92
C ASN D 58 -4.55 -67.14 37.74
N VAL D 59 -4.72 -67.09 39.06
CA VAL D 59 -3.94 -67.95 39.94
C VAL D 59 -4.31 -69.41 39.75
N GLN D 60 -5.56 -69.69 39.33
CA GLN D 60 -5.97 -71.06 39.06
C GLN D 60 -5.11 -71.70 37.97
N GLU D 61 -4.66 -70.91 37.00
CA GLU D 61 -3.66 -71.33 36.03
C GLU D 61 -2.26 -70.84 36.37
N ARG D 62 -2.09 -70.14 37.49
CA ARG D 62 -0.82 -69.54 37.88
C ARG D 62 -0.30 -68.61 36.79
N GLU D 63 -1.11 -67.60 36.49
CA GLU D 63 -0.79 -66.56 35.50
C GLU D 63 -0.45 -65.27 36.24
N ALA D 64 0.84 -64.91 36.24
CA ALA D 64 1.31 -63.67 36.83
C ALA D 64 2.32 -63.01 35.90
N GLN D 65 2.32 -61.67 35.89
CA GLN D 65 3.16 -60.93 34.95
C GLN D 65 3.98 -59.83 35.64
N PHE D 66 3.50 -59.33 36.78
CA PHE D 66 4.18 -58.26 37.48
C PHE D 66 4.12 -58.57 38.97
N GLY D 67 4.40 -57.56 39.80
CA GLY D 67 4.31 -57.74 41.25
C GLY D 67 4.96 -56.59 41.98
N THR D 68 5.13 -56.79 43.28
CA THR D 68 5.65 -55.78 44.19
C THR D 68 6.66 -56.40 45.14
N THR D 69 7.86 -55.80 45.20
CA THR D 69 8.82 -56.18 46.23
C THR D 69 8.22 -55.91 47.61
N ALA D 70 8.61 -56.73 48.57
CA ALA D 70 8.13 -56.60 49.94
C ALA D 70 9.29 -56.46 50.90
N GLU D 71 9.10 -55.67 51.95
CA GLU D 71 10.13 -55.40 52.96
C GLU D 71 9.62 -55.88 54.32
N ILE D 72 10.21 -56.95 54.84
CA ILE D 72 9.79 -57.48 56.13
C ILE D 72 10.28 -56.51 57.20
N TYR D 73 9.35 -55.76 57.81
CA TYR D 73 9.70 -54.70 58.73
C TYR D 73 9.33 -54.94 60.18
N ALA D 74 8.44 -55.90 60.46
CA ALA D 74 8.07 -56.22 61.84
C ALA D 74 8.05 -57.73 62.01
N TYR D 75 8.23 -58.15 63.27
CA TYR D 75 8.56 -59.54 63.55
C TYR D 75 8.40 -59.79 65.04
N ARG D 76 7.32 -60.47 65.47
CA ARG D 76 7.11 -60.75 66.90
C ARG D 76 6.15 -61.92 67.05
N GLU D 77 6.62 -63.01 67.65
CA GLU D 77 5.92 -64.28 67.81
C GLU D 77 6.82 -65.25 68.58
N GLU D 78 6.22 -66.30 69.12
CA GLU D 78 6.90 -67.29 69.97
C GLU D 78 6.19 -68.63 69.80
N GLN D 79 6.43 -69.57 70.71
CA GLN D 79 5.62 -70.80 70.71
C GLN D 79 4.87 -70.93 72.03
N ASP D 80 4.28 -69.83 72.47
CA ASP D 80 3.57 -69.80 73.75
C ASP D 80 2.37 -70.76 73.75
N PHE D 81 2.00 -71.19 74.95
CA PHE D 81 1.09 -72.31 75.20
C PHE D 81 1.28 -73.45 74.18
N GLY D 82 2.54 -73.79 73.95
CA GLY D 82 2.89 -74.94 73.14
C GLY D 82 2.65 -74.80 71.66
N ILE D 83 1.92 -73.79 71.21
CA ILE D 83 1.61 -73.63 69.79
C ILE D 83 2.68 -72.75 69.15
N GLU D 84 3.37 -73.31 68.16
CA GLU D 84 4.48 -72.63 67.50
C GLU D 84 3.92 -71.54 66.59
N ILE D 85 4.20 -70.28 66.94
CA ILE D 85 3.61 -69.12 66.30
C ILE D 85 4.72 -68.35 65.58
N VAL D 86 4.51 -68.07 64.29
CA VAL D 86 5.51 -67.43 63.43
C VAL D 86 4.80 -66.42 62.55
N LYS D 87 4.98 -65.13 62.85
CA LYS D 87 4.33 -64.06 62.08
C LYS D 87 5.33 -63.00 61.67
N VAL D 88 5.16 -62.49 60.45
CA VAL D 88 6.00 -61.43 59.90
C VAL D 88 5.08 -60.34 59.35
N LYS D 89 5.52 -59.09 59.48
CA LYS D 89 4.86 -57.97 58.84
C LYS D 89 5.75 -57.46 57.72
N ALA D 90 5.22 -57.47 56.49
CA ALA D 90 5.96 -57.03 55.32
C ALA D 90 5.31 -55.79 54.73
N ILE D 91 6.13 -54.99 54.04
CA ILE D 91 5.67 -53.74 53.44
C ILE D 91 6.27 -53.65 52.03
N GLY D 92 5.47 -53.15 51.09
CA GLY D 92 5.91 -53.12 49.71
C GLY D 92 6.76 -51.92 49.36
N ARG D 93 7.62 -52.11 48.38
CA ARG D 93 8.55 -51.05 47.95
C ARG D 93 8.51 -50.84 46.45
N GLN D 94 9.51 -51.34 45.74
CA GLN D 94 9.69 -51.04 44.33
C GLN D 94 8.87 -51.97 43.46
N ARG D 95 8.15 -51.38 42.50
CA ARG D 95 7.43 -52.18 41.52
C ARG D 95 8.40 -52.77 40.50
N PHE D 96 8.00 -53.87 39.88
CA PHE D 96 8.88 -54.59 38.96
C PHE D 96 8.04 -55.29 37.89
N LYS D 97 8.74 -55.96 36.97
CA LYS D 97 8.12 -56.69 35.87
C LYS D 97 8.79 -58.04 35.74
N VAL D 98 7.98 -59.10 35.69
CA VAL D 98 8.49 -60.47 35.67
C VAL D 98 9.25 -60.71 34.36
N LEU D 99 10.44 -61.33 34.48
CA LEU D 99 11.19 -61.77 33.32
C LEU D 99 11.30 -63.27 33.38
N GLU D 100 12.43 -63.81 33.83
CA GLU D 100 12.63 -65.23 34.04
C GLU D 100 12.61 -65.55 35.54
N LEU D 101 12.56 -66.83 35.85
CA LEU D 101 12.62 -67.25 37.24
C LEU D 101 13.26 -68.63 37.32
N ARG D 102 14.14 -68.82 38.30
CA ARG D 102 14.83 -70.10 38.49
C ARG D 102 14.29 -70.77 39.75
N THR D 103 13.33 -71.66 39.56
CA THR D 103 12.91 -72.59 40.59
C THR D 103 14.03 -73.56 40.96
N GLN D 104 14.69 -73.30 42.08
CA GLN D 104 15.77 -74.19 42.53
C GLN D 104 15.18 -75.38 43.24
N SER D 105 15.94 -75.97 44.18
CA SER D 105 15.60 -77.20 44.89
C SER D 105 14.11 -77.33 45.22
N ASP D 106 13.71 -76.91 46.42
CA ASP D 106 12.28 -76.70 46.68
C ASP D 106 11.75 -75.51 45.87
N GLY D 107 10.85 -74.73 46.45
CA GLY D 107 10.31 -73.57 45.79
C GLY D 107 11.42 -72.68 45.26
N ILE D 108 12.21 -72.15 46.20
CA ILE D 108 13.30 -71.19 46.03
C ILE D 108 13.28 -70.66 44.61
N GLN D 109 12.18 -70.02 44.28
CA GLN D 109 11.95 -69.39 42.98
C GLN D 109 12.73 -68.10 42.97
N GLN D 110 13.93 -68.11 42.39
CA GLN D 110 14.61 -66.84 42.20
C GLN D 110 13.95 -66.15 41.04
N ALA D 111 13.88 -64.81 41.09
CA ALA D 111 13.02 -64.09 40.15
C ALA D 111 13.87 -63.08 39.38
N LYS D 112 14.29 -63.50 38.19
CA LYS D 112 14.89 -62.58 37.23
C LYS D 112 13.86 -61.50 36.91
N VAL D 113 14.17 -60.27 37.28
CA VAL D 113 13.16 -59.22 37.29
C VAL D 113 13.81 -57.90 36.91
N GLN D 114 13.02 -57.00 36.33
CA GLN D 114 13.45 -55.65 36.01
C GLN D 114 12.62 -54.67 36.83
N ILE D 115 13.29 -53.81 37.59
CA ILE D 115 12.59 -52.84 38.42
C ILE D 115 11.78 -51.89 37.55
N LEU D 116 10.63 -51.47 38.07
CA LEU D 116 9.78 -50.51 37.37
C LEU D 116 10.04 -49.12 37.93
N PRO D 117 10.51 -48.17 37.12
CA PRO D 117 10.80 -46.84 37.65
C PRO D 117 9.53 -46.03 37.85
N GLU D 118 9.47 -45.34 39.00
CA GLU D 118 8.40 -44.37 39.24
C GLU D 118 8.77 -43.06 38.55
N CYS D 119 7.93 -42.61 37.63
CA CYS D 119 8.21 -41.46 36.78
C CYS D 119 7.52 -40.24 37.37
N VAL D 120 8.32 -39.31 37.89
CA VAL D 120 7.81 -38.09 38.48
C VAL D 120 7.82 -37.00 37.42
N LEU D 121 6.74 -36.21 37.36
CA LEU D 121 6.58 -35.18 36.35
C LEU D 121 6.31 -33.84 37.01
N PRO D 122 6.92 -32.76 36.51
CA PRO D 122 6.65 -31.43 37.06
C PRO D 122 5.28 -30.91 36.65
N SER D 123 4.99 -29.66 37.00
CA SER D 123 3.70 -29.07 36.65
C SER D 123 3.58 -28.91 35.14
N THR D 124 2.36 -28.57 34.71
CA THR D 124 2.11 -28.37 33.29
C THR D 124 2.70 -27.07 32.77
N MET D 125 3.02 -26.12 33.66
CA MET D 125 3.38 -24.78 33.24
C MET D 125 4.87 -24.51 33.29
N SER D 126 5.65 -25.30 34.04
CA SER D 126 7.06 -25.02 34.25
C SER D 126 7.79 -24.73 32.95
N ALA D 127 7.40 -25.39 31.86
CA ALA D 127 8.02 -25.11 30.57
C ALA D 127 7.53 -23.78 30.00
N VAL D 128 6.20 -23.61 29.91
CA VAL D 128 5.62 -22.46 29.22
C VAL D 128 5.39 -21.26 30.11
N GLN D 129 5.44 -21.41 31.43
CA GLN D 129 5.22 -20.29 32.32
C GLN D 129 6.30 -19.22 32.12
N LEU D 130 5.87 -17.97 32.03
CA LEU D 130 6.78 -16.88 31.74
C LEU D 130 7.61 -16.55 32.98
N GLU D 131 8.91 -16.38 32.79
CA GLU D 131 9.83 -16.13 33.91
C GLU D 131 9.49 -14.87 34.68
N SER D 132 8.77 -13.91 34.08
CA SER D 132 8.40 -12.71 34.80
C SER D 132 7.40 -12.99 35.92
N LEU D 133 6.58 -14.01 35.75
CA LEU D 133 5.52 -14.31 36.71
C LEU D 133 5.88 -15.45 37.65
N ASN D 134 7.12 -15.94 37.60
CA ASN D 134 7.57 -16.97 38.54
C ASN D 134 7.44 -16.50 39.99
N LYS D 135 7.55 -15.19 40.22
CA LYS D 135 7.33 -14.66 41.57
C LYS D 135 5.87 -14.80 41.99
N CYS D 136 4.94 -14.72 41.04
CA CYS D 136 3.52 -14.81 41.34
C CYS D 136 3.01 -16.24 41.42
N GLN D 137 3.85 -17.23 41.09
CA GLN D 137 3.43 -18.63 41.15
C GLN D 137 2.95 -19.01 42.54
N ILE D 138 3.75 -18.73 43.57
CA ILE D 138 3.43 -19.18 44.91
C ILE D 138 2.29 -18.34 45.48
N PHE D 139 1.27 -19.00 46.01
CA PHE D 139 0.11 -18.39 46.61
C PHE D 139 0.35 -18.15 48.10
N PRO D 140 -0.47 -17.31 48.75
CA PRO D 140 -0.38 -17.18 50.20
C PRO D 140 -0.88 -18.41 50.94
N SER D 141 -0.39 -19.60 50.53
CA SER D 141 -0.78 -20.87 51.13
C SER D 141 -2.28 -21.12 51.00
N LYS D 142 -2.77 -22.05 51.80
CA LYS D 142 -4.13 -22.55 51.91
C LYS D 142 -4.78 -22.02 53.19
N PRO D 143 -6.08 -21.78 53.18
CA PRO D 143 -6.75 -21.25 54.38
C PRO D 143 -7.01 -22.27 55.46
N VAL D 144 -6.79 -23.57 55.18
CA VAL D 144 -7.12 -24.70 56.04
C VAL D 144 -8.32 -24.42 56.94
N SER D 145 -9.52 -24.56 56.39
CA SER D 145 -10.75 -24.26 57.10
C SER D 145 -11.78 -25.34 56.76
N ARG D 146 -13.04 -25.06 57.10
CA ARG D 146 -14.14 -25.95 56.72
C ARG D 146 -15.27 -25.16 56.08
N GLU D 147 -14.99 -23.95 55.62
CA GLU D 147 -15.99 -23.11 54.97
C GLU D 147 -15.50 -22.63 53.61
N ASP D 148 -14.28 -22.09 53.57
CA ASP D 148 -13.67 -21.73 52.29
C ASP D 148 -12.90 -22.89 51.66
N GLN D 149 -12.82 -24.03 52.33
CA GLN D 149 -12.49 -25.28 51.66
C GLN D 149 -13.75 -25.99 51.20
N CYS D 150 -14.79 -25.98 52.04
CA CYS D 150 -16.11 -26.42 51.61
C CYS D 150 -16.64 -25.55 50.49
N SER D 151 -16.27 -24.27 50.46
CA SER D 151 -16.57 -23.40 49.35
C SER D 151 -15.45 -23.46 48.31
N TYR D 152 -15.83 -23.25 47.06
CA TYR D 152 -14.92 -23.29 45.93
C TYR D 152 -14.43 -21.91 45.51
N LYS D 153 -14.97 -20.84 46.11
CA LYS D 153 -14.63 -19.48 45.70
C LYS D 153 -13.13 -19.26 45.72
N TRP D 154 -12.45 -19.73 46.78
CA TRP D 154 -11.00 -19.65 46.82
C TRP D 154 -10.38 -20.44 45.67
N TRP D 155 -10.90 -21.64 45.40
CA TRP D 155 -10.32 -22.50 44.38
C TRP D 155 -10.49 -21.93 42.98
N GLN D 156 -11.55 -21.16 42.74
CA GLN D 156 -11.72 -20.53 41.44
C GLN D 156 -10.54 -19.64 41.11
N LYS D 157 -10.15 -18.76 42.03
CA LYS D 157 -8.96 -17.94 41.83
C LYS D 157 -7.71 -18.79 41.73
N TYR D 158 -7.66 -19.90 42.47
CA TYR D 158 -6.54 -20.84 42.36
C TYR D 158 -6.47 -21.43 40.95
N GLN D 159 -7.57 -22.06 40.52
CA GLN D 159 -7.66 -22.55 39.15
C GLN D 159 -7.42 -21.44 38.14
N LYS D 160 -7.84 -20.21 38.47
CA LYS D 160 -7.69 -19.08 37.58
C LYS D 160 -6.23 -18.67 37.39
N ARG D 161 -5.48 -18.59 38.50
CA ARG D 161 -4.19 -17.90 38.45
C ARG D 161 -3.05 -18.79 37.96
N LYS D 162 -2.84 -19.94 38.62
CA LYS D 162 -1.68 -20.77 38.31
C LYS D 162 -1.64 -21.19 36.85
N PHE D 163 -2.78 -21.18 36.16
CA PHE D 163 -2.85 -21.51 34.75
C PHE D 163 -3.21 -20.29 33.90
N HIS D 164 -2.89 -19.09 34.41
CA HIS D 164 -3.13 -17.87 33.63
C HIS D 164 -2.39 -17.90 32.31
N CYS D 165 -1.15 -18.40 32.31
CA CYS D 165 -0.35 -18.51 31.10
C CYS D 165 -0.74 -19.68 30.22
N ALA D 166 -1.73 -20.48 30.62
CA ALA D 166 -2.22 -21.53 29.74
C ALA D 166 -2.87 -20.99 28.48
N ASN D 167 -3.17 -19.69 28.43
CA ASN D 167 -3.66 -19.06 27.20
C ASN D 167 -2.60 -19.07 26.11
N LEU D 168 -1.39 -19.50 26.42
CA LEU D 168 -0.34 -19.65 25.42
C LEU D 168 -0.29 -21.06 24.85
N THR D 169 -1.24 -21.90 25.23
CA THR D 169 -1.38 -23.25 24.74
C THR D 169 -2.65 -23.36 23.90
N SER D 170 -2.90 -24.56 23.38
CA SER D 170 -4.16 -24.85 22.71
C SER D 170 -5.27 -25.20 23.69
N TRP D 171 -5.00 -25.17 25.00
CA TRP D 171 -5.92 -25.71 25.98
C TRP D 171 -6.21 -24.69 27.08
N PRO D 172 -7.47 -24.50 27.45
CA PRO D 172 -7.84 -23.57 28.52
C PRO D 172 -7.52 -24.15 29.90
N ARG D 173 -7.91 -23.38 30.92
CA ARG D 173 -7.58 -23.75 32.30
C ARG D 173 -8.26 -25.04 32.72
N TRP D 174 -9.59 -25.10 32.60
CA TRP D 174 -10.36 -26.21 33.13
C TRP D 174 -9.89 -27.57 32.61
N LEU D 175 -9.21 -27.61 31.47
CA LEU D 175 -8.58 -28.86 31.04
C LEU D 175 -7.47 -29.27 32.00
N TYR D 176 -6.53 -28.35 32.27
CA TYR D 176 -5.45 -28.62 33.20
C TYR D 176 -5.93 -28.83 34.63
N SER D 177 -7.10 -28.31 34.99
CA SER D 177 -7.68 -28.57 36.30
C SER D 177 -7.86 -30.05 36.55
N LEU D 178 -8.14 -30.83 35.50
CA LEU D 178 -8.24 -32.28 35.58
C LEU D 178 -6.89 -32.97 35.64
N TYR D 179 -5.78 -32.22 35.66
CA TYR D 179 -4.46 -32.79 35.77
C TYR D 179 -3.65 -32.17 36.92
N ASP D 180 -4.28 -31.37 37.77
CA ASP D 180 -3.59 -30.75 38.90
C ASP D 180 -3.59 -31.74 40.06
N ALA D 181 -2.39 -32.22 40.44
CA ALA D 181 -2.28 -33.13 41.58
C ALA D 181 -2.94 -32.56 42.82
N GLU D 182 -2.73 -31.26 43.09
CA GLU D 182 -3.36 -30.62 44.22
C GLU D 182 -4.88 -30.68 44.12
N THR D 183 -5.40 -30.49 42.90
CA THR D 183 -6.84 -30.59 42.68
C THR D 183 -7.31 -32.04 42.76
N LEU D 184 -6.58 -32.96 42.12
CA LEU D 184 -6.96 -34.37 42.17
C LEU D 184 -6.99 -34.88 43.60
N MET D 185 -6.01 -34.49 44.41
CA MET D 185 -6.06 -34.79 45.83
C MET D 185 -7.28 -34.13 46.47
N ASP D 186 -7.56 -32.87 46.11
CA ASP D 186 -8.69 -32.16 46.69
C ASP D 186 -10.02 -32.82 46.34
N ARG D 187 -10.18 -33.26 45.08
CA ARG D 187 -11.40 -33.97 44.71
C ARG D 187 -11.56 -35.24 45.51
N ILE D 188 -10.45 -35.89 45.89
CA ILE D 188 -10.53 -37.00 46.82
C ILE D 188 -10.65 -36.50 48.26
N LYS D 189 -10.05 -35.35 48.56
CA LYS D 189 -10.19 -34.71 49.88
C LYS D 189 -11.63 -34.26 50.14
N LYS D 190 -12.54 -34.57 49.22
CA LYS D 190 -13.95 -34.23 49.38
C LYS D 190 -14.86 -35.45 49.49
N GLN D 191 -14.33 -36.66 49.30
CA GLN D 191 -15.14 -37.87 49.28
C GLN D 191 -15.11 -38.63 50.60
N LEU D 192 -14.00 -38.57 51.34
CA LEU D 192 -13.86 -39.39 52.54
C LEU D 192 -14.25 -38.68 53.82
N ARG D 193 -14.38 -37.34 53.81
CA ARG D 193 -15.02 -36.68 54.93
C ARG D 193 -16.52 -36.98 54.98
N GLU D 194 -17.12 -37.35 53.85
CA GLU D 194 -18.43 -37.97 53.87
C GLU D 194 -18.38 -39.34 54.54
N TRP D 195 -17.20 -39.95 54.61
CA TRP D 195 -16.98 -41.29 55.13
C TRP D 195 -16.31 -41.29 56.49
N ASP D 196 -15.32 -40.42 56.70
CA ASP D 196 -14.50 -40.41 57.90
C ASP D 196 -14.46 -39.01 58.50
N GLU D 197 -14.34 -38.96 59.83
CA GLU D 197 -14.16 -37.71 60.55
C GLU D 197 -12.71 -37.46 60.94
N ASN D 198 -11.78 -38.33 60.53
CA ASN D 198 -10.37 -38.07 60.75
C ASN D 198 -9.93 -36.92 59.85
N LEU D 199 -9.05 -36.07 60.39
CA LEU D 199 -8.60 -34.90 59.65
C LEU D 199 -7.89 -35.31 58.37
N LYS D 200 -8.46 -34.91 57.23
CA LYS D 200 -7.83 -35.19 55.94
C LYS D 200 -6.43 -34.60 55.88
N ASP D 201 -6.29 -33.33 56.27
CA ASP D 201 -5.03 -32.61 56.29
C ASP D 201 -3.84 -33.50 56.70
N ASP D 202 -3.89 -34.02 57.92
CA ASP D 202 -2.77 -34.79 58.47
C ASP D 202 -2.72 -36.22 57.95
N SER D 203 -3.89 -36.88 57.82
CA SER D 203 -3.93 -38.30 57.55
C SER D 203 -3.21 -38.65 56.25
N LEU D 204 -3.31 -37.81 55.26
CA LEU D 204 -2.76 -38.10 53.94
C LEU D 204 -1.32 -37.61 53.82
N PRO D 205 -0.51 -38.27 52.99
CA PRO D 205 0.82 -37.75 52.67
C PRO D 205 0.73 -36.69 51.58
N SER D 206 1.63 -35.70 51.68
CA SER D 206 1.64 -34.61 50.71
C SER D 206 2.07 -35.09 49.32
N ASN D 207 3.18 -35.82 49.25
CA ASN D 207 3.70 -36.29 47.98
C ASN D 207 2.65 -37.14 47.28
N PRO D 208 2.31 -36.84 46.01
CA PRO D 208 1.26 -37.62 45.32
C PRO D 208 1.62 -39.09 45.13
N ILE D 209 2.90 -39.45 45.16
CA ILE D 209 3.29 -40.85 45.02
C ILE D 209 2.68 -41.67 46.15
N ASP D 210 2.99 -41.30 47.38
CA ASP D 210 2.42 -42.00 48.53
C ASP D 210 0.93 -41.75 48.67
N PHE D 211 0.44 -40.58 48.24
CA PHE D 211 -0.99 -40.31 48.32
C PHE D 211 -1.78 -41.20 47.37
N SER D 212 -1.21 -41.54 46.22
CA SER D 212 -1.90 -42.43 45.29
C SER D 212 -1.99 -43.85 45.85
N TYR D 213 -0.94 -44.29 46.54
CA TYR D 213 -0.92 -45.63 47.10
C TYR D 213 -1.76 -45.75 48.37
N ARG D 214 -1.99 -44.64 49.08
CA ARG D 214 -2.89 -44.66 50.22
C ARG D 214 -4.35 -44.74 49.78
N VAL D 215 -4.68 -44.14 48.65
CA VAL D 215 -6.01 -44.30 48.08
C VAL D 215 -6.26 -45.75 47.69
N ALA D 216 -5.22 -46.44 47.22
CA ALA D 216 -5.36 -47.81 46.75
C ALA D 216 -5.66 -48.78 47.88
N ALA D 217 -5.32 -48.43 49.13
CA ALA D 217 -5.60 -49.27 50.28
C ALA D 217 -6.84 -48.82 51.05
N CYS D 218 -7.73 -48.07 50.40
CA CYS D 218 -8.99 -47.68 51.01
C CYS D 218 -10.18 -47.82 50.07
N LEU D 219 -9.97 -48.13 48.79
CA LEU D 219 -11.07 -48.27 47.84
C LEU D 219 -11.39 -49.75 47.69
N PRO D 220 -12.60 -50.18 48.04
CA PRO D 220 -12.98 -51.58 47.76
C PRO D 220 -13.08 -51.84 46.27
N ILE D 221 -12.00 -52.36 45.68
CA ILE D 221 -11.94 -52.63 44.25
C ILE D 221 -11.45 -54.06 44.05
N ASP D 222 -11.55 -54.53 42.81
CA ASP D 222 -11.19 -55.91 42.51
C ASP D 222 -9.68 -56.13 42.65
N ASP D 223 -9.30 -57.41 42.60
CA ASP D 223 -7.89 -57.74 42.45
C ASP D 223 -7.34 -57.22 41.13
N VAL D 224 -8.15 -57.24 40.07
CA VAL D 224 -7.65 -56.83 38.76
C VAL D 224 -7.42 -55.32 38.73
N LEU D 225 -8.31 -54.55 39.38
CA LEU D 225 -8.07 -53.11 39.51
C LEU D 225 -6.81 -52.84 40.32
N ARG D 226 -6.63 -53.56 41.44
CA ARG D 226 -5.41 -53.42 42.23
C ARG D 226 -4.17 -53.76 41.40
N ILE D 227 -4.29 -54.74 40.50
CA ILE D 227 -3.15 -55.15 39.68
C ILE D 227 -2.85 -54.09 38.63
N GLN D 228 -3.80 -53.86 37.73
CA GLN D 228 -3.60 -52.94 36.62
C GLN D 228 -3.40 -51.49 37.09
N LEU D 229 -3.74 -51.18 38.34
CA LEU D 229 -3.36 -49.88 38.90
C LEU D 229 -1.85 -49.77 39.05
N LEU D 230 -1.15 -50.89 39.20
CA LEU D 230 0.31 -50.88 39.33
C LEU D 230 1.02 -50.78 37.98
N LYS D 231 0.33 -51.11 36.89
CA LYS D 231 0.89 -50.97 35.55
C LYS D 231 1.09 -49.52 35.16
N ILE D 232 0.58 -48.58 35.95
CA ILE D 232 0.56 -47.16 35.62
C ILE D 232 1.75 -46.49 36.30
N GLY D 233 2.74 -46.10 35.51
CA GLY D 233 3.88 -45.40 36.08
C GLY D 233 3.54 -44.00 36.55
N SER D 234 2.69 -43.30 35.81
CA SER D 234 2.32 -41.93 36.16
C SER D 234 1.43 -41.92 37.40
N ALA D 235 1.89 -41.27 38.46
CA ALA D 235 1.02 -41.05 39.60
C ALA D 235 -0.21 -40.24 39.21
N ILE D 236 -0.07 -39.36 38.21
CA ILE D 236 -1.22 -38.59 37.74
C ILE D 236 -2.25 -39.49 37.06
N GLN D 237 -1.81 -40.26 36.07
CA GLN D 237 -2.68 -41.25 35.45
C GLN D 237 -3.25 -42.20 36.50
N ARG D 238 -2.41 -42.63 37.45
CA ARG D 238 -2.89 -43.45 38.55
C ARG D 238 -4.00 -42.74 39.31
N LEU D 239 -3.89 -41.42 39.47
CA LEU D 239 -4.91 -40.67 40.20
C LEU D 239 -6.17 -40.51 39.36
N ARG D 240 -6.03 -40.15 38.08
CA ARG D 240 -7.20 -39.99 37.22
C ARG D 240 -8.00 -41.28 37.14
N CYS D 241 -7.32 -42.42 37.06
CA CYS D 241 -8.00 -43.70 37.10
C CYS D 241 -8.80 -43.85 38.40
N GLU D 242 -8.16 -43.54 39.53
CA GLU D 242 -8.85 -43.57 40.81
C GLU D 242 -10.05 -42.63 40.86
N LEU D 243 -9.90 -41.43 40.28
CA LEU D 243 -10.93 -40.40 40.44
C LEU D 243 -12.25 -40.79 39.79
N ASP D 244 -12.24 -40.95 38.45
CA ASP D 244 -13.48 -41.28 37.74
C ASP D 244 -14.09 -42.60 38.18
N ILE D 245 -13.28 -43.51 38.74
CA ILE D 245 -13.83 -44.73 39.33
C ILE D 245 -14.79 -44.39 40.46
N MET D 246 -14.36 -43.53 41.39
CA MET D 246 -15.21 -43.16 42.52
C MET D 246 -16.49 -42.46 42.07
N ASN D 247 -16.53 -41.98 40.82
CA ASN D 247 -17.77 -41.41 40.28
C ASN D 247 -18.74 -42.51 39.87
N LYS D 248 -18.28 -43.45 39.04
CA LYS D 248 -19.14 -44.48 38.48
C LYS D 248 -19.39 -45.60 39.49
N CYS D 249 -18.33 -46.32 39.86
CA CYS D 249 -18.42 -47.48 40.73
C CYS D 249 -18.92 -47.10 42.13
N THR D 250 -20.24 -47.20 42.34
CA THR D 250 -20.84 -46.83 43.62
C THR D 250 -21.39 -48.05 44.36
N SER D 251 -22.38 -48.73 43.79
CA SER D 251 -23.02 -49.84 44.48
C SER D 251 -22.23 -51.12 44.27
N LEU D 252 -22.04 -51.88 45.34
CA LEU D 252 -21.18 -53.06 45.35
C LEU D 252 -22.04 -54.32 45.35
N CYS D 253 -21.65 -55.28 44.52
CA CYS D 253 -22.39 -56.53 44.38
C CYS D 253 -21.49 -57.69 44.73
N CYS D 254 -22.09 -58.88 44.81
CA CYS D 254 -21.32 -60.10 45.06
C CYS D 254 -20.41 -60.36 43.87
N LYS D 255 -19.10 -60.41 44.12
CA LYS D 255 -18.14 -60.65 43.04
C LYS D 255 -18.43 -61.95 42.32
N GLN D 256 -18.95 -62.94 43.04
CA GLN D 256 -19.08 -64.27 42.47
C GLN D 256 -20.35 -64.40 41.62
N CYS D 257 -21.51 -64.09 42.20
CA CYS D 257 -22.76 -64.23 41.48
C CYS D 257 -23.04 -63.02 40.59
N GLN D 258 -22.70 -61.82 41.07
CA GLN D 258 -22.86 -60.57 40.32
C GLN D 258 -24.31 -60.30 39.94
N GLU D 259 -25.25 -60.76 40.76
CA GLU D 259 -26.67 -60.51 40.55
C GLU D 259 -27.33 -59.83 41.75
N THR D 260 -26.56 -59.48 42.77
CA THR D 260 -27.11 -59.03 44.05
C THR D 260 -26.38 -57.78 44.49
N GLU D 261 -27.09 -56.65 44.50
CA GLU D 261 -26.53 -55.38 44.97
C GLU D 261 -26.49 -55.40 46.50
N ILE D 262 -25.28 -55.45 47.05
CA ILE D 262 -25.12 -55.54 48.51
C ILE D 262 -25.31 -54.18 49.17
N THR D 263 -24.45 -53.23 48.82
CA THR D 263 -24.43 -51.93 49.48
C THR D 263 -23.90 -50.88 48.52
N THR D 264 -24.09 -49.62 48.91
CA THR D 264 -23.64 -48.47 48.14
C THR D 264 -22.47 -47.80 48.86
N LYS D 265 -21.72 -47.00 48.10
CA LYS D 265 -20.57 -46.32 48.69
C LYS D 265 -20.98 -45.32 49.75
N ASN D 266 -22.21 -44.81 49.66
CA ASN D 266 -22.73 -43.90 50.69
C ASN D 266 -22.76 -44.56 52.05
N GLU D 267 -23.02 -45.87 52.09
CA GLU D 267 -23.14 -46.57 53.36
C GLU D 267 -21.80 -46.82 54.03
N ILE D 268 -20.68 -46.53 53.35
CA ILE D 268 -19.37 -46.72 53.96
C ILE D 268 -19.15 -45.68 55.06
N PHE D 269 -18.40 -46.09 56.09
CA PHE D 269 -18.04 -45.19 57.17
C PHE D 269 -16.80 -45.74 57.86
N SER D 270 -16.02 -44.84 58.43
CA SER D 270 -14.81 -45.20 59.17
C SER D 270 -15.16 -45.31 60.65
N LEU D 271 -15.10 -46.54 61.18
CA LEU D 271 -15.40 -46.74 62.59
C LEU D 271 -14.31 -46.13 63.48
N SER D 272 -13.06 -46.48 63.22
CA SER D 272 -11.92 -45.93 63.92
C SER D 272 -11.05 -45.12 62.96
N LEU D 273 -9.98 -44.54 63.52
CA LEU D 273 -9.01 -43.81 62.70
C LEU D 273 -8.31 -44.70 61.69
N CYS D 274 -8.35 -46.02 61.88
CA CYS D 274 -7.73 -46.95 60.94
C CYS D 274 -8.24 -46.73 59.51
N GLY D 275 -9.53 -46.43 59.37
CA GLY D 275 -10.12 -46.21 58.07
C GLY D 275 -11.38 -47.03 57.88
N PRO D 276 -12.02 -46.89 56.72
CA PRO D 276 -13.17 -47.73 56.42
C PRO D 276 -12.76 -49.17 56.13
N MET D 277 -11.73 -49.33 55.30
CA MET D 277 -11.17 -50.64 54.99
C MET D 277 -9.83 -50.80 55.69
N ALA D 278 -9.59 -52.01 56.21
CA ALA D 278 -8.34 -52.34 56.86
C ALA D 278 -8.13 -53.84 56.79
N ALA D 279 -6.90 -54.26 57.05
CA ALA D 279 -6.54 -55.67 57.04
C ALA D 279 -6.62 -56.23 58.45
N TYR D 280 -7.50 -57.21 58.64
CA TYR D 280 -7.66 -57.89 59.92
C TYR D 280 -7.34 -59.36 59.77
N VAL D 281 -6.97 -59.98 60.88
CA VAL D 281 -6.60 -61.40 60.91
C VAL D 281 -7.59 -62.16 61.78
N ASN D 282 -7.79 -63.43 61.45
CA ASN D 282 -8.60 -64.35 62.22
C ASN D 282 -7.71 -65.30 63.02
N PRO D 283 -8.28 -66.11 63.92
CA PRO D 283 -7.42 -66.97 64.75
C PRO D 283 -6.76 -68.13 63.99
N HIS D 284 -6.98 -68.28 62.68
CA HIS D 284 -6.35 -69.35 61.91
C HIS D 284 -5.38 -68.84 60.85
N GLY D 285 -5.07 -67.55 60.86
CA GLY D 285 -4.12 -67.00 59.89
C GLY D 285 -4.73 -66.48 58.60
N TYR D 286 -6.05 -66.46 58.49
CA TYR D 286 -6.69 -65.90 57.31
C TYR D 286 -6.79 -64.39 57.45
N VAL D 287 -6.28 -63.67 56.44
CA VAL D 287 -6.26 -62.22 56.44
C VAL D 287 -7.44 -61.71 55.63
N HIS D 288 -8.18 -60.76 56.18
CA HIS D 288 -9.37 -60.21 55.54
C HIS D 288 -9.24 -58.70 55.43
N GLU D 289 -9.29 -58.19 54.20
CA GLU D 289 -9.45 -56.76 53.96
C GLU D 289 -10.91 -56.41 54.15
N THR D 290 -11.26 -55.93 55.34
CA THR D 290 -12.65 -55.74 55.73
C THR D 290 -13.08 -54.30 55.54
N LEU D 291 -14.21 -54.10 54.88
CA LEU D 291 -14.82 -52.79 54.71
C LEU D 291 -15.96 -52.65 55.71
N THR D 292 -16.13 -51.45 56.25
CA THR D 292 -17.19 -51.16 57.22
C THR D 292 -18.26 -50.32 56.54
N VAL D 293 -19.50 -50.79 56.58
CA VAL D 293 -20.63 -50.10 56.00
C VAL D 293 -21.79 -50.11 56.99
N TYR D 294 -22.59 -49.05 56.96
CA TYR D 294 -23.73 -48.95 57.89
C TYR D 294 -24.82 -49.96 57.55
N LYS D 295 -25.12 -50.14 56.27
CA LYS D 295 -26.27 -50.95 55.87
C LYS D 295 -25.91 -51.83 54.69
N ALA D 296 -26.43 -53.05 54.72
CA ALA D 296 -26.29 -54.00 53.62
C ALA D 296 -27.55 -54.86 53.58
N CYS D 297 -27.83 -55.40 52.39
CA CYS D 297 -29.07 -56.13 52.17
C CYS D 297 -28.80 -57.33 51.27
N ASN D 298 -29.84 -58.14 51.07
CA ASN D 298 -29.77 -59.35 50.24
C ASN D 298 -28.69 -60.30 50.76
N LEU D 299 -28.68 -60.50 52.07
CA LEU D 299 -27.74 -61.39 52.72
C LEU D 299 -28.49 -62.28 53.70
N ASN D 300 -28.01 -63.51 53.84
CA ASN D 300 -28.52 -64.43 54.85
C ASN D 300 -27.48 -64.61 55.94
N LEU D 301 -27.95 -64.70 57.17
CA LEU D 301 -27.06 -64.91 58.30
C LEU D 301 -27.01 -66.41 58.58
N ILE D 302 -25.84 -66.88 59.03
CA ILE D 302 -25.66 -68.28 59.36
C ILE D 302 -25.22 -68.35 60.82
N GLY D 303 -25.91 -69.14 61.61
CA GLY D 303 -25.53 -69.31 62.99
C GLY D 303 -25.80 -68.12 63.90
N ARG D 304 -25.33 -68.25 65.14
CA ARG D 304 -25.53 -67.24 66.17
C ARG D 304 -24.34 -66.32 66.30
N PRO D 305 -24.55 -65.10 66.80
CA PRO D 305 -23.44 -64.16 67.01
C PRO D 305 -22.46 -64.65 68.07
N SER D 306 -21.21 -64.23 67.90
CA SER D 306 -20.15 -64.57 68.84
C SER D 306 -19.19 -63.39 68.95
N THR D 307 -18.70 -63.15 70.16
CA THR D 307 -17.69 -62.13 70.41
C THR D 307 -16.27 -62.68 70.30
N GLU D 308 -16.12 -63.96 69.97
CA GLU D 308 -14.81 -64.61 69.94
C GLU D 308 -13.90 -63.98 68.90
N HIS D 309 -12.81 -63.36 69.36
CA HIS D 309 -11.80 -62.76 68.49
C HIS D 309 -12.39 -61.65 67.63
N SER D 310 -13.35 -60.91 68.18
CA SER D 310 -13.99 -59.83 67.44
C SER D 310 -13.01 -58.70 67.19
N TRP D 311 -12.97 -58.21 65.95
CA TRP D 311 -12.09 -57.11 65.58
C TRP D 311 -12.58 -55.77 66.09
N PHE D 312 -13.83 -55.69 66.56
CA PHE D 312 -14.42 -54.44 67.03
C PHE D 312 -15.05 -54.74 68.38
N PRO D 313 -14.30 -54.60 69.48
CA PRO D 313 -14.83 -54.94 70.80
C PRO D 313 -16.15 -54.22 71.09
N GLY D 314 -17.04 -54.92 71.79
CA GLY D 314 -18.38 -54.45 71.99
C GLY D 314 -19.39 -54.91 70.96
N TYR D 315 -18.93 -55.61 69.93
CA TYR D 315 -19.80 -56.07 68.86
C TYR D 315 -19.68 -57.58 68.69
N ALA D 316 -20.79 -58.19 68.31
CA ALA D 316 -20.85 -59.63 68.03
C ALA D 316 -21.09 -59.84 66.54
N TRP D 317 -20.25 -60.65 65.92
CA TRP D 317 -20.33 -60.91 64.48
C TRP D 317 -21.22 -62.11 64.17
N THR D 318 -21.91 -62.01 63.04
CA THR D 318 -22.76 -63.06 62.50
C THR D 318 -22.54 -63.16 61.00
N VAL D 319 -22.53 -64.39 60.49
CA VAL D 319 -22.22 -64.67 59.09
C VAL D 319 -23.10 -63.84 58.19
N ALA D 320 -22.52 -63.32 57.12
CA ALA D 320 -23.29 -62.80 56.01
C ALA D 320 -22.86 -63.55 54.76
N GLN D 321 -23.83 -64.08 54.02
CA GLN D 321 -23.55 -64.75 52.76
C GLN D 321 -24.57 -64.31 51.73
N CYS D 322 -24.21 -64.45 50.45
CA CYS D 322 -25.07 -63.99 49.39
C CYS D 322 -26.40 -64.76 49.39
N LYS D 323 -27.49 -64.02 49.19
CA LYS D 323 -28.80 -64.64 49.13
C LYS D 323 -28.92 -65.61 47.96
N ILE D 324 -28.21 -65.35 46.86
CA ILE D 324 -28.38 -66.10 45.63
C ILE D 324 -27.39 -67.26 45.56
N CYS D 325 -26.11 -66.99 45.71
CA CYS D 325 -25.06 -67.98 45.49
C CYS D 325 -24.47 -68.54 46.78
N ALA D 326 -24.82 -67.97 47.93
CA ALA D 326 -24.37 -68.43 49.25
C ALA D 326 -22.87 -68.30 49.45
N SER D 327 -22.18 -67.55 48.59
CA SER D 327 -20.77 -67.27 48.82
C SER D 327 -20.61 -66.27 49.95
N HIS D 328 -19.49 -66.38 50.67
CA HIS D 328 -19.28 -65.55 51.85
C HIS D 328 -19.07 -64.10 51.44
N ILE D 329 -19.83 -63.20 52.05
CA ILE D 329 -19.68 -61.77 51.82
C ILE D 329 -19.04 -61.06 53.00
N GLY D 330 -19.24 -61.54 54.23
CA GLY D 330 -18.67 -60.89 55.38
C GLY D 330 -19.35 -61.23 56.69
N TRP D 331 -19.62 -60.21 57.49
CA TRP D 331 -20.17 -60.38 58.83
C TRP D 331 -21.16 -59.26 59.12
N LYS D 332 -22.17 -59.59 59.93
CA LYS D 332 -23.04 -58.58 60.52
C LYS D 332 -22.57 -58.36 61.95
N PHE D 333 -22.09 -57.15 62.24
CA PHE D 333 -21.57 -56.83 63.56
C PHE D 333 -22.67 -56.18 64.38
N THR D 334 -22.99 -56.78 65.52
CA THR D 334 -24.11 -56.37 66.36
C THR D 334 -23.59 -55.99 67.74
N ALA D 335 -24.00 -54.82 68.22
CA ALA D 335 -23.52 -54.31 69.50
C ALA D 335 -24.00 -55.17 70.66
N THR D 336 -23.18 -55.24 71.70
CA THR D 336 -23.54 -55.98 72.91
C THR D 336 -24.31 -55.11 73.89
N LYS D 337 -23.95 -53.83 73.99
CA LYS D 337 -24.55 -52.89 74.93
C LYS D 337 -25.37 -51.84 74.18
N LYS D 338 -26.11 -51.04 74.95
CA LYS D 338 -26.99 -50.02 74.38
C LYS D 338 -26.27 -48.70 74.11
N ASP D 339 -25.17 -48.42 74.83
CA ASP D 339 -24.43 -47.19 74.63
C ASP D 339 -23.46 -47.26 73.45
N MET D 340 -23.57 -48.28 72.61
CA MET D 340 -22.72 -48.39 71.42
C MET D 340 -23.27 -47.48 70.32
N SER D 341 -22.36 -46.81 69.61
CA SER D 341 -22.79 -45.73 68.72
C SER D 341 -23.60 -46.20 67.51
N PRO D 342 -23.08 -46.91 66.49
CA PRO D 342 -23.97 -47.31 65.39
C PRO D 342 -24.91 -48.45 65.74
N GLN D 343 -24.59 -49.23 66.78
CA GLN D 343 -25.38 -50.36 67.27
C GLN D 343 -25.26 -51.55 66.34
N LYS D 344 -25.51 -51.34 65.05
CA LYS D 344 -25.38 -52.41 64.07
C LYS D 344 -24.67 -51.88 62.84
N PHE D 345 -23.77 -52.69 62.29
CA PHE D 345 -23.08 -52.35 61.06
C PHE D 345 -22.59 -53.64 60.43
N TRP D 346 -21.97 -53.52 59.26
CA TRP D 346 -21.57 -54.68 58.49
C TRP D 346 -20.08 -54.63 58.19
N GLY D 347 -19.44 -55.78 58.29
CA GLY D 347 -18.06 -55.91 57.90
C GLY D 347 -18.01 -56.82 56.70
N LEU D 348 -17.62 -56.30 55.55
CA LEU D 348 -17.59 -57.08 54.32
C LEU D 348 -16.14 -57.25 53.92
N THR D 349 -15.81 -58.42 53.39
CA THR D 349 -14.46 -58.67 52.90
C THR D 349 -14.38 -58.24 51.45
N ARG D 350 -13.32 -57.48 51.13
CA ARG D 350 -13.27 -56.81 49.83
C ARG D 350 -13.14 -57.82 48.69
N SER D 351 -12.34 -58.87 48.89
CA SER D 351 -12.07 -59.84 47.84
C SER D 351 -13.33 -60.47 47.26
N ALA D 352 -14.46 -60.39 47.97
CA ALA D 352 -15.73 -60.89 47.47
C ALA D 352 -16.64 -59.80 46.93
N LEU D 353 -16.18 -58.56 46.83
CA LEU D 353 -17.01 -57.43 46.45
C LEU D 353 -16.49 -56.78 45.18
N LEU D 354 -17.39 -56.05 44.51
CA LEU D 354 -17.05 -55.19 43.39
C LEU D 354 -18.11 -54.11 43.24
N PRO D 355 -17.73 -52.83 43.35
CA PRO D 355 -18.70 -51.75 43.13
C PRO D 355 -19.09 -51.59 41.66
N THR D 356 -19.35 -52.70 40.97
CA THR D 356 -19.52 -52.74 39.51
C THR D 356 -20.35 -51.57 38.96
N ILE D 357 -20.08 -51.21 37.71
CA ILE D 357 -20.82 -50.17 37.00
C ILE D 357 -22.32 -50.46 37.10
N PRO D 358 -23.09 -49.56 37.71
CA PRO D 358 -24.54 -49.79 37.80
C PRO D 358 -25.23 -49.68 36.46
N ASP D 359 -25.57 -50.82 35.85
CA ASP D 359 -26.41 -50.82 34.67
C ASP D 359 -27.69 -50.06 34.99
N THR D 360 -27.65 -48.74 34.82
CA THR D 360 -28.68 -47.84 35.32
C THR D 360 -30.07 -48.29 34.86
N GLU D 361 -30.93 -48.57 35.83
CA GLU D 361 -32.27 -49.08 35.55
C GLU D 361 -33.19 -48.03 34.98
N ASP D 362 -32.67 -46.88 34.54
CA ASP D 362 -33.49 -45.88 33.86
C ASP D 362 -33.90 -46.42 32.50
N GLU D 363 -35.21 -46.45 32.24
CA GLU D 363 -35.70 -46.91 30.94
C GLU D 363 -35.23 -46.03 29.80
N ILE D 364 -34.77 -44.81 30.09
CA ILE D 364 -34.22 -43.93 29.07
C ILE D 364 -32.70 -43.91 29.05
N SER D 365 -32.05 -44.31 30.14
CA SER D 365 -30.58 -44.37 30.20
C SER D 365 -30.15 -45.73 30.73
N PRO D 366 -30.28 -46.79 29.92
CA PRO D 366 -29.83 -48.11 30.37
C PRO D 366 -28.33 -48.26 30.29
N ASP D 367 -27.77 -48.17 29.08
CA ASP D 367 -26.33 -48.17 28.90
C ASP D 367 -25.81 -46.74 29.11
N LYS D 368 -24.53 -46.52 28.83
CA LYS D 368 -23.91 -45.22 29.00
C LYS D 368 -22.52 -45.18 28.39
N VAL D 369 -21.51 -45.45 29.22
CA VAL D 369 -20.10 -45.37 28.83
C VAL D 369 -19.28 -46.08 29.89
N ILE D 370 -18.28 -46.85 29.48
CA ILE D 370 -17.48 -47.58 30.46
C ILE D 370 -16.04 -47.09 30.38
N LEU D 371 -15.84 -45.80 30.59
CA LEU D 371 -14.50 -45.23 30.66
C LEU D 371 -13.96 -45.41 32.07
N CYS D 372 -13.28 -46.53 32.31
CA CYS D 372 -12.66 -46.77 33.61
C CYS D 372 -11.34 -46.00 33.72
N LEU D 373 -11.45 -44.70 33.51
CA LEU D 373 -10.31 -43.80 33.66
C LEU D 373 -10.57 -42.85 34.83
N SER E 2 13.02 -44.12 11.02
CA SER E 2 12.66 -42.82 10.49
C SER E 2 13.82 -41.84 10.63
N TYR E 3 13.99 -40.99 9.63
CA TYR E 3 15.09 -40.02 9.58
C TYR E 3 14.55 -38.71 9.02
N ASN E 4 14.47 -37.69 9.88
CA ASN E 4 13.81 -36.43 9.54
C ASN E 4 14.76 -35.26 9.82
N TYR E 5 14.37 -34.09 9.32
CA TYR E 5 15.25 -32.92 9.27
C TYR E 5 14.48 -31.69 9.73
N VAL E 6 15.02 -30.97 10.70
CA VAL E 6 14.41 -29.77 11.24
C VAL E 6 15.36 -28.59 11.06
N VAL E 7 14.80 -27.44 10.69
CA VAL E 7 15.60 -26.25 10.40
C VAL E 7 14.79 -25.02 10.81
N THR E 8 15.49 -23.99 11.28
CA THR E 8 14.85 -22.73 11.66
C THR E 8 14.64 -21.86 10.43
N ALA E 9 13.39 -21.45 10.20
CA ALA E 9 13.08 -20.49 9.15
C ALA E 9 13.01 -19.06 9.66
N GLN E 10 12.39 -18.85 10.83
CA GLN E 10 12.29 -17.54 11.44
C GLN E 10 12.55 -17.67 12.94
N LYS E 11 13.51 -16.91 13.44
CA LYS E 11 13.89 -16.97 14.83
C LYS E 11 12.74 -16.50 15.73
N PRO E 12 12.73 -16.92 16.99
CA PRO E 12 11.65 -16.51 17.89
C PRO E 12 11.61 -15.00 18.05
N THR E 13 10.39 -14.46 18.17
CA THR E 13 10.19 -13.02 18.23
C THR E 13 9.76 -12.52 19.61
N ALA E 14 9.33 -13.39 20.51
CA ALA E 14 8.95 -12.96 21.85
C ALA E 14 10.17 -12.47 22.61
N VAL E 15 9.98 -11.43 23.42
CA VAL E 15 11.06 -10.79 24.16
C VAL E 15 10.93 -11.19 25.63
N ASN E 16 11.93 -11.92 26.12
CA ASN E 16 11.95 -12.42 27.49
C ASN E 16 12.93 -11.67 28.39
N GLY E 17 13.69 -10.74 27.85
CA GLY E 17 14.64 -9.99 28.65
C GLY E 17 15.28 -8.83 27.93
N CYS E 18 15.68 -7.81 28.68
CA CYS E 18 16.29 -6.61 28.11
C CYS E 18 17.13 -5.95 29.19
N VAL E 19 18.36 -5.54 28.83
CA VAL E 19 19.25 -4.88 29.76
C VAL E 19 20.00 -3.79 29.00
N THR E 20 20.42 -2.76 29.74
CA THR E 20 21.21 -1.67 29.20
C THR E 20 22.54 -1.59 29.92
N GLY E 21 23.55 -1.08 29.23
CA GLY E 21 24.87 -0.97 29.79
C GLY E 21 25.86 -0.52 28.75
N HIS E 22 27.12 -0.45 29.19
CA HIS E 22 28.21 0.03 28.36
C HIS E 22 29.07 -1.18 27.96
N PHE E 23 28.62 -1.88 26.93
CA PHE E 23 29.21 -3.15 26.50
C PHE E 23 30.09 -2.99 25.27
N THR E 24 29.61 -2.30 24.24
CA THR E 24 30.44 -2.07 23.06
C THR E 24 31.55 -1.08 23.33
N SER E 25 31.41 -0.25 24.38
CA SER E 25 32.46 0.63 24.86
C SER E 25 31.96 1.25 26.17
N ALA E 26 32.91 1.66 27.01
CA ALA E 26 32.54 2.31 28.26
C ALA E 26 31.75 3.58 28.02
N GLU E 27 31.95 4.22 26.86
CA GLU E 27 31.23 5.43 26.50
C GLU E 27 29.93 5.15 25.77
N ASP E 28 29.89 4.09 24.96
CA ASP E 28 28.67 3.73 24.25
C ASP E 28 27.60 3.26 25.22
N LEU E 29 26.35 3.51 24.86
CA LEU E 29 25.19 3.03 25.60
C LEU E 29 24.52 1.95 24.77
N ASN E 30 24.49 0.72 25.29
CA ASN E 30 24.01 -0.43 24.55
C ASN E 30 22.71 -0.94 25.13
N LEU E 31 21.89 -1.53 24.27
CA LEU E 31 20.71 -2.29 24.67
C LEU E 31 20.88 -3.73 24.21
N LEU E 32 20.75 -4.67 25.14
CA LEU E 32 20.90 -6.09 24.85
C LEU E 32 19.56 -6.78 24.99
N ILE E 33 19.19 -7.58 23.99
CA ILE E 33 17.88 -8.22 23.92
C ILE E 33 18.08 -9.73 23.91
N ALA E 34 17.30 -10.43 24.74
CA ALA E 34 17.27 -11.88 24.77
C ALA E 34 15.97 -12.37 24.15
N LYS E 35 16.08 -13.24 23.14
CA LYS E 35 14.93 -13.85 22.48
C LYS E 35 15.18 -15.36 22.42
N ASN E 36 14.94 -16.04 23.54
CA ASN E 36 15.07 -17.48 23.66
C ASN E 36 16.51 -17.92 23.38
N THR E 37 16.77 -18.40 22.16
CA THR E 37 18.10 -18.85 21.77
C THR E 37 18.92 -17.74 21.14
N ARG E 38 18.35 -16.56 20.94
CA ARG E 38 19.02 -15.46 20.29
C ARG E 38 19.37 -14.36 21.28
N LEU E 39 20.53 -13.74 21.08
CA LEU E 39 20.96 -12.59 21.87
C LEU E 39 21.26 -11.44 20.93
N GLU E 40 20.69 -10.28 21.21
CA GLU E 40 20.76 -9.12 20.34
C GLU E 40 21.46 -7.97 21.06
N ILE E 41 22.27 -7.21 20.32
CA ILE E 41 22.98 -6.05 20.85
C ILE E 41 22.57 -4.84 20.02
N TYR E 42 21.99 -3.83 20.69
CA TYR E 42 21.56 -2.61 20.05
C TYR E 42 22.23 -1.41 20.72
N VAL E 43 22.48 -0.37 19.92
CA VAL E 43 23.11 0.87 20.37
C VAL E 43 22.10 2.00 20.26
N VAL E 44 22.00 2.82 21.30
CA VAL E 44 21.07 3.94 21.32
C VAL E 44 21.61 5.06 20.43
N THR E 45 20.85 5.43 19.41
CA THR E 45 21.15 6.58 18.58
C THR E 45 20.29 7.76 19.00
N ALA E 46 20.51 8.90 18.35
CA ALA E 46 19.68 10.07 18.61
C ALA E 46 18.25 9.85 18.16
N GLU E 47 18.06 9.26 16.97
CA GLU E 47 16.72 9.01 16.46
C GLU E 47 16.12 7.73 17.04
N GLY E 48 16.96 6.75 17.36
CA GLY E 48 16.45 5.48 17.86
C GLY E 48 17.53 4.53 18.34
N LEU E 49 17.62 3.35 17.71
CA LEU E 49 18.52 2.30 18.16
C LEU E 49 19.32 1.77 16.98
N ARG E 50 20.63 1.63 17.18
CA ARG E 50 21.53 1.15 16.12
C ARG E 50 21.70 -0.35 16.25
N PRO E 51 21.19 -1.15 15.31
CA PRO E 51 21.46 -2.60 15.34
C PRO E 51 22.92 -2.86 15.07
N VAL E 52 23.53 -3.69 15.91
CA VAL E 52 24.96 -3.97 15.81
C VAL E 52 25.21 -5.46 15.67
N LYS E 53 24.76 -6.26 16.62
CA LYS E 53 25.13 -7.67 16.64
C LYS E 53 23.99 -8.51 17.19
N GLU E 54 23.77 -9.66 16.55
CA GLU E 54 22.82 -10.66 16.99
C GLU E 54 23.50 -12.02 16.93
N VAL E 55 23.40 -12.79 18.02
CA VAL E 55 24.05 -14.09 18.10
C VAL E 55 23.03 -15.14 18.53
N GLY E 56 23.41 -16.40 18.32
CA GLY E 56 22.59 -17.52 18.74
C GLY E 56 23.33 -18.37 19.75
N MET E 57 22.60 -18.87 20.75
CA MET E 57 23.18 -19.63 21.83
C MET E 57 22.67 -21.07 21.82
N TYR E 58 23.52 -21.99 22.23
CA TYR E 58 23.13 -23.37 22.47
C TYR E 58 22.60 -23.57 23.88
N GLY E 59 21.63 -22.74 24.24
CA GLY E 59 21.01 -22.79 25.55
C GLY E 59 19.85 -21.84 25.60
N LYS E 60 18.90 -22.15 26.48
CA LYS E 60 17.73 -21.30 26.69
C LYS E 60 18.04 -20.28 27.76
N ILE E 61 18.07 -19.00 27.39
CA ILE E 61 18.54 -17.93 28.27
C ILE E 61 17.50 -17.69 29.36
N ALA E 62 17.93 -17.85 30.61
CA ALA E 62 17.07 -17.65 31.77
C ALA E 62 17.43 -16.42 32.58
N VAL E 63 18.73 -16.11 32.73
CA VAL E 63 19.18 -14.95 33.46
C VAL E 63 20.21 -14.21 32.61
N MET E 64 20.10 -12.89 32.56
CA MET E 64 21.00 -12.05 31.77
C MET E 64 21.21 -10.74 32.51
N GLU E 65 22.42 -10.52 33.03
CA GLU E 65 22.73 -9.31 33.78
C GLU E 65 24.13 -8.85 33.45
N LEU E 66 24.30 -7.54 33.37
CA LEU E 66 25.59 -6.89 33.09
C LEU E 66 26.24 -6.43 34.40
N PHE E 67 27.56 -6.29 34.35
CA PHE E 67 28.31 -5.87 35.54
C PHE E 67 29.65 -5.30 35.11
N ARG E 68 30.27 -4.56 36.03
CA ARG E 68 31.55 -3.88 35.78
C ARG E 68 32.60 -4.37 36.77
N PRO E 69 33.50 -5.26 36.37
CA PRO E 69 34.46 -5.83 37.32
C PRO E 69 35.50 -4.80 37.75
N LYS E 70 36.12 -5.09 38.90
CA LYS E 70 37.15 -4.24 39.49
C LYS E 70 38.26 -3.90 38.49
N GLY E 71 38.37 -2.63 38.11
CA GLY E 71 39.40 -2.20 37.20
C GLY E 71 39.29 -2.79 35.81
N GLU E 72 38.14 -2.58 35.16
CA GLU E 72 37.91 -3.11 33.84
C GLU E 72 37.39 -2.01 32.92
N SER E 73 37.57 -2.23 31.62
CA SER E 73 37.30 -1.19 30.63
C SER E 73 35.81 -0.87 30.54
N LYS E 74 34.97 -1.90 30.47
CA LYS E 74 33.56 -1.70 30.17
C LYS E 74 32.74 -2.74 30.92
N ASP E 75 31.43 -2.68 30.72
CA ASP E 75 30.53 -3.65 31.33
C ASP E 75 30.76 -5.04 30.76
N LEU E 76 30.77 -6.04 31.63
CA LEU E 76 30.87 -7.43 31.21
C LEU E 76 29.53 -8.12 31.43
N LEU E 77 29.29 -9.18 30.66
CA LEU E 77 27.98 -9.82 30.59
C LEU E 77 28.06 -11.23 31.16
N PHE E 78 27.11 -11.57 32.02
CA PHE E 78 26.94 -12.92 32.52
C PHE E 78 25.63 -13.51 32.00
N ILE E 79 25.68 -14.76 31.57
CA ILE E 79 24.52 -15.46 31.03
C ILE E 79 24.43 -16.83 31.66
N LEU E 80 23.23 -17.24 32.05
CA LEU E 80 22.98 -18.58 32.56
C LEU E 80 21.82 -19.18 31.78
N THR E 81 22.02 -20.38 31.26
CA THR E 81 21.03 -21.04 30.43
C THR E 81 20.03 -21.83 31.28
N ALA E 82 18.94 -22.25 30.63
CA ALA E 82 17.97 -23.11 31.30
C ALA E 82 18.55 -24.48 31.60
N LYS E 83 19.47 -24.96 30.76
CA LYS E 83 20.24 -26.16 31.03
C LYS E 83 21.41 -25.91 31.96
N TYR E 84 21.42 -24.76 32.64
CA TYR E 84 22.32 -24.44 33.73
C TYR E 84 23.76 -24.21 33.28
N ASN E 85 23.97 -23.90 32.00
CA ASN E 85 25.29 -23.47 31.53
C ASN E 85 25.48 -22.00 31.87
N ALA E 86 26.61 -21.68 32.49
CA ALA E 86 26.98 -20.30 32.79
C ALA E 86 28.11 -19.88 31.86
N CYS E 87 28.16 -18.57 31.57
CA CYS E 87 29.20 -18.03 30.72
C CYS E 87 29.30 -16.54 30.94
N ILE E 88 30.51 -16.01 30.77
CA ILE E 88 30.79 -14.58 30.94
C ILE E 88 31.35 -14.07 29.62
N LEU E 89 30.75 -12.99 29.11
CA LEU E 89 31.03 -12.51 27.77
C LEU E 89 31.59 -11.10 27.83
N GLU E 90 32.50 -10.81 26.90
CA GLU E 90 33.11 -9.49 26.75
C GLU E 90 33.03 -9.09 25.29
N TYR E 91 32.62 -7.84 25.04
CA TYR E 91 32.49 -7.38 23.67
C TYR E 91 33.86 -7.15 23.07
N LYS E 92 34.10 -7.75 21.91
CA LYS E 92 35.40 -7.72 21.27
C LYS E 92 35.27 -7.18 19.86
N GLN E 93 36.04 -6.15 19.54
CA GLN E 93 36.15 -5.61 18.19
C GLN E 93 37.53 -5.93 17.64
N SER E 94 37.57 -6.58 16.47
CA SER E 94 38.82 -6.86 15.76
C SER E 94 38.65 -6.29 14.34
N GLY E 95 38.78 -4.98 14.23
CA GLY E 95 38.58 -4.33 12.94
C GLY E 95 37.16 -4.49 12.45
N GLU E 96 37.02 -5.13 11.29
CA GLU E 96 35.71 -5.38 10.69
C GLU E 96 35.05 -6.65 11.21
N SER E 97 35.81 -7.54 11.85
CA SER E 97 35.27 -8.77 12.39
C SER E 97 34.76 -8.53 13.79
N ILE E 98 33.56 -9.04 14.08
CA ILE E 98 32.90 -8.84 15.36
C ILE E 98 32.90 -10.18 16.11
N ASP E 99 33.30 -10.14 17.37
CA ASP E 99 33.46 -11.35 18.16
C ASP E 99 32.94 -11.14 19.57
N ILE E 100 32.32 -12.19 20.11
CA ILE E 100 31.91 -12.24 21.52
C ILE E 100 32.75 -13.33 22.17
N ILE E 101 33.63 -12.94 23.07
CA ILE E 101 34.60 -13.88 23.64
C ILE E 101 34.02 -14.51 24.90
N THR E 102 34.36 -15.78 25.10
CA THR E 102 33.97 -16.52 26.30
C THR E 102 35.15 -16.50 27.27
N ARG E 103 35.10 -15.60 28.25
CA ARG E 103 36.18 -15.51 29.21
C ARG E 103 36.18 -16.71 30.16
N ALA E 104 35.01 -17.22 30.48
CA ALA E 104 34.89 -18.42 31.31
C ALA E 104 33.50 -19.01 31.10
N HIS E 105 33.38 -20.31 31.33
CA HIS E 105 32.12 -21.01 31.14
C HIS E 105 32.07 -22.21 32.06
N GLY E 106 30.88 -22.77 32.21
CA GLY E 106 30.69 -23.94 33.04
C GLY E 106 29.24 -24.14 33.39
N ASN E 107 28.93 -25.37 33.78
CA ASN E 107 27.58 -25.73 34.21
C ASN E 107 27.56 -25.82 35.73
N VAL E 108 26.53 -25.26 36.34
CA VAL E 108 26.44 -25.15 37.79
C VAL E 108 25.36 -26.06 38.38
N GLN E 109 24.92 -27.07 37.62
CA GLN E 109 23.91 -27.98 38.12
C GLN E 109 24.45 -28.82 39.27
N ASP E 110 23.54 -29.25 40.15
CA ASP E 110 23.85 -30.23 41.17
C ASP E 110 23.05 -31.49 40.88
N ARG E 111 23.70 -32.65 41.04
CA ARG E 111 23.07 -33.92 40.70
C ARG E 111 21.76 -34.10 41.47
N ILE E 112 21.78 -33.86 42.78
CA ILE E 112 20.61 -34.03 43.63
C ILE E 112 20.15 -32.66 44.08
N GLY E 113 18.86 -32.37 43.88
CA GLY E 113 18.30 -31.08 44.26
C GLY E 113 16.89 -30.92 43.74
N ARG E 114 15.99 -30.40 44.58
CA ARG E 114 14.60 -30.23 44.19
C ARG E 114 14.41 -28.81 43.68
N PRO E 115 14.15 -28.61 42.39
CA PRO E 115 14.06 -27.25 41.83
C PRO E 115 12.99 -26.42 42.51
N SER E 116 13.35 -25.17 42.83
CA SER E 116 12.46 -24.26 43.54
C SER E 116 11.23 -23.92 42.70
N GLU E 117 10.15 -23.54 43.40
CA GLU E 117 8.90 -23.19 42.73
C GLU E 117 8.99 -21.85 42.01
N THR E 118 9.62 -20.85 42.64
CA THR E 118 9.68 -19.51 42.07
C THR E 118 10.71 -19.37 40.96
N GLY E 119 11.21 -20.48 40.43
CA GLY E 119 12.04 -20.43 39.24
C GLY E 119 13.45 -19.95 39.50
N ILE E 120 14.19 -19.81 38.40
CA ILE E 120 15.59 -19.43 38.46
C ILE E 120 15.72 -17.95 38.82
N ILE E 121 16.69 -17.63 39.66
CA ILE E 121 16.99 -16.26 40.06
C ILE E 121 18.50 -16.05 39.92
N GLY E 122 18.89 -15.00 39.21
CA GLY E 122 20.29 -14.66 39.04
C GLY E 122 20.58 -13.23 39.43
N ILE E 123 21.49 -13.04 40.39
CA ILE E 123 21.80 -11.73 40.92
C ILE E 123 23.31 -11.59 41.04
N ILE E 124 23.78 -10.34 40.91
CA ILE E 124 25.19 -10.00 41.03
C ILE E 124 25.33 -8.90 42.07
N ASP E 125 26.33 -9.03 42.94
CA ASP E 125 26.52 -8.06 44.00
C ASP E 125 26.97 -6.72 43.41
N PRO E 126 26.66 -5.60 44.09
CA PRO E 126 27.02 -4.28 43.52
C PRO E 126 28.51 -4.10 43.32
N GLU E 127 29.34 -4.70 44.17
CA GLU E 127 30.79 -4.60 44.02
C GLU E 127 31.32 -5.42 42.86
N CYS E 128 30.46 -6.23 42.23
CA CYS E 128 30.88 -7.13 41.14
C CYS E 128 31.88 -8.15 41.66
N ARG E 129 31.69 -8.58 42.90
CA ARG E 129 32.52 -9.57 43.57
C ARG E 129 32.04 -10.99 43.36
N MET E 130 30.73 -11.20 43.23
CA MET E 130 30.20 -12.56 43.26
C MET E 130 28.85 -12.58 42.55
N ILE E 131 28.43 -13.80 42.19
CA ILE E 131 27.15 -14.04 41.53
C ILE E 131 26.28 -14.85 42.47
N GLY E 132 25.04 -14.41 42.65
CA GLY E 132 24.08 -15.13 43.48
C GLY E 132 23.10 -15.88 42.61
N LEU E 133 22.85 -17.13 42.98
CA LEU E 133 21.95 -17.99 42.22
C LEU E 133 21.07 -18.78 43.18
N ARG E 134 19.77 -18.79 42.90
CA ARG E 134 18.80 -19.59 43.65
C ARG E 134 18.20 -20.58 42.64
N LEU E 135 18.66 -21.82 42.71
CA LEU E 135 18.22 -22.87 41.80
C LEU E 135 17.36 -23.93 42.49
N TYR E 136 17.75 -24.39 43.67
CA TYR E 136 16.99 -25.36 44.43
C TYR E 136 16.68 -24.82 45.81
N ASP E 137 15.53 -25.24 46.35
CA ASP E 137 15.11 -24.76 47.65
C ASP E 137 16.09 -25.21 48.73
N GLY E 138 16.37 -24.31 49.67
CA GLY E 138 17.29 -24.62 50.74
C GLY E 138 18.76 -24.60 50.37
N LEU E 139 19.09 -24.19 49.15
CA LEU E 139 20.47 -24.11 48.70
C LEU E 139 20.67 -22.82 47.92
N PHE E 140 21.89 -22.27 48.03
CA PHE E 140 22.21 -21.00 47.38
C PHE E 140 23.64 -21.08 46.86
N LYS E 141 23.78 -21.18 45.54
CA LYS E 141 25.09 -21.26 44.91
C LYS E 141 25.78 -19.90 44.85
N VAL E 142 27.09 -19.89 45.06
CA VAL E 142 27.89 -18.68 45.08
C VAL E 142 29.10 -18.87 44.19
N ILE E 143 29.31 -17.93 43.27
CA ILE E 143 30.49 -17.91 42.40
C ILE E 143 31.22 -16.59 42.64
N PRO E 144 32.51 -16.61 43.01
CA PRO E 144 33.26 -15.37 43.22
C PRO E 144 33.51 -14.60 41.92
N LEU E 152 34.89 -21.88 36.52
CA LEU E 152 33.79 -21.30 37.29
C LEU E 152 33.36 -22.21 38.43
N LYS E 153 34.29 -22.51 39.33
CA LYS E 153 33.97 -23.33 40.49
C LYS E 153 33.02 -22.59 41.42
N ALA E 154 32.09 -23.33 42.03
CA ALA E 154 31.07 -22.74 42.89
C ALA E 154 30.85 -23.62 44.10
N PHE E 155 30.17 -23.06 45.10
CA PHE E 155 29.80 -23.78 46.31
C PHE E 155 28.39 -23.39 46.73
N ASN E 156 27.71 -24.31 47.41
CA ASN E 156 26.36 -24.10 47.91
C ASN E 156 26.38 -23.83 49.40
N ILE E 157 25.38 -23.07 49.87
CA ILE E 157 25.19 -22.81 51.30
C ILE E 157 23.76 -23.18 51.67
N ARG E 158 23.58 -23.65 52.90
CA ARG E 158 22.29 -24.11 53.38
C ARG E 158 21.36 -22.94 53.70
N LEU E 159 20.06 -23.18 53.52
CA LEU E 159 19.02 -22.20 53.81
C LEU E 159 17.87 -22.89 54.53
N GLU E 160 17.50 -22.37 55.71
CA GLU E 160 16.35 -22.91 56.42
C GLU E 160 15.03 -22.49 55.77
N GLU E 161 15.02 -21.36 55.08
CA GLU E 161 13.83 -20.89 54.36
C GLU E 161 13.76 -21.61 53.02
N LEU E 162 12.75 -22.46 52.86
CA LEU E 162 12.67 -23.38 51.73
C LEU E 162 11.70 -22.91 50.65
N HIS E 163 11.19 -21.68 50.72
CA HIS E 163 10.23 -21.17 49.74
C HIS E 163 10.52 -19.67 49.53
N VAL E 164 11.66 -19.38 48.92
CA VAL E 164 12.05 -18.00 48.65
C VAL E 164 11.28 -17.47 47.46
N ILE E 165 10.77 -16.25 47.59
CA ILE E 165 10.02 -15.61 46.51
C ILE E 165 10.92 -14.77 45.61
N ASP E 166 11.68 -13.84 46.22
CA ASP E 166 12.59 -13.01 45.45
C ASP E 166 13.70 -12.52 46.36
N VAL E 167 14.89 -12.33 45.77
CA VAL E 167 16.06 -11.88 46.52
C VAL E 167 16.92 -11.03 45.60
N LYS E 168 17.53 -9.98 46.17
CA LYS E 168 18.42 -9.10 45.43
C LYS E 168 19.58 -8.70 46.32
N PHE E 169 20.68 -8.30 45.69
CA PHE E 169 21.86 -7.82 46.42
C PHE E 169 21.65 -6.38 46.86
N LEU E 170 21.92 -6.12 48.13
CA LEU E 170 21.78 -4.78 48.68
C LEU E 170 22.98 -3.91 48.30
N TYR E 171 22.73 -2.60 48.24
CA TYR E 171 23.77 -1.61 48.02
C TYR E 171 24.31 -1.11 49.36
N GLY E 172 25.58 -0.68 49.34
CA GLY E 172 26.20 -0.03 50.47
C GLY E 172 26.22 -0.79 51.77
N CYS E 173 27.02 -1.85 51.84
CA CYS E 173 27.24 -2.58 53.08
C CYS E 173 28.72 -2.89 53.21
N GLN E 174 29.14 -3.22 54.43
CA GLN E 174 30.55 -3.52 54.67
C GLN E 174 30.97 -4.78 53.92
N ALA E 175 30.07 -5.75 53.84
CA ALA E 175 30.23 -6.95 53.03
C ALA E 175 28.95 -7.17 52.25
N PRO E 176 29.02 -7.85 51.09
CA PRO E 176 27.81 -8.14 50.31
C PRO E 176 26.72 -8.80 51.14
N THR E 177 25.54 -8.18 51.15
CA THR E 177 24.41 -8.61 51.97
C THR E 177 23.18 -8.79 51.09
N ILE E 178 22.46 -9.88 51.31
CA ILE E 178 21.27 -10.19 50.52
C ILE E 178 20.03 -10.10 51.40
N CYS E 179 18.93 -9.69 50.79
CA CYS E 179 17.63 -9.63 51.45
C CYS E 179 16.61 -10.34 50.58
N PHE E 180 15.85 -11.24 51.19
CA PHE E 180 14.91 -12.09 50.48
C PHE E 180 13.56 -12.08 51.19
N VAL E 181 12.53 -12.51 50.46
CA VAL E 181 11.19 -12.67 51.01
C VAL E 181 10.83 -14.14 50.93
N TYR E 182 10.53 -14.74 52.08
CA TYR E 182 10.17 -16.15 52.16
C TYR E 182 8.78 -16.28 52.76
N GLN E 183 8.19 -17.46 52.57
CA GLN E 183 6.89 -17.80 53.15
C GLN E 183 7.02 -19.09 53.94
N ASP E 184 6.77 -19.01 55.24
CA ASP E 184 6.68 -20.17 56.10
C ASP E 184 5.22 -20.54 56.32
N PRO E 185 4.94 -21.74 56.85
CA PRO E 185 3.54 -22.14 57.06
C PRO E 185 2.82 -21.33 58.13
N GLN E 186 3.34 -20.13 58.46
CA GLN E 186 2.70 -19.28 59.45
C GLN E 186 2.65 -17.82 59.01
N GLY E 187 2.83 -17.54 57.73
CA GLY E 187 2.73 -16.20 57.18
C GLY E 187 3.81 -15.94 56.16
N ARG E 188 4.05 -14.66 55.89
CA ARG E 188 5.05 -14.21 54.93
C ARG E 188 5.92 -13.14 55.56
N HIS E 189 7.23 -13.28 55.45
CA HIS E 189 8.17 -12.38 56.13
C HIS E 189 9.34 -12.06 55.22
N VAL E 190 10.04 -10.98 55.56
CA VAL E 190 11.26 -10.57 54.86
C VAL E 190 12.44 -10.75 55.80
N LYS E 191 13.61 -10.99 55.23
CA LYS E 191 14.79 -11.31 56.03
C LYS E 191 16.03 -10.88 55.26
N THR E 192 17.18 -10.97 55.93
CA THR E 192 18.46 -10.56 55.36
C THR E 192 19.53 -11.58 55.71
N TYR E 193 20.63 -11.54 54.95
CA TYR E 193 21.77 -12.44 55.17
C TYR E 193 23.02 -11.78 54.62
N GLU E 194 24.11 -11.89 55.37
CA GLU E 194 25.41 -11.37 54.95
C GLU E 194 26.28 -12.50 54.43
N VAL E 195 27.23 -12.14 53.56
CA VAL E 195 28.05 -13.11 52.84
C VAL E 195 29.49 -13.00 53.32
N SER E 196 30.11 -14.15 53.59
CA SER E 196 31.52 -14.24 53.93
C SER E 196 32.16 -15.27 53.02
N LEU E 197 32.86 -14.80 51.99
CA LEU E 197 33.52 -15.71 51.05
C LEU E 197 34.63 -16.50 51.74
N ARG E 198 35.49 -15.80 52.50
CA ARG E 198 36.61 -16.47 53.16
C ARG E 198 36.14 -17.59 54.08
N GLU E 199 34.99 -17.44 54.73
CA GLU E 199 34.47 -18.48 55.60
C GLU E 199 33.52 -19.43 54.88
N LYS E 200 32.93 -19.01 53.76
CA LYS E 200 31.94 -19.80 53.03
C LYS E 200 30.76 -20.20 53.92
N GLU E 201 30.29 -19.25 54.72
CA GLU E 201 29.19 -19.53 55.66
C GLU E 201 28.36 -18.27 55.82
N PHE E 202 27.18 -18.44 56.41
CA PHE E 202 26.23 -17.35 56.58
C PHE E 202 26.41 -16.66 57.93
N ASN E 203 26.19 -15.35 57.94
CA ASN E 203 26.12 -14.56 59.15
C ASN E 203 24.76 -13.88 59.25
N LYS E 204 24.52 -13.23 60.38
CA LYS E 204 23.22 -12.63 60.67
C LYS E 204 23.05 -11.34 59.88
N GLY E 205 21.85 -11.16 59.33
CA GLY E 205 21.53 -9.98 58.55
C GLY E 205 21.45 -8.72 59.38
N PRO E 206 21.72 -7.56 58.77
CA PRO E 206 21.79 -6.31 59.53
C PRO E 206 20.47 -5.92 60.18
N TRP E 207 19.34 -6.35 59.64
CA TRP E 207 18.04 -6.01 60.19
C TRP E 207 17.06 -7.09 59.79
N LYS E 208 15.77 -6.88 60.11
CA LYS E 208 14.77 -7.92 59.99
C LYS E 208 13.39 -7.36 60.30
N GLN E 209 12.41 -7.74 59.48
CA GLN E 209 11.01 -7.41 59.71
C GLN E 209 10.20 -8.69 59.64
N GLU E 210 9.63 -9.11 60.76
CA GLU E 210 9.02 -10.43 60.90
C GLU E 210 7.75 -10.61 60.08
N ASN E 211 7.21 -9.55 59.47
CA ASN E 211 5.96 -9.66 58.74
C ASN E 211 6.02 -8.83 57.47
N VAL E 212 5.23 -9.25 56.48
CA VAL E 212 5.09 -8.53 55.21
C VAL E 212 3.76 -8.93 54.59
N GLU E 213 3.38 -8.26 53.50
CA GLU E 213 2.08 -8.51 52.88
C GLU E 213 1.94 -9.97 52.48
N ALA E 214 0.70 -10.46 52.53
CA ALA E 214 0.42 -11.85 52.20
C ALA E 214 0.61 -12.15 50.72
N GLU E 215 0.62 -11.13 49.86
CA GLU E 215 0.82 -11.29 48.43
C GLU E 215 2.11 -10.62 47.96
N ALA E 216 3.12 -10.56 48.83
CA ALA E 216 4.41 -10.00 48.45
C ALA E 216 5.02 -10.79 47.30
N SER E 217 5.43 -10.06 46.26
CA SER E 217 5.92 -10.69 45.04
C SER E 217 7.19 -10.08 44.46
N MET E 218 7.49 -8.81 44.72
CA MET E 218 8.62 -8.13 44.10
C MET E 218 9.55 -7.57 45.16
N VAL E 219 10.86 -7.70 44.92
CA VAL E 219 11.90 -7.18 45.79
C VAL E 219 12.86 -6.36 44.93
N ILE E 220 13.04 -5.10 45.29
CA ILE E 220 13.94 -4.19 44.57
C ILE E 220 14.88 -3.54 45.57
N ALA E 221 16.18 -3.67 45.31
CA ALA E 221 17.20 -3.07 46.17
C ALA E 221 17.55 -1.68 45.68
N VAL E 222 17.44 -0.69 46.58
CA VAL E 222 17.61 0.71 46.21
C VAL E 222 19.09 1.05 46.19
N PRO E 223 19.58 1.85 45.22
CA PRO E 223 21.01 2.15 45.14
C PRO E 223 21.59 2.91 46.32
N GLU E 224 22.84 3.37 46.14
CA GLU E 224 23.66 3.81 47.26
C GLU E 224 23.13 5.02 48.01
N PRO E 225 22.61 6.08 47.38
CA PRO E 225 22.11 7.23 48.17
C PRO E 225 21.06 6.86 49.23
N PHE E 226 20.07 6.07 48.86
CA PHE E 226 19.04 5.65 49.81
C PHE E 226 19.43 4.39 50.58
N GLY E 227 19.72 3.31 49.86
CA GLY E 227 19.86 2.01 50.48
C GLY E 227 18.52 1.37 50.76
N GLY E 228 18.57 0.18 51.35
CA GLY E 228 17.36 -0.54 51.68
C GLY E 228 16.78 -1.27 50.48
N ALA E 229 15.53 -1.71 50.63
CA ALA E 229 14.87 -2.52 49.62
C ALA E 229 13.39 -2.14 49.52
N ILE E 230 12.86 -2.16 48.31
CA ILE E 230 11.45 -1.93 48.05
C ILE E 230 10.74 -3.26 47.94
N ILE E 231 9.61 -3.40 48.61
CA ILE E 231 8.79 -4.61 48.59
C ILE E 231 7.46 -4.28 47.95
N ILE E 232 7.03 -5.10 46.99
CA ILE E 232 5.84 -4.84 46.21
C ILE E 232 4.94 -6.08 46.23
N GLY E 233 3.65 -5.86 46.45
CA GLY E 233 2.64 -6.90 46.32
C GLY E 233 1.47 -6.41 45.49
N GLN E 234 0.31 -7.06 45.63
CA GLN E 234 -0.88 -6.57 44.92
C GLN E 234 -1.38 -5.26 45.53
N GLU E 235 -1.26 -5.13 46.86
CA GLU E 235 -1.87 -4.01 47.57
C GLU E 235 -0.87 -3.05 48.21
N SER E 236 0.28 -3.52 48.66
CA SER E 236 1.19 -2.71 49.47
C SER E 236 2.53 -2.51 48.79
N ILE E 237 3.08 -1.31 48.95
CA ILE E 237 4.46 -1.00 48.58
C ILE E 237 5.13 -0.49 49.85
N THR E 238 6.09 -1.27 50.36
CA THR E 238 6.71 -0.98 51.65
C THR E 238 8.20 -0.72 51.47
N TYR E 239 8.76 -0.01 52.45
CA TYR E 239 10.19 0.24 52.53
C TYR E 239 10.71 -0.17 53.90
N HIS E 240 11.88 -0.79 53.92
CA HIS E 240 12.49 -1.24 55.18
C HIS E 240 13.98 -0.91 55.15
N ASN E 241 14.46 -0.25 56.21
CA ASN E 241 15.88 0.06 56.36
C ASN E 241 16.20 0.04 57.86
N GLY E 242 16.26 -1.16 58.43
CA GLY E 242 16.50 -1.29 59.85
C GLY E 242 15.30 -0.87 60.67
N ASP E 243 15.29 0.38 61.12
CA ASP E 243 14.16 0.93 61.84
C ASP E 243 13.33 1.91 61.03
N LYS E 244 13.79 2.29 59.84
CA LYS E 244 12.96 3.08 58.94
C LYS E 244 12.00 2.15 58.22
N TYR E 245 10.72 2.50 58.21
CA TYR E 245 9.69 1.57 57.75
C TYR E 245 8.54 2.37 57.15
N LEU E 246 8.22 2.10 55.89
CA LEU E 246 7.18 2.81 55.17
C LEU E 246 6.17 1.83 54.58
N ALA E 247 4.98 2.35 54.29
CA ALA E 247 3.91 1.55 53.72
C ALA E 247 2.90 2.47 53.04
N ILE E 248 2.42 2.05 51.86
CA ILE E 248 1.40 2.77 51.11
C ILE E 248 0.45 1.76 50.49
N ALA E 249 -0.74 2.24 50.11
CA ALA E 249 -1.78 1.40 49.52
C ALA E 249 -2.56 2.20 48.48
N PRO E 250 -1.96 2.47 47.33
CA PRO E 250 -2.69 3.21 46.29
C PRO E 250 -3.77 2.37 45.67
N PRO E 251 -4.83 2.99 45.14
CA PRO E 251 -5.92 2.22 44.54
C PRO E 251 -5.58 1.70 43.15
N ILE E 252 -4.86 2.48 42.36
CA ILE E 252 -4.58 2.15 40.97
C ILE E 252 -3.81 0.84 40.81
N ILE E 253 -3.31 0.26 41.90
CA ILE E 253 -2.50 -0.95 41.83
C ILE E 253 -3.29 -2.21 42.19
N LYS E 254 -4.37 -2.08 42.97
CA LYS E 254 -5.14 -3.25 43.38
C LYS E 254 -5.82 -3.95 42.20
N GLN E 255 -5.89 -3.31 41.04
CA GLN E 255 -6.54 -3.92 39.88
C GLN E 255 -5.70 -5.02 39.24
N SER E 256 -4.38 -4.92 39.32
CA SER E 256 -3.51 -5.89 38.66
C SER E 256 -2.19 -5.99 39.42
N THR E 257 -1.66 -7.20 39.51
CA THR E 257 -0.43 -7.44 40.26
C THR E 257 0.76 -6.85 39.52
N ILE E 258 1.67 -6.24 40.28
CA ILE E 258 2.91 -5.69 39.72
C ILE E 258 3.89 -6.82 39.50
N VAL E 259 4.57 -6.82 38.35
CA VAL E 259 5.30 -8.00 37.90
C VAL E 259 6.72 -7.69 37.44
N CYS E 260 6.92 -6.56 36.78
CA CYS E 260 8.22 -6.23 36.22
C CYS E 260 8.54 -4.76 36.45
N HIS E 261 9.83 -4.45 36.48
CA HIS E 261 10.29 -3.12 36.88
C HIS E 261 11.62 -2.82 36.21
N ASN E 262 12.19 -1.66 36.58
CA ASN E 262 13.48 -1.19 36.07
C ASN E 262 13.87 0.06 36.83
N ARG E 263 15.17 0.26 37.01
CA ARG E 263 15.69 1.48 37.63
C ARG E 263 15.83 2.55 36.56
N VAL E 264 15.28 3.73 36.84
CA VAL E 264 15.32 4.84 35.87
C VAL E 264 16.60 5.66 36.05
N ASP E 265 16.83 6.16 37.27
CA ASP E 265 17.99 7.00 37.53
C ASP E 265 18.97 6.30 38.46
N PRO E 266 20.27 6.35 38.14
CA PRO E 266 21.26 5.73 39.03
C PRO E 266 21.27 6.28 40.44
N ASN E 267 20.81 7.51 40.65
CA ASN E 267 20.70 8.03 42.00
C ASN E 267 19.53 7.42 42.76
N GLY E 268 18.63 6.72 42.06
CA GLY E 268 17.62 5.92 42.73
C GLY E 268 16.38 6.66 43.19
N SER E 269 15.95 7.69 42.47
CA SER E 269 14.77 8.43 42.86
C SER E 269 13.51 8.00 42.11
N ARG E 270 13.64 7.36 40.96
CA ARG E 270 12.49 6.99 40.15
C ARG E 270 12.63 5.57 39.62
N TYR E 271 11.56 4.80 39.74
CA TYR E 271 11.47 3.45 39.19
C TYR E 271 10.20 3.33 38.36
N LEU E 272 10.24 2.40 37.40
CA LEU E 272 9.08 2.07 36.59
C LEU E 272 8.50 0.74 37.03
N LEU E 273 7.17 0.63 37.01
CA LEU E 273 6.47 -0.59 37.37
C LEU E 273 5.42 -0.90 36.32
N GLY E 274 5.34 -2.16 35.93
CA GLY E 274 4.34 -2.62 34.98
C GLY E 274 3.52 -3.76 35.56
N ASP E 275 2.27 -3.86 35.11
CA ASP E 275 1.36 -4.91 35.56
C ASP E 275 1.27 -6.02 34.52
N MET E 276 0.41 -7.00 34.79
CA MET E 276 0.20 -8.13 33.89
C MET E 276 -0.60 -7.76 32.65
N GLU E 277 -1.08 -6.53 32.54
CA GLU E 277 -2.07 -6.18 31.54
C GLU E 277 -1.65 -5.04 30.61
N GLY E 278 -0.44 -4.52 30.75
CA GLY E 278 0.04 -3.46 29.90
C GLY E 278 -0.02 -2.07 30.51
N ARG E 279 -0.56 -1.94 31.73
CA ARG E 279 -0.54 -0.66 32.41
C ARG E 279 0.87 -0.36 32.93
N LEU E 280 1.30 0.88 32.71
CA LEU E 280 2.64 1.31 33.11
C LEU E 280 2.52 2.36 34.21
N PHE E 281 3.23 2.14 35.32
CA PHE E 281 3.24 3.05 36.45
C PHE E 281 4.63 3.61 36.65
N MET E 282 4.71 4.72 37.38
CA MET E 282 5.96 5.33 37.76
C MET E 282 6.07 5.37 39.27
N LEU E 283 7.23 5.00 39.80
CA LEU E 283 7.52 5.12 41.21
C LEU E 283 8.36 6.37 41.43
N LEU E 284 7.87 7.28 42.26
CA LEU E 284 8.55 8.53 42.57
C LEU E 284 8.91 8.56 44.04
N LEU E 285 10.13 8.98 44.35
CA LEU E 285 10.59 9.08 45.72
C LEU E 285 10.58 10.54 46.15
N GLU E 286 9.73 10.86 47.12
CA GLU E 286 9.68 12.19 47.72
C GLU E 286 10.61 12.18 48.93
N LYS E 287 11.82 12.66 48.74
CA LYS E 287 12.85 12.59 49.79
C LYS E 287 12.72 13.76 50.78
N THR E 296 17.32 11.94 53.36
CA THR E 296 16.31 11.03 53.88
C THR E 296 15.07 11.02 53.00
N LEU E 297 14.26 9.97 53.12
CA LEU E 297 13.08 9.78 52.29
C LEU E 297 11.82 10.09 53.09
N LYS E 298 11.01 11.02 52.59
CA LYS E 298 9.77 11.41 53.28
C LYS E 298 8.63 10.46 52.94
N ASP E 299 8.30 10.32 51.66
CA ASP E 299 7.10 9.58 51.26
C ASP E 299 7.34 8.92 49.91
N LEU E 300 6.41 8.05 49.54
CA LEU E 300 6.39 7.37 48.25
C LEU E 300 5.16 7.81 47.48
N ARG E 301 5.28 7.89 46.16
CA ARG E 301 4.19 8.38 45.34
C ARG E 301 4.20 7.69 43.98
N VAL E 302 3.02 7.20 43.57
CA VAL E 302 2.85 6.50 42.30
C VAL E 302 1.85 7.26 41.46
N GLU E 303 2.07 7.25 40.14
CA GLU E 303 1.19 7.93 39.20
C GLU E 303 1.14 7.11 37.91
N LEU E 304 -0.06 6.95 37.36
CA LEU E 304 -0.23 6.19 36.13
C LEU E 304 0.32 6.97 34.93
N LEU E 305 1.06 6.27 34.08
CA LEU E 305 1.67 6.88 32.88
C LEU E 305 0.91 6.54 31.60
N GLY E 306 0.40 5.33 31.47
CA GLY E 306 -0.34 4.96 30.28
C GLY E 306 -0.37 3.45 30.10
N GLU E 307 -0.82 3.06 28.90
CA GLU E 307 -0.94 1.66 28.54
C GLU E 307 0.01 1.32 27.39
N THR E 308 0.64 0.15 27.50
CA THR E 308 1.54 -0.38 26.48
C THR E 308 1.11 -1.82 26.19
N SER E 309 1.85 -2.49 25.31
CA SER E 309 1.70 -3.93 25.21
C SER E 309 2.10 -4.58 26.53
N ILE E 310 1.50 -5.73 26.82
CA ILE E 310 1.81 -6.47 28.04
C ILE E 310 3.31 -6.70 28.09
N ALA E 311 3.95 -6.14 29.11
CA ALA E 311 5.41 -6.03 29.15
C ALA E 311 6.01 -7.17 29.95
N GLU E 312 7.01 -7.83 29.36
CA GLU E 312 7.83 -8.82 30.04
C GLU E 312 9.01 -8.18 30.75
N CYS E 313 9.64 -7.19 30.11
CA CYS E 313 10.79 -6.50 30.68
C CYS E 313 10.77 -5.04 30.25
N LEU E 314 11.31 -4.18 31.11
CA LEU E 314 11.39 -2.76 30.84
C LEU E 314 12.77 -2.25 31.23
N THR E 315 13.25 -1.26 30.48
CA THR E 315 14.55 -0.65 30.72
C THR E 315 14.48 0.83 30.36
N TYR E 316 14.90 1.69 31.28
CA TYR E 316 15.03 3.11 30.95
C TYR E 316 16.22 3.30 30.03
N LEU E 317 15.97 3.86 28.85
CA LEU E 317 17.02 4.10 27.88
C LEU E 317 17.64 5.48 28.11
N ASP E 318 17.08 6.49 27.45
CA ASP E 318 17.50 7.88 27.54
C ASP E 318 16.50 8.69 26.72
N ASN E 319 16.56 10.02 26.88
CA ASN E 319 15.70 10.94 26.14
C ASN E 319 14.22 10.68 26.41
N GLY E 320 13.90 10.19 27.61
CA GLY E 320 12.52 9.89 27.94
C GLY E 320 11.92 8.74 27.18
N VAL E 321 12.75 7.85 26.64
CA VAL E 321 12.28 6.69 25.89
C VAL E 321 12.58 5.43 26.68
N VAL E 322 11.61 4.51 26.73
CA VAL E 322 11.74 3.24 27.42
C VAL E 322 11.28 2.15 26.47
N PHE E 323 12.01 1.04 26.44
CA PHE E 323 11.65 -0.09 25.59
C PHE E 323 10.76 -1.05 26.34
N VAL E 324 9.69 -1.50 25.68
CA VAL E 324 8.74 -2.44 26.24
C VAL E 324 9.07 -3.82 25.68
N GLY E 325 9.61 -4.69 26.52
CA GLY E 325 9.85 -6.07 26.12
C GLY E 325 8.62 -6.91 26.38
N SER E 326 8.09 -7.55 25.34
CA SER E 326 6.82 -8.26 25.42
C SER E 326 6.99 -9.71 24.99
N ARG E 327 6.38 -10.62 25.75
CA ARG E 327 6.30 -12.02 25.37
C ARG E 327 5.03 -12.35 24.62
N LEU E 328 3.94 -11.63 24.90
CA LEU E 328 2.63 -11.97 24.34
C LEU E 328 2.32 -11.23 23.05
N GLY E 329 2.84 -10.00 22.89
CA GLY E 329 2.52 -9.20 21.73
C GLY E 329 3.71 -8.45 21.17
N ASP E 330 3.44 -7.50 20.28
CA ASP E 330 4.51 -6.75 19.64
C ASP E 330 5.31 -5.94 20.65
N SER E 331 6.62 -5.89 20.45
CA SER E 331 7.47 -5.01 21.25
C SER E 331 7.24 -3.57 20.84
N GLN E 332 7.53 -2.66 21.77
CA GLN E 332 7.18 -1.25 21.59
C GLN E 332 8.31 -0.34 22.03
N LEU E 333 8.41 0.80 21.35
CA LEU E 333 9.22 1.93 21.77
C LEU E 333 8.27 3.05 22.17
N VAL E 334 8.38 3.53 23.40
CA VAL E 334 7.43 4.51 23.92
C VAL E 334 8.19 5.74 24.42
N LYS E 335 7.54 6.89 24.29
CA LYS E 335 8.07 8.17 24.73
C LYS E 335 7.40 8.61 26.02
N LEU E 336 8.13 9.37 26.83
CA LEU E 336 7.65 9.89 28.11
C LEU E 336 7.55 11.41 28.03
N ASN E 337 6.33 11.93 27.81
CA ASN E 337 6.12 13.36 27.78
C ASN E 337 5.94 13.89 29.20
N VAL E 338 6.44 15.10 29.46
CA VAL E 338 6.42 15.65 30.81
C VAL E 338 4.99 15.92 31.26
N ASP E 339 4.14 16.43 30.37
CA ASP E 339 2.73 16.60 30.63
C ASP E 339 1.94 15.47 30.00
N SER E 340 0.82 15.11 30.63
CA SER E 340 -0.06 14.15 29.97
C SER E 340 -0.65 14.78 28.71
N ASN E 341 -1.07 13.92 27.80
CA ASN E 341 -1.71 14.37 26.57
C ASN E 341 -3.23 14.27 26.71
N GLU E 342 -3.92 14.63 25.63
CA GLU E 342 -5.38 14.68 25.67
C GLU E 342 -5.98 13.28 25.83
N GLN E 343 -5.28 12.25 25.38
CA GLN E 343 -5.76 10.88 25.59
C GLN E 343 -5.58 10.40 27.03
N GLY E 344 -4.96 11.20 27.90
CA GLY E 344 -4.87 10.89 29.31
C GLY E 344 -3.54 10.28 29.71
N SER E 345 -2.78 9.80 28.75
CA SER E 345 -1.51 9.14 29.00
C SER E 345 -0.35 10.12 28.93
N TYR E 346 0.67 9.86 29.74
CA TYR E 346 1.93 10.56 29.59
C TYR E 346 2.85 9.86 28.60
N VAL E 347 2.46 8.68 28.11
CA VAL E 347 3.29 7.87 27.22
C VAL E 347 2.65 7.84 25.84
N VAL E 348 3.50 7.79 24.82
CA VAL E 348 3.08 7.59 23.44
C VAL E 348 4.03 6.61 22.78
N ALA E 349 3.50 5.69 21.99
CA ALA E 349 4.32 4.69 21.31
C ALA E 349 5.02 5.29 20.10
N MET E 350 6.34 5.05 20.01
CA MET E 350 7.15 5.54 18.90
C MET E 350 7.37 4.50 17.80
N GLU E 351 7.58 3.24 18.16
CA GLU E 351 7.85 2.20 17.17
C GLU E 351 7.47 0.85 17.75
N THR E 352 6.96 -0.04 16.90
CA THR E 352 6.55 -1.37 17.29
C THR E 352 7.39 -2.41 16.55
N PHE E 353 7.66 -3.51 17.24
CA PHE E 353 8.42 -4.63 16.68
C PHE E 353 7.52 -5.84 16.57
N THR E 354 7.48 -6.45 15.38
CA THR E 354 6.60 -7.58 15.13
C THR E 354 6.95 -8.75 16.04
N ASN E 355 5.94 -9.31 16.69
CA ASN E 355 6.09 -10.51 17.51
C ASN E 355 5.10 -11.55 17.00
N LEU E 356 5.61 -12.71 16.60
CA LEU E 356 4.77 -13.78 16.06
C LEU E 356 4.19 -14.68 17.14
N GLY E 357 4.75 -14.68 18.34
CA GLY E 357 4.30 -15.55 19.39
C GLY E 357 3.37 -14.84 20.35
N PRO E 358 2.54 -15.61 21.08
CA PRO E 358 2.39 -17.07 21.05
C PRO E 358 1.59 -17.55 19.83
N ILE E 359 1.82 -18.77 19.38
CA ILE E 359 1.08 -19.34 18.24
C ILE E 359 0.18 -20.43 18.78
N VAL E 360 -1.13 -20.20 18.75
CA VAL E 360 -2.10 -21.18 19.22
C VAL E 360 -2.75 -21.96 18.10
N ASP E 361 -2.60 -21.52 16.84
CA ASP E 361 -3.13 -22.22 15.69
C ASP E 361 -2.53 -21.58 14.43
N MET E 362 -2.63 -22.30 13.32
CA MET E 362 -2.14 -21.80 12.05
C MET E 362 -2.66 -22.69 10.93
N CYS E 363 -2.63 -22.14 9.71
CA CYS E 363 -3.02 -22.86 8.51
C CYS E 363 -2.22 -22.33 7.33
N VAL E 364 -2.12 -23.15 6.29
CA VAL E 364 -1.37 -22.81 5.09
C VAL E 364 -2.35 -22.67 3.93
N VAL E 365 -2.26 -21.55 3.21
CA VAL E 365 -3.18 -21.23 2.12
C VAL E 365 -2.39 -20.64 0.97
N ASP E 366 -2.72 -21.06 -0.26
CA ASP E 366 -2.14 -20.46 -1.46
C ASP E 366 -3.07 -19.34 -1.93
N LEU E 367 -2.98 -18.21 -1.22
CA LEU E 367 -3.87 -17.08 -1.49
C LEU E 367 -3.69 -16.57 -2.92
N GLU E 368 -2.44 -16.35 -3.33
CA GLU E 368 -2.16 -15.87 -4.67
C GLU E 368 -2.43 -16.91 -5.75
N ARG E 369 -2.85 -18.12 -5.37
CA ARG E 369 -3.15 -19.20 -6.30
C ARG E 369 -1.97 -19.49 -7.22
N GLN E 370 -0.77 -19.45 -6.64
CA GLN E 370 0.47 -19.64 -7.37
C GLN E 370 1.16 -20.96 -7.04
N GLY E 371 0.51 -21.84 -6.30
CA GLY E 371 1.21 -23.00 -5.79
C GLY E 371 2.15 -22.66 -4.64
N GLN E 372 1.95 -21.51 -4.02
CA GLN E 372 2.88 -20.98 -3.01
C GLN E 372 2.54 -21.51 -1.62
N GLY E 373 1.47 -20.98 -1.03
CA GLY E 373 1.15 -21.28 0.36
C GLY E 373 1.59 -20.16 1.28
N GLN E 374 0.64 -19.56 1.99
CA GLN E 374 0.92 -18.50 2.95
C GLN E 374 0.55 -18.95 4.35
N LEU E 375 1.31 -18.49 5.34
CA LEU E 375 1.12 -18.87 6.72
C LEU E 375 0.28 -17.83 7.44
N VAL E 376 -0.82 -18.28 8.06
CA VAL E 376 -1.73 -17.42 8.80
C VAL E 376 -1.84 -17.99 10.21
N THR E 377 -1.52 -17.17 11.21
CA THR E 377 -1.46 -17.62 12.59
C THR E 377 -2.51 -16.92 13.43
N CYS E 378 -2.98 -17.63 14.46
CA CYS E 378 -3.73 -17.04 15.55
C CYS E 378 -2.71 -16.76 16.66
N SER E 379 -2.33 -15.49 16.81
CA SER E 379 -1.21 -15.12 17.65
C SER E 379 -1.64 -14.09 18.68
N GLY E 380 -0.79 -13.91 19.69
CA GLY E 380 -1.05 -12.97 20.75
C GLY E 380 -2.15 -13.47 21.68
N ALA E 381 -2.49 -12.61 22.64
CA ALA E 381 -3.53 -12.93 23.60
C ALA E 381 -4.10 -11.63 24.16
N PHE E 382 -5.37 -11.67 24.53
CA PHE E 382 -6.05 -10.55 25.19
C PHE E 382 -6.02 -9.36 24.23
N LYS E 383 -5.71 -8.15 24.72
CA LYS E 383 -5.68 -6.98 23.85
C LYS E 383 -4.60 -7.06 22.79
N GLU E 384 -3.62 -7.95 22.96
CA GLU E 384 -2.57 -8.17 21.98
C GLU E 384 -2.96 -9.19 20.91
N GLY E 385 -4.19 -9.70 20.94
CA GLY E 385 -4.62 -10.65 19.93
C GLY E 385 -4.52 -10.07 18.54
N SER E 386 -4.02 -10.89 17.61
CA SER E 386 -3.74 -10.43 16.25
C SER E 386 -3.59 -11.64 15.35
N LEU E 387 -3.77 -11.40 14.05
CA LEU E 387 -3.43 -12.37 13.02
C LEU E 387 -2.12 -11.96 12.36
N ARG E 388 -1.31 -12.94 11.99
CA ARG E 388 -0.02 -12.70 11.37
C ARG E 388 0.05 -13.46 10.05
N ILE E 389 0.29 -12.73 8.97
CA ILE E 389 0.39 -13.30 7.62
C ILE E 389 1.85 -13.28 7.21
N ILE E 390 2.39 -14.46 6.91
CA ILE E 390 3.80 -14.62 6.57
C ILE E 390 3.88 -14.99 5.10
N ARG E 391 4.70 -14.25 4.35
CA ARG E 391 4.76 -14.34 2.90
C ARG E 391 6.20 -14.50 2.44
N ASN E 392 6.44 -15.50 1.60
CA ASN E 392 7.78 -15.80 1.11
C ASN E 392 7.99 -15.21 -0.27
N GLY E 393 9.17 -14.63 -0.48
CA GLY E 393 9.51 -14.02 -1.75
C GLY E 393 10.71 -13.10 -1.67
N LYS E 405 13.32 -13.00 1.57
CA LYS E 405 12.92 -13.43 2.91
C LYS E 405 11.43 -13.19 3.15
N LEU E 406 11.00 -13.39 4.40
CA LEU E 406 9.58 -13.45 4.72
C LEU E 406 8.99 -12.05 4.93
N HIS E 407 7.80 -11.84 4.37
CA HIS E 407 7.04 -10.61 4.56
C HIS E 407 5.97 -10.85 5.61
N ILE E 408 5.75 -9.84 6.45
CA ILE E 408 4.85 -9.96 7.60
C ILE E 408 3.81 -8.86 7.54
N ARG E 409 2.53 -9.24 7.59
CA ARG E 409 1.44 -8.30 7.76
C ARG E 409 0.72 -8.58 9.07
N THR E 410 0.38 -7.52 9.78
CA THR E 410 -0.26 -7.62 11.09
C THR E 410 -1.69 -7.09 10.99
N VAL E 411 -2.64 -7.87 11.49
CA VAL E 411 -4.04 -7.49 11.54
C VAL E 411 -4.51 -7.60 12.98
N PRO E 412 -4.61 -6.48 13.70
CA PRO E 412 -4.97 -6.56 15.12
C PRO E 412 -6.41 -7.00 15.32
N LEU E 413 -6.62 -7.75 16.41
CA LEU E 413 -7.94 -8.26 16.76
C LEU E 413 -8.45 -7.77 18.11
N TYR E 414 -7.56 -7.37 19.02
CA TYR E 414 -7.92 -6.79 20.32
C TYR E 414 -8.72 -7.74 21.21
N GLU E 415 -8.71 -9.04 20.89
CA GLU E 415 -9.22 -10.06 21.77
C GLU E 415 -8.48 -11.36 21.47
N SER E 416 -8.70 -12.36 22.30
CA SER E 416 -7.87 -13.57 22.28
C SER E 416 -8.30 -14.47 21.12
N PRO E 417 -7.44 -14.71 20.14
CA PRO E 417 -7.76 -15.70 19.10
C PRO E 417 -7.42 -17.11 19.54
N ARG E 418 -8.14 -18.07 18.98
CA ARG E 418 -7.98 -19.46 19.41
C ARG E 418 -7.73 -20.41 18.25
N LYS E 419 -8.65 -20.47 17.29
CA LYS E 419 -8.56 -21.45 16.20
C LYS E 419 -8.91 -20.78 14.88
N ILE E 420 -8.46 -21.41 13.80
CA ILE E 420 -8.64 -20.89 12.44
C ILE E 420 -8.84 -22.05 11.48
N CYS E 421 -9.60 -21.78 10.42
CA CYS E 421 -9.76 -22.73 9.31
C CYS E 421 -10.03 -21.93 8.05
N TYR E 422 -9.74 -22.54 6.91
CA TYR E 422 -9.81 -21.87 5.61
C TYR E 422 -10.93 -22.46 4.77
N GLN E 423 -11.75 -21.59 4.19
CA GLN E 423 -12.81 -21.98 3.26
C GLN E 423 -12.62 -21.17 1.97
N GLU E 424 -12.12 -21.83 0.93
CA GLU E 424 -11.78 -21.12 -0.30
C GLU E 424 -13.03 -20.66 -1.04
N VAL E 425 -14.09 -21.48 -1.03
CA VAL E 425 -15.28 -21.18 -1.82
C VAL E 425 -15.93 -19.87 -1.38
N SER E 426 -15.86 -19.55 -0.09
CA SER E 426 -16.37 -18.28 0.40
C SER E 426 -15.29 -17.21 0.50
N GLN E 427 -14.02 -17.59 0.29
CA GLN E 427 -12.89 -16.67 0.35
C GLN E 427 -12.88 -15.88 1.66
N CYS E 428 -13.11 -16.60 2.76
CA CYS E 428 -13.19 -15.98 4.07
C CYS E 428 -12.80 -17.00 5.12
N PHE E 429 -12.44 -16.50 6.30
CA PHE E 429 -12.00 -17.34 7.41
C PHE E 429 -13.06 -17.39 8.51
N GLY E 430 -13.16 -18.55 9.15
CA GLY E 430 -13.88 -18.70 10.40
C GLY E 430 -12.87 -18.85 11.52
N VAL E 431 -13.05 -18.07 12.58
CA VAL E 431 -12.08 -18.01 13.67
C VAL E 431 -12.82 -18.01 15.00
N LEU E 432 -12.47 -18.94 15.88
CA LEU E 432 -13.00 -18.95 17.23
C LEU E 432 -12.21 -17.97 18.09
N SER E 433 -12.92 -17.07 18.76
CA SER E 433 -12.30 -16.00 19.54
C SER E 433 -12.92 -15.94 20.93
N SER E 434 -12.14 -15.42 21.87
CA SER E 434 -12.59 -15.26 23.25
C SER E 434 -12.14 -13.91 23.78
N ARG E 435 -13.04 -13.22 24.49
CA ARG E 435 -12.73 -11.95 25.12
C ARG E 435 -13.07 -12.03 26.60
N ILE E 436 -12.39 -11.19 27.38
CA ILE E 436 -12.63 -11.11 28.82
C ILE E 436 -13.67 -10.04 29.08
N GLU E 437 -14.63 -10.35 29.95
CA GLU E 437 -15.59 -9.38 30.43
C GLU E 437 -15.71 -9.47 31.94
N VAL E 438 -16.18 -8.38 32.54
CA VAL E 438 -16.35 -8.27 33.98
C VAL E 438 -17.84 -8.15 34.28
N GLN E 439 -18.22 -8.64 35.45
CA GLN E 439 -19.61 -8.55 35.88
C GLN E 439 -19.99 -7.09 36.14
N ASP E 440 -21.07 -6.65 35.51
CA ASP E 440 -21.52 -5.27 35.54
C ASP E 440 -21.99 -4.81 36.91
N THR E 441 -23.08 -4.04 36.89
CA THR E 441 -24.00 -3.91 38.00
C THR E 441 -25.43 -4.06 37.49
N SER E 442 -25.60 -4.26 36.18
CA SER E 442 -26.90 -4.36 35.53
C SER E 442 -27.36 -5.81 35.37
N GLY E 443 -26.70 -6.75 36.04
CA GLY E 443 -27.02 -8.16 35.86
C GLY E 443 -26.12 -8.87 34.87
N GLY E 444 -25.83 -8.23 33.75
CA GLY E 444 -24.99 -8.80 32.71
C GLY E 444 -23.52 -8.48 32.88
N THR E 445 -22.80 -8.45 31.76
CA THR E 445 -21.38 -8.15 31.74
C THR E 445 -21.09 -7.15 30.63
N THR E 446 -20.00 -6.39 30.80
CA THR E 446 -19.57 -5.38 29.84
C THR E 446 -18.15 -5.69 29.38
N ALA E 447 -17.89 -5.50 28.09
CA ALA E 447 -16.55 -5.68 27.56
C ALA E 447 -15.62 -4.57 28.07
N LEU E 448 -14.33 -4.91 28.18
CA LEU E 448 -13.35 -3.96 28.66
C LEU E 448 -12.93 -2.95 27.61
N ARG E 449 -13.11 -3.25 26.33
CA ARG E 449 -12.52 -2.47 25.25
C ARG E 449 -13.14 -2.93 23.94
N PRO E 450 -13.04 -2.13 22.88
CA PRO E 450 -13.57 -2.58 21.59
C PRO E 450 -12.76 -3.75 21.04
N SER E 451 -13.48 -4.71 20.47
CA SER E 451 -12.88 -5.92 19.93
C SER E 451 -13.60 -6.30 18.64
N ALA E 452 -13.04 -7.27 17.93
CA ALA E 452 -13.66 -7.73 16.69
C ALA E 452 -15.07 -8.26 16.93
N SER E 453 -15.31 -8.85 18.10
CA SER E 453 -16.65 -9.34 18.42
C SER E 453 -17.62 -8.19 18.65
N THR E 454 -17.14 -7.00 18.99
CA THR E 454 -17.96 -5.82 19.12
C THR E 454 -17.85 -4.88 17.92
N GLN E 455 -17.04 -5.24 16.91
CA GLN E 455 -16.91 -4.47 15.69
C GLN E 455 -17.37 -5.26 14.47
N ALA E 456 -18.30 -6.18 14.68
CA ALA E 456 -18.79 -7.04 13.60
C ALA E 456 -19.82 -6.30 12.76
N LEU E 457 -19.82 -6.57 11.45
CA LEU E 457 -20.85 -5.99 10.58
C LEU E 457 -22.22 -6.51 10.96
N SER E 458 -22.32 -7.78 11.33
CA SER E 458 -23.55 -8.38 11.81
C SER E 458 -23.22 -9.34 12.95
N SER E 459 -24.17 -9.52 13.85
CA SER E 459 -23.96 -10.33 15.04
C SER E 459 -25.19 -11.19 15.31
N SER E 460 -24.99 -12.25 16.08
CA SER E 460 -26.06 -13.18 16.41
C SER E 460 -25.65 -13.99 17.64
N VAL E 461 -26.65 -14.45 18.38
CA VAL E 461 -26.45 -15.32 19.53
C VAL E 461 -27.38 -16.52 19.38
N SER E 462 -26.81 -17.72 19.34
CA SER E 462 -27.62 -18.92 19.22
C SER E 462 -28.43 -19.15 20.49
N SER E 463 -29.60 -19.77 20.31
CA SER E 463 -30.49 -20.09 21.41
C SER E 463 -30.88 -21.56 21.30
N SER E 464 -30.71 -22.29 22.39
CA SER E 464 -30.89 -23.75 22.39
C SER E 464 -31.77 -24.15 23.56
N LYS E 465 -32.99 -24.62 23.26
CA LYS E 465 -33.83 -25.21 24.30
C LYS E 465 -33.18 -26.45 24.89
N LEU E 466 -32.41 -27.18 24.09
CA LEU E 466 -31.75 -28.40 24.56
C LEU E 466 -30.92 -28.13 25.81
N PHE E 467 -30.14 -27.06 25.80
CA PHE E 467 -29.37 -26.68 26.97
C PHE E 467 -30.09 -25.68 27.86
N SER E 468 -31.16 -25.05 27.36
CA SER E 468 -32.05 -24.32 28.25
C SER E 468 -32.80 -25.24 29.20
N SER E 469 -32.91 -26.54 28.87
CA SER E 469 -33.48 -27.50 29.79
C SER E 469 -32.57 -27.75 31.00
N SER E 470 -31.35 -27.23 30.98
CA SER E 470 -30.44 -27.33 32.11
C SER E 470 -30.83 -26.29 33.15
N THR E 471 -31.29 -26.74 34.30
CA THR E 471 -31.63 -25.88 35.42
C THR E 471 -30.66 -26.17 36.54
N ALA E 472 -29.90 -25.15 36.93
CA ALA E 472 -28.82 -25.30 37.90
C ALA E 472 -28.48 -23.92 38.44
N PRO E 473 -28.83 -23.65 39.69
CA PRO E 473 -28.48 -22.35 40.26
C PRO E 473 -26.98 -22.23 40.52
N HIS E 474 -26.31 -21.35 39.77
CA HIS E 474 -24.87 -21.26 39.87
C HIS E 474 -24.43 -19.82 39.59
N GLU E 475 -23.22 -19.53 40.03
CA GLU E 475 -23.11 -18.49 41.04
C GLU E 475 -22.17 -17.35 40.68
N THR E 476 -22.29 -16.76 39.49
CA THR E 476 -21.37 -15.68 39.15
C THR E 476 -21.71 -14.46 40.01
N SER E 477 -20.77 -14.07 40.87
CA SER E 477 -20.88 -12.92 41.76
C SER E 477 -20.75 -11.63 40.94
N PHE E 478 -20.72 -10.49 41.62
CA PHE E 478 -20.77 -9.17 40.98
C PHE E 478 -19.46 -8.44 41.28
N GLY E 479 -18.44 -8.77 40.49
CA GLY E 479 -17.13 -8.18 40.61
C GLY E 479 -16.03 -9.16 40.24
N GLU E 480 -16.26 -9.95 39.19
CA GLU E 480 -15.28 -10.96 38.77
C GLU E 480 -15.37 -11.18 37.27
N GLU E 481 -14.48 -12.02 36.75
CA GLU E 481 -14.30 -12.21 35.32
C GLU E 481 -15.18 -13.32 34.77
N VAL E 482 -15.27 -13.35 33.44
CA VAL E 482 -15.95 -14.42 32.71
C VAL E 482 -15.46 -14.36 31.28
N GLU E 483 -15.45 -15.51 30.62
CA GLU E 483 -15.00 -15.63 29.23
C GLU E 483 -16.21 -15.83 28.33
N VAL E 484 -16.28 -15.05 27.25
CA VAL E 484 -17.33 -15.17 26.25
C VAL E 484 -16.69 -15.50 24.91
N HIS E 485 -17.18 -16.54 24.26
CA HIS E 485 -16.61 -17.02 23.01
C HIS E 485 -17.49 -16.63 21.83
N ASN E 486 -16.84 -16.38 20.69
CA ASN E 486 -17.50 -15.93 19.47
C ASN E 486 -16.83 -16.58 18.28
N LEU E 487 -17.58 -16.67 17.18
CA LEU E 487 -17.06 -17.14 15.90
C LEU E 487 -17.07 -15.96 14.93
N LEU E 488 -15.89 -15.60 14.43
CA LEU E 488 -15.74 -14.47 13.54
C LEU E 488 -15.60 -14.92 12.10
N ILE E 489 -16.17 -14.13 11.18
CA ILE E 489 -16.03 -14.34 9.75
C ILE E 489 -15.25 -13.16 9.19
N ILE E 490 -14.20 -13.45 8.43
CA ILE E 490 -13.22 -12.45 8.02
C ILE E 490 -12.87 -12.66 6.56
N ASP E 491 -12.99 -11.61 5.76
CA ASP E 491 -12.66 -11.69 4.34
C ASP E 491 -11.17 -11.94 4.17
N GLN E 492 -10.83 -12.78 3.18
CA GLN E 492 -9.43 -13.13 2.98
C GLN E 492 -8.63 -12.06 2.22
N HIS E 493 -9.29 -11.00 1.76
CA HIS E 493 -8.59 -9.89 1.11
C HIS E 493 -8.47 -8.68 2.03
N THR E 494 -9.60 -8.17 2.51
CA THR E 494 -9.60 -6.99 3.38
C THR E 494 -9.36 -7.35 4.84
N PHE E 495 -9.57 -8.61 5.22
CA PHE E 495 -9.46 -9.07 6.60
C PHE E 495 -10.40 -8.29 7.52
N GLU E 496 -11.56 -7.94 6.99
CA GLU E 496 -12.60 -7.24 7.72
C GLU E 496 -13.58 -8.25 8.34
N VAL E 497 -14.09 -7.90 9.52
CA VAL E 497 -15.01 -8.76 10.24
C VAL E 497 -16.37 -8.75 9.57
N LEU E 498 -16.67 -9.80 8.80
CA LEU E 498 -17.93 -9.85 8.08
C LEU E 498 -19.10 -10.18 9.00
N HIS E 499 -18.91 -11.13 9.91
CA HIS E 499 -19.98 -11.54 10.81
C HIS E 499 -19.37 -12.22 12.03
N ALA E 500 -20.02 -12.03 13.17
CA ALA E 500 -19.60 -12.66 14.43
C ALA E 500 -20.82 -13.30 15.08
N HIS E 501 -20.68 -14.58 15.44
CA HIS E 501 -21.74 -15.32 16.11
C HIS E 501 -21.31 -15.65 17.52
N GLN E 502 -22.12 -15.25 18.50
CA GLN E 502 -21.81 -15.48 19.90
C GLN E 502 -22.35 -16.83 20.35
N PHE E 503 -21.53 -17.55 21.11
CA PHE E 503 -21.92 -18.84 21.66
C PHE E 503 -22.64 -18.65 23.00
N LEU E 504 -23.19 -19.74 23.51
CA LEU E 504 -24.05 -19.67 24.69
C LEU E 504 -23.25 -19.22 25.91
N GLN E 505 -23.97 -18.84 26.95
CA GLN E 505 -23.33 -18.50 28.21
C GLN E 505 -22.61 -19.72 28.76
N ASN E 506 -21.40 -19.49 29.29
CA ASN E 506 -20.52 -20.53 29.82
C ASN E 506 -20.04 -21.52 28.76
N GLU E 507 -20.32 -21.25 27.48
CA GLU E 507 -19.94 -22.16 26.40
C GLU E 507 -18.55 -21.82 25.90
N TYR E 508 -17.69 -22.84 25.82
CA TYR E 508 -16.30 -22.68 25.37
C TYR E 508 -16.16 -23.30 23.99
N ALA E 509 -15.71 -22.50 23.02
CA ALA E 509 -15.46 -22.97 21.67
C ALA E 509 -14.10 -23.66 21.60
N LEU E 510 -14.09 -24.89 21.09
CA LEU E 510 -12.90 -25.74 21.16
C LEU E 510 -12.33 -26.07 19.78
N SER E 511 -13.11 -26.72 18.90
CA SER E 511 -12.61 -27.21 17.64
C SER E 511 -13.42 -26.61 16.49
N LEU E 512 -12.78 -26.58 15.31
CA LEU E 512 -13.39 -25.95 14.14
C LEU E 512 -12.75 -26.53 12.88
N VAL E 513 -13.59 -26.80 11.87
CA VAL E 513 -13.12 -27.35 10.61
C VAL E 513 -14.15 -26.99 9.54
N SER E 514 -13.68 -26.83 8.31
CA SER E 514 -14.53 -26.51 7.17
C SER E 514 -14.28 -27.52 6.06
N CYS E 515 -15.35 -28.15 5.59
CA CYS E 515 -15.26 -29.24 4.62
C CYS E 515 -16.67 -29.58 4.15
N LYS E 516 -16.74 -30.39 3.10
CA LYS E 516 -18.02 -30.88 2.60
C LYS E 516 -18.38 -32.19 3.30
N LEU E 517 -19.68 -32.46 3.36
CA LEU E 517 -20.20 -33.57 4.15
C LEU E 517 -21.19 -34.38 3.35
N GLY E 518 -21.06 -35.71 3.40
CA GLY E 518 -22.06 -36.62 2.87
C GLY E 518 -22.39 -36.34 1.43
N LYS E 519 -23.69 -36.47 1.09
CA LYS E 519 -24.15 -36.20 -0.26
C LYS E 519 -24.34 -34.71 -0.51
N ASP E 520 -24.42 -33.91 0.53
CA ASP E 520 -24.56 -32.46 0.35
C ASP E 520 -23.26 -31.89 -0.19
N PRO E 521 -23.25 -31.24 -1.36
CA PRO E 521 -22.03 -30.64 -1.87
C PRO E 521 -21.75 -29.24 -1.34
N ASN E 522 -22.64 -28.68 -0.51
CA ASN E 522 -22.39 -27.38 0.08
C ASN E 522 -21.36 -27.49 1.19
N THR E 523 -20.56 -26.43 1.34
CA THR E 523 -19.50 -26.40 2.35
C THR E 523 -20.00 -25.68 3.59
N TYR E 524 -19.77 -26.29 4.75
CA TYR E 524 -20.27 -25.79 6.02
C TYR E 524 -19.13 -25.69 7.03
N PHE E 525 -19.31 -24.82 8.01
CA PHE E 525 -18.38 -24.69 9.13
C PHE E 525 -18.89 -25.49 10.31
N ILE E 526 -18.04 -26.36 10.86
CA ILE E 526 -18.37 -27.22 11.98
C ILE E 526 -17.58 -26.75 13.20
N VAL E 527 -18.26 -26.57 14.32
CA VAL E 527 -17.65 -26.03 15.53
C VAL E 527 -17.98 -26.96 16.70
N GLY E 528 -16.96 -27.34 17.46
CA GLY E 528 -17.13 -28.13 18.67
C GLY E 528 -17.05 -27.25 19.91
N THR E 529 -17.98 -27.47 20.84
CA THR E 529 -18.12 -26.62 22.02
C THR E 529 -18.11 -27.49 23.27
N ALA E 530 -18.23 -26.82 24.43
CA ALA E 530 -18.32 -27.51 25.71
C ALA E 530 -18.89 -26.55 26.74
N MET E 531 -19.60 -27.12 27.71
CA MET E 531 -20.13 -26.35 28.84
C MET E 531 -19.25 -26.59 30.07
N VAL E 532 -18.75 -25.50 30.66
CA VAL E 532 -17.88 -25.56 31.82
C VAL E 532 -18.57 -24.82 32.96
N TYR E 533 -18.66 -25.47 34.13
CA TYR E 533 -19.28 -24.89 35.29
C TYR E 533 -18.28 -24.88 36.45
N PRO E 534 -18.27 -23.81 37.25
CA PRO E 534 -17.18 -23.66 38.24
C PRO E 534 -17.12 -24.78 39.26
N GLU E 535 -18.24 -25.45 39.52
CA GLU E 535 -18.29 -26.53 40.49
C GLU E 535 -18.29 -27.91 39.83
N GLU E 536 -18.21 -27.96 38.50
CA GLU E 536 -18.23 -29.21 37.76
C GLU E 536 -16.91 -29.34 37.00
N ALA E 537 -16.07 -30.28 37.42
CA ALA E 537 -14.77 -30.47 36.78
C ALA E 537 -14.92 -31.24 35.46
N GLU E 538 -15.45 -32.45 35.52
CA GLU E 538 -15.64 -33.25 34.32
C GLU E 538 -16.82 -32.72 33.53
N PRO E 539 -16.66 -32.45 32.23
CA PRO E 539 -17.78 -31.88 31.44
C PRO E 539 -18.88 -32.90 31.22
N LYS E 540 -20.09 -32.55 31.65
CA LYS E 540 -21.26 -33.40 31.48
C LYS E 540 -22.05 -33.08 30.21
N GLN E 541 -21.61 -32.11 29.41
CA GLN E 541 -22.47 -31.57 28.37
C GLN E 541 -21.62 -30.91 27.30
N GLY E 542 -22.11 -30.95 26.06
CA GLY E 542 -21.43 -30.28 24.97
C GLY E 542 -22.28 -30.27 23.71
N ARG E 543 -21.76 -29.56 22.70
CA ARG E 543 -22.46 -29.40 21.44
C ARG E 543 -21.48 -29.44 20.27
N ILE E 544 -22.01 -29.80 19.10
CA ILE E 544 -21.35 -29.62 17.82
C ILE E 544 -22.29 -28.83 16.94
N VAL E 545 -21.86 -27.65 16.49
CA VAL E 545 -22.71 -26.73 15.75
C VAL E 545 -22.14 -26.54 14.35
N VAL E 546 -23.00 -26.74 13.35
CA VAL E 546 -22.64 -26.56 11.95
C VAL E 546 -23.16 -25.21 11.49
N PHE E 547 -22.32 -24.43 10.80
CA PHE E 547 -22.68 -23.11 10.32
C PHE E 547 -22.52 -23.02 8.81
N GLN E 548 -23.37 -22.19 8.19
CA GLN E 548 -23.21 -21.77 6.80
C GLN E 548 -23.25 -20.25 6.73
N TYR E 549 -22.32 -19.68 5.97
CA TYR E 549 -22.28 -18.24 5.74
C TYR E 549 -22.93 -17.95 4.40
N SER E 550 -24.03 -17.21 4.41
CA SER E 550 -24.76 -16.90 3.19
C SER E 550 -25.19 -15.44 3.20
N ASP E 551 -24.98 -14.76 2.08
CA ASP E 551 -25.38 -13.38 1.84
C ASP E 551 -25.20 -12.50 3.08
N GLY E 552 -23.97 -12.50 3.58
CA GLY E 552 -23.65 -11.68 4.74
C GLY E 552 -24.29 -12.12 6.03
N LYS E 553 -24.68 -13.39 6.14
CA LYS E 553 -25.32 -13.92 7.33
C LYS E 553 -24.80 -15.31 7.62
N LEU E 554 -24.65 -15.62 8.91
CA LEU E 554 -24.22 -16.93 9.37
C LEU E 554 -25.44 -17.70 9.84
N GLN E 555 -25.77 -18.78 9.13
CA GLN E 555 -26.94 -19.58 9.44
C GLN E 555 -26.56 -20.81 10.24
N THR E 556 -27.19 -20.98 11.41
CA THR E 556 -27.02 -22.18 12.20
C THR E 556 -27.68 -23.34 11.49
N VAL E 557 -26.92 -24.41 11.21
CA VAL E 557 -27.40 -25.50 10.37
C VAL E 557 -28.11 -26.57 11.19
N ALA E 558 -27.45 -27.09 12.23
CA ALA E 558 -28.03 -28.18 13.00
C ALA E 558 -27.55 -28.09 14.44
N GLU E 559 -28.27 -28.79 15.32
CA GLU E 559 -27.94 -28.86 16.74
C GLU E 559 -28.03 -30.30 17.22
N LYS E 560 -26.99 -30.75 17.92
CA LYS E 560 -26.93 -32.11 18.44
C LYS E 560 -26.29 -32.07 19.82
N GLU E 561 -27.04 -32.44 20.85
CA GLU E 561 -26.52 -32.43 22.22
C GLU E 561 -25.72 -33.69 22.47
N VAL E 562 -24.51 -33.53 23.01
CA VAL E 562 -23.65 -34.65 23.36
C VAL E 562 -23.28 -34.55 24.84
N LYS E 563 -22.92 -35.68 25.42
CA LYS E 563 -22.69 -35.80 26.85
C LYS E 563 -21.22 -35.64 27.20
N GLY E 564 -20.58 -34.58 26.71
CA GLY E 564 -19.19 -34.35 27.02
C GLY E 564 -18.65 -33.18 26.23
N ALA E 565 -17.36 -32.93 26.43
CA ALA E 565 -16.69 -31.84 25.75
C ALA E 565 -16.22 -32.29 24.37
N VAL E 566 -16.42 -31.43 23.38
CA VAL E 566 -16.02 -31.74 22.00
C VAL E 566 -14.62 -31.16 21.82
N TYR E 567 -13.62 -31.99 22.07
CA TYR E 567 -12.24 -31.53 22.10
C TYR E 567 -11.68 -31.31 20.70
N SER E 568 -11.94 -32.24 19.78
CA SER E 568 -11.36 -32.16 18.45
C SER E 568 -12.35 -32.74 17.43
N MET E 569 -12.28 -32.22 16.20
CA MET E 569 -13.08 -32.71 15.10
C MET E 569 -12.25 -32.70 13.82
N VAL E 570 -12.42 -33.73 13.00
CA VAL E 570 -11.66 -33.88 11.78
C VAL E 570 -12.56 -34.47 10.70
N GLU E 571 -12.49 -33.92 9.49
CA GLU E 571 -13.16 -34.51 8.34
C GLU E 571 -12.53 -35.87 8.04
N PHE E 572 -13.38 -36.90 7.96
CA PHE E 572 -12.91 -38.27 7.74
C PHE E 572 -13.58 -38.82 6.48
N ASN E 573 -13.06 -38.41 5.32
CA ASN E 573 -13.46 -38.93 4.01
C ASN E 573 -14.97 -39.00 3.83
N GLY E 574 -15.60 -37.85 3.58
CA GLY E 574 -17.04 -37.76 3.44
C GLY E 574 -17.83 -37.88 4.73
N LYS E 575 -17.19 -38.25 5.83
CA LYS E 575 -17.82 -38.37 7.13
C LYS E 575 -17.07 -37.51 8.13
N LEU E 576 -17.72 -37.21 9.25
CA LEU E 576 -17.15 -36.35 10.28
C LEU E 576 -16.74 -37.20 11.48
N LEU E 577 -15.45 -37.18 11.81
CA LEU E 577 -14.95 -37.84 13.01
C LEU E 577 -14.93 -36.84 14.15
N ALA E 578 -15.57 -37.20 15.26
CA ALA E 578 -15.73 -36.30 16.39
C ALA E 578 -15.28 -37.00 17.67
N SER E 579 -14.72 -36.20 18.58
CA SER E 579 -14.28 -36.67 19.88
C SER E 579 -15.13 -36.02 20.97
N ILE E 580 -15.65 -36.84 21.88
CA ILE E 580 -16.47 -36.38 22.99
C ILE E 580 -15.81 -36.91 24.26
N ASN E 581 -15.10 -36.04 24.99
CA ASN E 581 -14.32 -36.44 26.15
C ASN E 581 -13.36 -37.57 25.80
N SER E 582 -13.62 -38.76 26.34
CA SER E 582 -12.81 -39.94 26.05
C SER E 582 -13.46 -40.84 25.00
N THR E 583 -14.50 -40.36 24.33
CA THR E 583 -15.22 -41.13 23.32
C THR E 583 -14.90 -40.55 21.95
N VAL E 584 -14.62 -41.43 20.99
CA VAL E 584 -14.37 -41.06 19.60
C VAL E 584 -15.53 -41.57 18.77
N ARG E 585 -16.27 -40.65 18.16
CA ARG E 585 -17.48 -40.96 17.41
C ARG E 585 -17.34 -40.46 15.99
N LEU E 586 -17.71 -41.30 15.03
CA LEU E 586 -17.70 -40.94 13.61
C LEU E 586 -19.12 -40.64 13.18
N TYR E 587 -19.34 -39.43 12.66
CA TYR E 587 -20.66 -38.99 12.23
C TYR E 587 -20.73 -38.99 10.70
N GLU E 588 -21.85 -39.45 10.18
CA GLU E 588 -22.16 -39.35 8.76
C GLU E 588 -23.17 -38.23 8.53
N TRP E 589 -23.20 -37.74 7.30
CA TRP E 589 -24.06 -36.61 6.95
C TRP E 589 -25.29 -37.12 6.23
N THR E 590 -26.44 -37.00 6.88
CA THR E 590 -27.69 -37.47 6.28
C THR E 590 -28.12 -36.55 5.14
N THR E 591 -28.98 -37.09 4.28
CA THR E 591 -29.62 -36.27 3.25
C THR E 591 -30.61 -35.29 3.86
N GLU E 592 -31.06 -35.54 5.10
CA GLU E 592 -31.96 -34.63 5.81
C GLU E 592 -31.22 -33.46 6.45
N LYS E 593 -29.95 -33.26 6.09
CA LYS E 593 -29.10 -32.20 6.65
C LYS E 593 -29.06 -32.27 8.18
N GLU E 594 -28.82 -33.47 8.70
CA GLU E 594 -28.64 -33.70 10.13
C GLU E 594 -27.54 -34.73 10.30
N LEU E 595 -27.27 -35.10 11.55
CA LEU E 595 -26.14 -35.95 11.89
C LEU E 595 -26.59 -37.39 12.15
N ARG E 596 -25.91 -38.35 11.50
CA ARG E 596 -26.15 -39.77 11.68
C ARG E 596 -24.97 -40.40 12.42
N THR E 597 -25.23 -40.90 13.63
CA THR E 597 -24.24 -41.64 14.39
C THR E 597 -23.92 -42.97 13.72
N GLU E 598 -22.67 -43.15 13.30
CA GLU E 598 -22.26 -44.40 12.63
C GLU E 598 -21.78 -45.44 13.64
N CYS E 599 -20.64 -45.19 14.28
CA CYS E 599 -19.98 -46.16 15.14
C CYS E 599 -19.44 -45.47 16.38
N ASN E 600 -18.75 -46.22 17.23
CA ASN E 600 -18.32 -45.74 18.53
C ASN E 600 -17.10 -46.52 19.00
N HIS E 601 -16.29 -45.87 19.83
CA HIS E 601 -15.11 -46.50 20.43
C HIS E 601 -14.81 -45.82 21.75
N TYR E 602 -14.75 -46.59 22.83
CA TYR E 602 -14.39 -46.06 24.14
C TYR E 602 -12.90 -46.33 24.39
N ASN E 603 -12.19 -45.32 24.87
CA ASN E 603 -10.75 -45.38 25.04
C ASN E 603 -10.38 -45.31 26.53
N ASN E 604 -9.24 -45.89 26.87
CA ASN E 604 -8.70 -45.79 28.23
C ASN E 604 -7.95 -44.49 28.48
N ILE E 605 -8.00 -43.55 27.53
CA ILE E 605 -7.36 -42.24 27.69
C ILE E 605 -8.30 -41.18 27.14
N MET E 606 -8.03 -39.93 27.53
CA MET E 606 -8.79 -38.80 27.02
C MET E 606 -8.36 -38.50 25.59
N ALA E 607 -9.30 -38.60 24.65
CA ALA E 607 -9.02 -38.46 23.23
C ALA E 607 -8.94 -36.96 22.90
N LEU E 608 -7.76 -36.38 23.13
CA LEU E 608 -7.57 -34.95 22.96
C LEU E 608 -7.06 -34.61 21.56
N TYR E 609 -5.90 -35.14 21.20
CA TYR E 609 -5.29 -34.88 19.89
C TYR E 609 -5.86 -35.84 18.85
N LEU E 610 -6.12 -35.31 17.66
CA LEU E 610 -6.82 -36.06 16.61
C LEU E 610 -6.22 -35.70 15.26
N LYS E 611 -5.56 -36.67 14.63
CA LYS E 611 -4.96 -36.51 13.31
C LYS E 611 -5.28 -37.73 12.46
N THR E 612 -5.38 -37.52 11.14
CA THR E 612 -5.76 -38.58 10.23
C THR E 612 -4.85 -38.57 9.00
N LYS E 613 -4.75 -39.73 8.37
CA LYS E 613 -4.09 -39.86 7.07
C LYS E 613 -4.72 -41.06 6.38
N GLY E 614 -5.35 -40.82 5.22
CA GLY E 614 -6.09 -41.88 4.56
C GLY E 614 -7.27 -42.31 5.40
N ASP E 615 -7.24 -43.56 5.86
CA ASP E 615 -8.23 -44.08 6.80
C ASP E 615 -7.66 -44.24 8.20
N PHE E 616 -6.39 -43.92 8.40
CA PHE E 616 -5.77 -44.06 9.71
C PHE E 616 -6.17 -42.91 10.62
N ILE E 617 -6.20 -43.20 11.92
CA ILE E 617 -6.57 -42.22 12.94
C ILE E 617 -5.57 -42.35 14.08
N LEU E 618 -4.86 -41.27 14.39
CA LEU E 618 -3.97 -41.23 15.54
C LEU E 618 -4.64 -40.40 16.64
N VAL E 619 -4.70 -40.96 17.84
CA VAL E 619 -5.30 -40.30 18.99
C VAL E 619 -4.28 -40.29 20.12
N GLY E 620 -4.21 -39.18 20.84
CA GLY E 620 -3.31 -39.05 21.96
C GLY E 620 -3.89 -38.19 23.05
N ASP E 621 -3.38 -38.38 24.27
CA ASP E 621 -3.83 -37.64 25.43
C ASP E 621 -2.80 -36.56 25.79
N LEU E 622 -2.99 -35.92 26.93
CA LEU E 622 -2.05 -34.90 27.39
C LEU E 622 -0.75 -35.49 27.91
N MET E 623 -0.73 -36.77 28.25
CA MET E 623 0.41 -37.39 28.92
C MET E 623 1.12 -38.41 28.02
N ARG E 624 1.27 -38.08 26.73
CA ARG E 624 2.04 -38.81 25.73
C ARG E 624 1.44 -40.19 25.43
N SER E 625 0.33 -40.56 26.06
CA SER E 625 -0.33 -41.82 25.71
C SER E 625 -0.76 -41.81 24.25
N VAL E 626 -0.04 -42.54 23.40
CA VAL E 626 -0.30 -42.59 21.96
C VAL E 626 -1.21 -43.77 21.68
N LEU E 627 -2.12 -43.60 20.72
CA LEU E 627 -3.09 -44.64 20.38
C LEU E 627 -3.37 -44.55 18.89
N LEU E 628 -3.15 -45.67 18.18
CA LEU E 628 -3.25 -45.70 16.73
C LEU E 628 -4.40 -46.61 16.33
N LEU E 629 -5.39 -46.03 15.65
CA LEU E 629 -6.56 -46.75 15.19
C LEU E 629 -6.61 -46.80 13.67
N ALA E 630 -7.41 -47.73 13.15
CA ALA E 630 -7.71 -47.82 11.73
C ALA E 630 -9.18 -48.14 11.56
N TYR E 631 -9.89 -47.35 10.77
CA TYR E 631 -11.30 -47.58 10.53
C TYR E 631 -11.49 -48.72 9.54
N LYS E 632 -12.26 -49.72 9.95
CA LYS E 632 -12.55 -50.86 9.09
C LYS E 632 -13.90 -50.66 8.42
N PRO E 633 -13.96 -50.34 7.13
CA PRO E 633 -15.27 -50.15 6.48
C PRO E 633 -16.07 -51.43 6.40
N MET E 634 -15.42 -52.59 6.39
CA MET E 634 -16.13 -53.86 6.26
C MET E 634 -16.95 -54.19 7.50
N GLU E 635 -16.58 -53.64 8.65
CA GLU E 635 -17.31 -53.89 9.88
C GLU E 635 -17.93 -52.63 10.48
N GLY E 636 -17.76 -51.48 9.85
CA GLY E 636 -18.32 -50.23 10.33
C GLY E 636 -17.90 -49.90 11.75
N ASN E 637 -16.61 -50.00 12.02
CA ASN E 637 -16.07 -49.68 13.34
C ASN E 637 -14.57 -49.46 13.20
N PHE E 638 -13.91 -49.16 14.32
CA PHE E 638 -12.49 -48.89 14.36
C PHE E 638 -11.76 -50.07 14.97
N GLU E 639 -10.51 -50.26 14.56
CA GLU E 639 -9.67 -51.34 15.05
C GLU E 639 -8.40 -50.79 15.67
N GLU E 640 -8.05 -51.31 16.85
CA GLU E 640 -6.84 -50.88 17.55
C GLU E 640 -5.63 -51.59 16.96
N ILE E 641 -4.71 -50.80 16.41
CA ILE E 641 -3.53 -51.38 15.76
C ILE E 641 -2.36 -51.51 16.72
N ALA E 642 -2.12 -50.50 17.55
CA ALA E 642 -0.95 -50.50 18.43
C ALA E 642 -1.17 -49.52 19.57
N ARG E 643 -0.23 -49.50 20.50
CA ARG E 643 -0.34 -48.69 21.71
C ARG E 643 1.00 -48.65 22.42
N ASP E 644 1.33 -47.48 22.98
CA ASP E 644 2.55 -47.30 23.76
C ASP E 644 2.36 -46.11 24.69
N PHE E 645 2.57 -46.33 25.98
CA PHE E 645 2.42 -45.28 26.99
C PHE E 645 3.76 -44.97 27.64
N ASN E 646 4.12 -43.69 27.68
CA ASN E 646 5.29 -43.22 28.41
C ASN E 646 4.91 -41.89 29.06
N PRO E 647 4.50 -41.91 30.33
CA PRO E 647 3.95 -40.70 30.96
C PRO E 647 4.87 -39.49 30.89
N ASN E 648 4.46 -38.48 30.14
CA ASN E 648 5.24 -37.25 29.98
C ASN E 648 4.36 -36.20 29.32
N TRP E 649 4.55 -34.95 29.72
CA TRP E 649 3.75 -33.85 29.19
C TRP E 649 3.93 -33.75 27.69
N MET E 650 2.82 -33.81 26.95
CA MET E 650 2.83 -33.73 25.50
C MET E 650 2.04 -32.51 25.04
N SER E 651 2.58 -31.77 24.07
CA SER E 651 1.99 -30.52 23.62
C SER E 651 1.32 -30.60 22.26
N ALA E 652 1.82 -31.41 21.33
CA ALA E 652 1.23 -31.53 20.01
C ALA E 652 1.81 -32.76 19.33
N VAL E 653 1.04 -33.33 18.40
CA VAL E 653 1.42 -34.55 17.69
C VAL E 653 0.90 -34.46 16.27
N GLU E 654 1.59 -35.11 15.34
CA GLU E 654 1.26 -35.04 13.93
C GLU E 654 1.73 -36.30 13.23
N ILE E 655 1.07 -36.61 12.10
CA ILE E 655 1.37 -37.80 11.31
C ILE E 655 2.32 -37.42 10.18
N LEU E 656 3.46 -38.12 10.10
CA LEU E 656 4.36 -37.95 8.97
C LEU E 656 3.94 -38.81 7.78
N ASP E 657 3.77 -40.11 8.01
CA ASP E 657 3.36 -41.03 6.97
C ASP E 657 2.67 -42.22 7.64
N ASP E 658 2.58 -43.34 6.92
CA ASP E 658 1.90 -44.51 7.46
C ASP E 658 2.64 -45.10 8.66
N ASP E 659 3.97 -44.99 8.69
CA ASP E 659 4.77 -45.72 9.66
C ASP E 659 5.42 -44.86 10.74
N ASN E 660 5.39 -43.54 10.61
CA ASN E 660 6.08 -42.69 11.56
C ASN E 660 5.20 -41.50 11.94
N PHE E 661 5.28 -41.11 13.21
CA PHE E 661 4.46 -40.04 13.75
C PHE E 661 5.31 -39.13 14.62
N LEU E 662 5.09 -37.83 14.50
CA LEU E 662 5.88 -36.82 15.20
C LEU E 662 5.04 -36.15 16.28
N GLY E 663 5.65 -35.91 17.44
CA GLY E 663 4.98 -35.21 18.52
C GLY E 663 5.92 -34.24 19.21
N ALA E 664 5.32 -33.33 19.97
CA ALA E 664 6.06 -32.34 20.74
C ALA E 664 5.68 -32.47 22.21
N GLU E 665 6.68 -32.62 23.07
CA GLU E 665 6.39 -32.96 24.45
C GLU E 665 7.42 -32.35 25.40
N ASN E 666 7.03 -32.29 26.68
CA ASN E 666 7.85 -31.91 27.84
C ASN E 666 8.77 -30.73 27.61
N ALA E 667 9.96 -30.78 28.23
CA ALA E 667 10.96 -29.73 28.11
C ALA E 667 11.42 -29.49 26.69
N PHE E 668 10.62 -28.75 25.94
CA PHE E 668 10.87 -28.39 24.55
C PHE E 668 11.49 -29.50 23.73
N ASN E 669 10.76 -30.59 23.56
CA ASN E 669 11.31 -31.81 22.98
C ASN E 669 10.35 -32.32 21.92
N LEU E 670 10.92 -32.97 20.91
CA LEU E 670 10.16 -33.60 19.84
C LEU E 670 10.47 -35.10 19.83
N PHE E 671 9.49 -35.89 19.38
CA PHE E 671 9.68 -37.33 19.40
C PHE E 671 8.98 -37.96 18.21
N VAL E 672 9.58 -39.02 17.67
CA VAL E 672 8.98 -39.83 16.62
C VAL E 672 9.00 -41.28 17.07
N CYS E 673 7.86 -41.95 16.98
CA CYS E 673 7.71 -43.34 17.35
C CYS E 673 7.30 -44.16 16.14
N GLN E 674 7.84 -45.37 16.03
CA GLN E 674 7.63 -46.21 14.86
C GLN E 674 6.41 -47.10 15.03
N LYS E 675 5.88 -47.55 13.90
CA LYS E 675 4.79 -48.51 13.82
C LYS E 675 5.24 -49.94 14.09
N ASP E 676 6.47 -50.12 14.61
CA ASP E 676 7.08 -51.41 14.89
C ASP E 676 7.32 -52.19 13.61
N SER E 677 8.46 -51.92 12.97
CA SER E 677 8.85 -52.64 11.77
C SER E 677 9.35 -54.04 12.10
N ALA E 678 8.66 -55.05 11.59
CA ALA E 678 9.08 -56.45 11.60
C ALA E 678 9.48 -56.91 13.01
N ALA E 679 8.47 -57.02 13.87
CA ALA E 679 8.60 -57.69 15.16
C ALA E 679 8.04 -59.09 15.02
N THR E 680 8.85 -60.10 15.32
CA THR E 680 8.36 -61.48 15.26
C THR E 680 7.44 -61.83 16.42
N THR E 681 6.57 -60.89 16.81
CA THR E 681 5.76 -61.01 18.02
C THR E 681 4.45 -60.28 17.77
N ASP E 682 3.39 -61.06 17.53
CA ASP E 682 2.09 -60.47 17.18
C ASP E 682 1.57 -59.55 18.27
N GLU E 683 1.67 -59.97 19.53
CA GLU E 683 1.22 -59.13 20.64
C GLU E 683 2.19 -57.98 20.93
N GLU E 684 3.34 -57.94 20.25
CA GLU E 684 4.27 -56.83 20.39
C GLU E 684 4.43 -56.02 19.12
N ARG E 685 3.89 -56.49 17.99
CA ARG E 685 3.72 -55.60 16.83
C ARG E 685 2.74 -54.49 17.16
N GLN E 686 1.97 -54.62 18.23
CA GLN E 686 1.16 -53.54 18.78
C GLN E 686 1.94 -52.68 19.76
N HIS E 687 3.24 -52.93 19.92
CA HIS E 687 4.10 -52.11 20.77
C HIS E 687 4.89 -51.16 19.89
N LEU E 688 5.02 -49.92 20.36
CA LEU E 688 5.68 -48.86 19.61
C LEU E 688 7.01 -48.51 20.25
N GLN E 689 8.05 -48.43 19.43
CA GLN E 689 9.38 -48.06 19.89
C GLN E 689 9.51 -46.55 19.98
N GLU E 690 10.75 -46.06 20.02
CA GLU E 690 11.04 -44.63 20.12
C GLU E 690 12.18 -44.38 19.15
N VAL E 691 11.83 -43.97 17.92
CA VAL E 691 12.79 -43.86 16.83
C VAL E 691 13.18 -42.41 16.55
N GLY E 692 12.58 -41.45 17.24
CA GLY E 692 12.93 -40.06 17.03
C GLY E 692 12.92 -39.30 18.34
N LEU E 693 14.01 -38.61 18.65
CA LEU E 693 14.14 -37.79 19.84
C LEU E 693 14.98 -36.58 19.52
N PHE E 694 14.54 -35.41 19.98
CA PHE E 694 15.27 -34.17 19.69
C PHE E 694 14.86 -33.09 20.68
N HIS E 695 15.84 -32.38 21.22
CA HIS E 695 15.61 -31.22 22.06
C HIS E 695 15.74 -29.98 21.17
N LEU E 696 14.60 -29.35 20.89
CA LEU E 696 14.60 -28.19 20.00
C LEU E 696 14.96 -26.91 20.73
N GLY E 697 14.51 -26.77 21.98
CA GLY E 697 14.64 -25.52 22.69
C GLY E 697 13.43 -24.62 22.60
N GLU E 698 12.35 -25.09 21.98
CA GLU E 698 11.11 -24.32 21.84
C GLU E 698 9.94 -25.24 22.13
N PHE E 699 8.84 -24.63 22.58
CA PHE E 699 7.63 -25.35 22.95
C PHE E 699 6.64 -25.24 21.78
N VAL E 700 6.43 -26.36 21.10
CA VAL E 700 5.57 -26.39 19.91
C VAL E 700 4.13 -26.58 20.34
N ASN E 701 3.22 -25.82 19.72
CA ASN E 701 1.80 -25.92 20.00
C ASN E 701 0.97 -26.50 18.87
N VAL E 702 1.44 -26.41 17.62
CA VAL E 702 0.62 -26.83 16.49
C VAL E 702 1.53 -27.28 15.36
N PHE E 703 1.19 -28.41 14.74
CA PHE E 703 1.81 -28.89 13.53
C PHE E 703 0.81 -28.84 12.38
N CYS E 704 1.33 -28.67 11.17
CA CYS E 704 0.51 -28.76 9.97
C CYS E 704 1.43 -29.00 8.78
N HIS E 705 0.96 -29.80 7.82
CA HIS E 705 1.74 -30.08 6.63
C HIS E 705 1.65 -28.93 5.65
N GLY E 706 2.76 -28.61 5.01
CA GLY E 706 2.80 -27.56 4.02
C GLY E 706 4.18 -26.97 3.90
N SER E 707 4.32 -26.12 2.89
CA SER E 707 5.57 -25.43 2.64
C SER E 707 5.27 -24.04 2.08
N LEU E 708 6.22 -23.13 2.23
CA LEU E 708 6.06 -21.76 1.80
C LEU E 708 6.85 -21.45 0.53
N VAL E 709 7.40 -22.48 -0.11
CA VAL E 709 8.03 -22.35 -1.42
C VAL E 709 7.16 -23.09 -2.43
N MET E 710 7.58 -23.09 -3.70
CA MET E 710 6.80 -23.71 -4.76
C MET E 710 6.71 -25.23 -4.56
N PRO E 719 16.71 -34.77 -2.14
CA PRO E 719 17.15 -35.41 -0.90
C PRO E 719 16.16 -35.27 0.25
N THR E 720 15.14 -34.40 0.09
CA THR E 720 14.16 -34.18 1.15
C THR E 720 12.77 -34.55 0.65
N GLN E 721 11.97 -35.11 1.55
CA GLN E 721 10.63 -35.57 1.26
C GLN E 721 9.71 -35.27 2.43
N GLY E 722 8.49 -34.85 2.14
CA GLY E 722 7.55 -34.51 3.19
C GLY E 722 7.71 -33.07 3.66
N SER E 723 6.77 -32.65 4.51
CA SER E 723 6.77 -31.28 5.01
C SER E 723 5.82 -31.11 6.20
N VAL E 724 6.37 -30.67 7.33
CA VAL E 724 5.58 -30.39 8.53
C VAL E 724 6.03 -29.05 9.08
N LEU E 725 5.13 -28.06 9.07
CA LEU E 725 5.41 -26.78 9.68
C LEU E 725 4.94 -26.78 11.13
N PHE E 726 5.61 -25.98 11.95
CA PHE E 726 5.23 -25.87 13.35
C PHE E 726 5.59 -24.48 13.87
N GLY E 727 4.72 -23.95 14.72
CA GLY E 727 4.95 -22.68 15.37
C GLY E 727 5.10 -22.88 16.87
N THR E 728 5.77 -21.95 17.55
CA THR E 728 6.09 -22.12 18.95
C THR E 728 5.45 -21.02 19.77
N VAL E 729 5.59 -21.14 21.09
CA VAL E 729 5.12 -20.09 21.99
C VAL E 729 5.94 -18.82 21.80
N ASN E 730 7.24 -18.97 21.55
CA ASN E 730 8.11 -17.83 21.29
C ASN E 730 8.04 -17.36 19.84
N GLY E 731 7.14 -17.91 19.04
CA GLY E 731 6.99 -17.52 17.65
C GLY E 731 7.98 -18.14 16.69
N MET E 732 8.89 -18.99 17.17
CA MET E 732 9.82 -19.66 16.27
C MET E 732 9.07 -20.55 15.29
N ILE E 733 9.55 -20.60 14.05
CA ILE E 733 8.92 -21.39 13.00
C ILE E 733 9.99 -22.26 12.34
N GLY E 734 9.74 -23.57 12.29
CA GLY E 734 10.59 -24.48 11.57
C GLY E 734 9.76 -25.43 10.72
N LEU E 735 10.45 -26.15 9.84
CA LEU E 735 9.84 -27.15 9.00
C LEU E 735 10.58 -28.47 9.17
N VAL E 736 9.84 -29.57 9.24
CA VAL E 736 10.39 -30.91 9.41
C VAL E 736 10.04 -31.72 8.18
N THR E 737 11.07 -32.35 7.59
CA THR E 737 10.91 -33.15 6.39
C THR E 737 11.72 -34.43 6.56
N SER E 738 11.41 -35.43 5.74
CA SER E 738 12.00 -36.75 5.88
C SER E 738 13.26 -36.88 5.04
N LEU E 739 14.17 -37.72 5.50
CA LEU E 739 15.46 -37.95 4.85
C LEU E 739 15.63 -39.45 4.60
N SER E 740 16.55 -39.77 3.68
CA SER E 740 16.93 -41.16 3.51
C SER E 740 17.96 -41.54 4.56
N GLU E 741 18.12 -42.85 4.76
CA GLU E 741 19.13 -43.34 5.69
C GLU E 741 20.53 -42.97 5.23
N SER E 742 20.79 -43.07 3.93
CA SER E 742 22.10 -42.72 3.40
C SER E 742 22.39 -41.24 3.60
N TRP E 743 21.43 -40.38 3.28
CA TRP E 743 21.60 -38.95 3.52
C TRP E 743 21.79 -38.66 5.00
N TYR E 744 21.01 -39.33 5.86
CA TYR E 744 21.11 -39.11 7.30
C TYR E 744 22.50 -39.47 7.82
N ASN E 745 22.99 -40.66 7.48
CA ASN E 745 24.32 -41.07 7.94
C ASN E 745 25.39 -40.09 7.47
N LEU E 746 25.26 -39.59 6.24
CA LEU E 746 26.20 -38.59 5.74
C LEU E 746 26.11 -37.30 6.54
N LEU E 747 24.88 -36.82 6.79
CA LEU E 747 24.70 -35.58 7.53
C LEU E 747 25.06 -35.74 8.99
N LEU E 748 24.89 -36.95 9.55
CA LEU E 748 25.22 -37.17 10.96
C LEU E 748 26.70 -36.93 11.23
N ASP E 749 27.57 -37.55 10.43
CA ASP E 749 29.01 -37.35 10.59
C ASP E 749 29.42 -35.91 10.33
N MET E 750 28.69 -35.22 9.43
CA MET E 750 29.01 -33.82 9.15
C MET E 750 28.84 -32.96 10.39
N GLN E 751 27.80 -33.22 11.19
CA GLN E 751 27.62 -32.49 12.44
C GLN E 751 28.81 -32.70 13.37
N ASN E 752 29.25 -33.96 13.50
CA ASN E 752 30.41 -34.25 14.35
C ASN E 752 31.63 -33.45 13.93
N ARG E 753 31.81 -33.27 12.62
CA ARG E 753 32.95 -32.50 12.13
C ARG E 753 32.79 -31.01 12.40
N LEU E 754 31.61 -30.47 12.15
CA LEU E 754 31.41 -29.02 12.27
C LEU E 754 31.50 -28.54 13.72
N ASN E 755 31.12 -29.38 14.68
CA ASN E 755 31.18 -28.97 16.09
C ASN E 755 32.59 -28.63 16.54
N LYS E 756 33.61 -29.02 15.79
CA LYS E 756 34.98 -28.69 16.16
C LYS E 756 35.37 -27.26 15.80
N VAL E 757 34.73 -26.67 14.79
CA VAL E 757 35.20 -25.42 14.22
C VAL E 757 34.33 -24.22 14.57
N ILE E 758 33.03 -24.41 14.81
CA ILE E 758 32.15 -23.29 15.08
C ILE E 758 32.43 -22.72 16.46
N LYS E 759 32.65 -21.41 16.53
CA LYS E 759 32.76 -20.72 17.82
C LYS E 759 31.41 -20.77 18.52
N SER E 760 31.34 -21.49 19.63
CA SER E 760 30.08 -21.71 20.34
C SER E 760 30.00 -20.77 21.53
N VAL E 761 28.89 -20.02 21.62
CA VAL E 761 28.71 -19.10 22.74
C VAL E 761 28.66 -19.87 24.04
N GLY E 762 29.51 -19.49 24.99
CA GLY E 762 29.61 -20.17 26.25
C GLY E 762 30.27 -21.52 26.22
N LYS E 763 30.93 -21.89 25.12
CA LYS E 763 31.63 -23.17 25.00
C LYS E 763 30.72 -24.35 25.32
N ILE E 764 29.47 -24.27 24.88
CA ILE E 764 28.50 -25.33 25.09
C ILE E 764 28.61 -26.32 23.94
N GLU E 765 28.83 -27.59 24.27
CA GLU E 765 28.89 -28.63 23.24
C GLU E 765 27.50 -28.81 22.65
N HIS E 766 27.43 -28.88 21.32
CA HIS E 766 26.14 -29.06 20.64
C HIS E 766 25.44 -30.33 21.10
N SER E 767 26.20 -31.36 21.45
CA SER E 767 25.59 -32.58 21.97
C SER E 767 24.86 -32.33 23.28
N PHE E 768 25.36 -31.43 24.12
CA PHE E 768 24.68 -31.11 25.37
C PHE E 768 23.44 -30.28 25.13
N TRP E 769 23.51 -29.32 24.21
CA TRP E 769 22.36 -28.47 23.89
C TRP E 769 21.19 -29.30 23.38
N ARG E 770 21.42 -30.07 22.32
CA ARG E 770 20.37 -30.88 21.70
C ARG E 770 20.09 -32.18 22.45
N SER E 771 20.72 -32.41 23.61
CA SER E 771 20.44 -33.61 24.38
C SER E 771 18.99 -33.62 24.86
N PHE E 772 18.30 -34.73 24.61
CA PHE E 772 16.95 -34.92 25.14
C PHE E 772 16.96 -34.73 26.64
N HIS E 773 16.10 -33.85 27.13
CA HIS E 773 16.18 -33.37 28.50
C HIS E 773 14.80 -33.21 29.12
N THR E 774 14.54 -33.96 30.17
CA THR E 774 13.49 -33.65 31.12
C THR E 774 14.14 -32.95 32.32
N GLU E 775 13.31 -32.52 33.28
CA GLU E 775 13.88 -31.86 34.45
C GLU E 775 14.71 -32.80 35.32
N ARG E 776 14.78 -34.09 35.01
CA ARG E 776 15.59 -35.03 35.77
C ARG E 776 16.39 -36.01 34.92
N LYS E 777 16.12 -36.13 33.62
CA LYS E 777 16.76 -37.12 32.77
C LYS E 777 17.55 -36.43 31.66
N THR E 778 18.41 -37.19 31.01
CA THR E 778 19.27 -36.67 29.94
C THR E 778 19.72 -37.81 29.05
N GLU E 779 19.54 -37.63 27.73
CA GLU E 779 19.88 -38.65 26.75
C GLU E 779 20.16 -38.00 25.41
N PRO E 780 21.19 -38.42 24.67
CA PRO E 780 21.48 -37.80 23.38
C PRO E 780 20.35 -38.01 22.37
N ALA E 781 20.13 -37.00 21.55
CA ALA E 781 19.07 -37.03 20.53
C ALA E 781 19.46 -37.96 19.38
N THR E 782 18.43 -38.36 18.62
CA THR E 782 18.63 -39.22 17.46
C THR E 782 17.49 -39.02 16.47
N GLY E 783 17.80 -39.17 15.19
CA GLY E 783 16.80 -39.09 14.14
C GLY E 783 16.49 -37.70 13.62
N PHE E 784 17.21 -36.67 14.08
CA PHE E 784 16.90 -35.30 13.69
C PHE E 784 18.19 -34.55 13.36
N ILE E 785 18.23 -33.93 12.19
CA ILE E 785 19.38 -33.14 11.76
C ILE E 785 19.13 -31.68 12.09
N ASP E 786 20.12 -31.05 12.72
CA ASP E 786 20.02 -29.65 13.13
C ASP E 786 20.24 -28.77 11.90
N GLY E 787 19.14 -28.40 11.25
CA GLY E 787 19.24 -27.60 10.04
C GLY E 787 19.85 -26.24 10.26
N ASP E 788 19.73 -25.70 11.47
CA ASP E 788 20.38 -24.44 11.80
C ASP E 788 21.89 -24.56 11.66
N LEU E 789 22.46 -25.61 12.25
CA LEU E 789 23.90 -25.84 12.15
C LEU E 789 24.30 -26.18 10.71
N ILE E 790 23.41 -26.84 9.96
CA ILE E 790 23.68 -27.15 8.56
C ILE E 790 23.90 -25.86 7.77
N GLU E 791 23.02 -24.88 7.99
CA GLU E 791 23.12 -23.62 7.24
C GLU E 791 24.37 -22.84 7.61
N SER E 792 24.84 -22.98 8.85
CA SER E 792 26.02 -22.24 9.30
C SER E 792 27.29 -22.65 8.58
N PHE E 793 27.30 -23.76 7.84
CA PHE E 793 28.48 -24.14 7.08
C PHE E 793 28.79 -23.11 6.01
N LEU E 794 27.75 -22.52 5.42
CA LEU E 794 27.94 -21.52 4.36
C LEU E 794 28.52 -20.22 4.90
N ASP E 795 28.54 -20.03 6.22
CA ASP E 795 29.02 -18.79 6.82
C ASP E 795 30.41 -18.92 7.42
N ILE E 796 31.05 -20.08 7.30
CA ILE E 796 32.44 -20.22 7.70
C ILE E 796 33.35 -19.87 6.53
N SER E 797 34.58 -19.51 6.83
CA SER E 797 35.54 -19.17 5.79
C SER E 797 35.87 -20.41 4.96
N ARG E 798 36.24 -20.17 3.70
CA ARG E 798 36.60 -21.26 2.80
C ARG E 798 37.69 -22.18 3.32
N PRO E 799 38.75 -21.70 3.99
CA PRO E 799 39.72 -22.65 4.57
C PRO E 799 39.09 -23.66 5.52
N LYS E 800 38.11 -23.24 6.31
CA LYS E 800 37.42 -24.15 7.21
C LYS E 800 36.71 -25.26 6.43
N MET E 801 36.18 -24.94 5.24
CA MET E 801 35.46 -25.92 4.45
C MET E 801 36.34 -27.11 4.11
N GLN E 802 37.54 -26.85 3.58
CA GLN E 802 38.42 -27.94 3.14
C GLN E 802 38.85 -28.83 4.29
N GLU E 803 39.23 -28.24 5.42
CA GLU E 803 39.62 -29.04 6.58
C GLU E 803 38.50 -29.97 7.02
N VAL E 804 37.26 -29.46 7.07
CA VAL E 804 36.14 -30.26 7.55
C VAL E 804 35.81 -31.37 6.55
N VAL E 805 35.67 -31.02 5.27
CA VAL E 805 35.29 -31.99 4.26
C VAL E 805 36.35 -33.07 4.06
N ALA E 806 37.60 -32.79 4.43
CA ALA E 806 38.68 -33.72 4.16
C ALA E 806 38.46 -35.05 4.89
N ASN E 807 38.86 -36.14 4.24
CA ASN E 807 38.85 -37.48 4.83
C ASN E 807 37.43 -37.90 5.22
N LEU E 808 36.46 -37.54 4.38
CA LEU E 808 35.07 -37.92 4.56
C LEU E 808 34.63 -38.81 3.41
N GLN E 809 34.07 -39.97 3.72
CA GLN E 809 33.60 -40.88 2.68
C GLN E 809 32.32 -40.37 2.05
N TYR E 810 32.31 -40.27 0.72
CA TYR E 810 31.21 -39.69 -0.04
C TYR E 810 30.65 -40.74 -1.00
N ASP E 811 29.33 -40.75 -1.12
CA ASP E 811 28.64 -41.60 -2.09
C ASP E 811 27.54 -40.78 -2.73
N ASP E 812 27.68 -40.48 -4.02
CA ASP E 812 26.68 -39.67 -4.73
C ASP E 812 25.36 -40.39 -4.94
N GLY E 813 25.23 -41.65 -4.52
CA GLY E 813 24.01 -42.40 -4.72
C GLY E 813 24.16 -43.58 -5.63
N SER E 814 23.83 -44.78 -5.13
CA SER E 814 23.85 -46.02 -5.90
C SER E 814 25.26 -46.40 -6.31
N GLY E 815 25.96 -45.51 -7.00
CA GLY E 815 27.28 -45.79 -7.54
C GLY E 815 28.35 -44.94 -6.91
N MET E 816 29.53 -45.54 -6.70
CA MET E 816 30.75 -44.86 -6.32
C MET E 816 30.74 -44.36 -4.88
N LYS E 817 31.43 -45.07 -3.99
CA LYS E 817 31.74 -44.58 -2.65
C LYS E 817 33.17 -44.04 -2.70
N ARG E 818 33.33 -42.75 -2.43
CA ARG E 818 34.63 -42.10 -2.61
C ARG E 818 34.85 -41.11 -1.48
N GLU E 819 35.89 -40.29 -1.63
CA GLU E 819 36.18 -39.21 -0.69
C GLU E 819 35.29 -38.00 -0.98
N ALA E 820 34.97 -37.26 0.07
CA ALA E 820 34.04 -36.14 -0.04
C ALA E 820 34.67 -34.96 -0.78
N THR E 821 33.86 -34.28 -1.57
CA THR E 821 34.27 -33.08 -2.27
C THR E 821 33.83 -31.87 -1.47
N ALA E 822 34.73 -30.90 -1.29
CA ALA E 822 34.38 -29.67 -0.59
C ALA E 822 33.20 -28.97 -1.24
N ASP E 823 33.12 -29.04 -2.57
CA ASP E 823 32.09 -28.32 -3.30
C ASP E 823 30.73 -29.02 -3.22
N ASP E 824 30.72 -30.34 -3.42
CA ASP E 824 29.46 -31.07 -3.60
C ASP E 824 28.51 -30.88 -2.41
N LEU E 825 29.05 -30.85 -1.19
CA LEU E 825 28.21 -30.61 -0.02
C LEU E 825 27.54 -29.24 -0.10
N ILE E 826 28.31 -28.21 -0.49
CA ILE E 826 27.80 -26.84 -0.46
C ILE E 826 26.49 -26.73 -1.24
N LYS E 827 26.50 -27.15 -2.50
CA LYS E 827 25.28 -27.07 -3.29
C LYS E 827 24.25 -28.10 -2.85
N VAL E 828 24.70 -29.22 -2.25
CA VAL E 828 23.76 -30.07 -1.53
C VAL E 828 23.20 -29.31 -0.33
N VAL E 829 24.07 -28.66 0.44
CA VAL E 829 23.62 -27.82 1.55
C VAL E 829 22.69 -26.73 1.04
N GLU E 830 23.05 -26.10 -0.09
CA GLU E 830 22.19 -25.07 -0.66
C GLU E 830 20.85 -25.64 -1.06
N GLU E 831 20.86 -26.76 -1.79
CA GLU E 831 19.61 -27.43 -2.15
C GLU E 831 18.83 -27.89 -0.91
N LEU E 832 19.51 -28.04 0.23
CA LEU E 832 18.81 -28.26 1.49
C LEU E 832 18.22 -26.97 2.05
N THR E 833 18.95 -25.86 1.91
CA THR E 833 18.42 -24.56 2.32
C THR E 833 17.19 -24.18 1.48
N ARG E 834 17.12 -24.63 0.23
CA ARG E 834 16.01 -24.29 -0.64
C ARG E 834 14.73 -25.01 -0.24
N ILE E 835 14.49 -25.12 1.06
CA ILE E 835 13.20 -25.55 1.58
C ILE E 835 12.52 -24.44 2.39
N HIS E 836 13.27 -23.48 2.91
CA HIS E 836 12.73 -22.36 3.65
C HIS E 836 13.22 -21.04 3.07
N SER F 1 -29.74 -79.17 68.91
CA SER F 1 -30.36 -77.96 68.37
C SER F 1 -29.75 -76.71 69.00
N GLU F 2 -28.63 -76.87 69.70
CA GLU F 2 -27.91 -75.75 70.27
C GLU F 2 -26.73 -75.31 69.42
N ARG F 3 -26.42 -76.04 68.34
CA ARG F 3 -25.46 -75.66 67.32
C ARG F 3 -24.13 -75.24 67.93
N PRO F 4 -23.31 -76.17 68.41
CA PRO F 4 -22.04 -75.78 69.05
C PRO F 4 -20.86 -75.83 68.10
N PHE F 5 -21.13 -75.75 66.80
CA PHE F 5 -20.09 -75.82 65.77
C PHE F 5 -20.07 -74.48 65.05
N HIS F 6 -19.23 -73.57 65.54
CA HIS F 6 -19.13 -72.22 65.01
C HIS F 6 -17.96 -72.13 64.04
N CYS F 7 -18.13 -71.33 63.00
CA CYS F 7 -17.03 -71.05 62.07
C CYS F 7 -16.34 -69.76 62.50
N ASN F 8 -15.02 -69.82 62.72
CA ASN F 8 -14.30 -68.66 63.19
C ASN F 8 -14.20 -67.56 62.14
N GLN F 9 -14.36 -67.89 60.86
CA GLN F 9 -14.27 -66.87 59.83
C GLN F 9 -15.54 -66.03 59.83
N CYS F 10 -16.67 -66.64 59.51
CA CYS F 10 -17.94 -65.96 59.37
C CYS F 10 -18.82 -66.05 60.62
N GLY F 11 -18.77 -67.16 61.37
CA GLY F 11 -19.57 -67.30 62.56
C GLY F 11 -20.66 -68.34 62.53
N ALA F 12 -20.73 -69.14 61.48
CA ALA F 12 -21.84 -70.06 61.30
C ALA F 12 -21.93 -71.07 62.42
N SER F 13 -23.08 -71.13 63.06
CA SER F 13 -23.37 -72.18 64.04
C SER F 13 -24.05 -73.32 63.31
N PHE F 14 -23.56 -74.54 63.54
CA PHE F 14 -24.13 -75.73 62.94
C PHE F 14 -24.37 -76.76 64.01
N THR F 15 -25.34 -77.63 63.76
CA THR F 15 -25.74 -78.60 64.76
C THR F 15 -24.88 -79.85 64.77
N GLN F 16 -24.16 -80.12 63.68
CA GLN F 16 -23.22 -81.23 63.62
C GLN F 16 -21.90 -80.75 63.02
N LYS F 17 -20.82 -81.43 63.41
CA LYS F 17 -19.49 -81.06 62.97
C LYS F 17 -19.38 -81.05 61.44
N GLY F 18 -19.65 -82.20 60.82
CA GLY F 18 -19.49 -82.37 59.38
C GLY F 18 -20.20 -81.35 58.52
N ASN F 19 -21.25 -80.72 59.07
CA ASN F 19 -21.92 -79.64 58.35
C ASN F 19 -21.09 -78.36 58.37
N LEU F 20 -20.33 -78.14 59.45
CA LEU F 20 -19.47 -76.96 59.52
C LEU F 20 -18.31 -77.05 58.54
N LEU F 21 -17.70 -78.23 58.42
CA LEU F 21 -16.62 -78.42 57.45
C LEU F 21 -17.08 -78.09 56.03
N ARG F 22 -18.28 -78.54 55.66
CA ARG F 22 -18.83 -78.18 54.36
C ARG F 22 -18.92 -76.66 54.20
N HIS F 23 -19.10 -75.93 55.30
CA HIS F 23 -19.22 -74.48 55.23
C HIS F 23 -17.86 -73.81 55.05
N ILE F 24 -16.88 -74.16 55.90
CA ILE F 24 -15.57 -73.51 55.84
C ILE F 24 -14.87 -73.76 54.52
N LYS F 25 -15.26 -74.81 53.79
CA LYS F 25 -14.68 -75.05 52.48
C LYS F 25 -15.18 -74.04 51.46
N LEU F 26 -16.45 -73.63 51.57
CA LEU F 26 -16.99 -72.61 50.67
C LEU F 26 -16.39 -71.24 50.95
N HIS F 27 -15.86 -71.03 52.15
CA HIS F 27 -15.20 -69.76 52.46
C HIS F 27 -13.98 -69.53 51.57
N SER F 28 -13.24 -70.59 51.27
CA SER F 28 -12.03 -70.48 50.46
C SER F 28 -12.39 -69.88 49.11
N GLY F 29 -13.06 -70.65 48.25
CA GLY F 29 -13.62 -70.03 47.07
C GLY F 29 -13.46 -70.69 45.71
N GLU F 30 -14.60 -70.78 45.02
CA GLU F 30 -14.77 -71.26 43.65
C GLU F 30 -16.21 -71.00 43.29
N LYS F 31 -16.46 -70.56 42.05
CA LYS F 31 -17.79 -70.09 41.66
C LYS F 31 -18.86 -71.14 41.99
N PRO F 32 -19.83 -70.80 42.85
CA PRO F 32 -20.68 -71.83 43.46
C PRO F 32 -21.78 -72.33 42.56
N PHE F 33 -21.58 -72.31 41.25
CA PHE F 33 -22.51 -72.94 40.33
C PHE F 33 -21.86 -74.19 39.73
N LYS F 34 -21.60 -75.16 40.61
CA LYS F 34 -20.97 -76.41 40.24
C LYS F 34 -22.02 -77.38 39.71
N CYS F 35 -21.78 -77.95 38.54
CA CYS F 35 -22.65 -79.01 38.05
C CYS F 35 -22.22 -80.33 38.67
N PRO F 36 -23.13 -81.10 39.26
CA PRO F 36 -22.72 -82.33 39.96
C PRO F 36 -22.27 -83.45 39.03
N PHE F 37 -22.69 -83.45 37.76
CA PHE F 37 -22.35 -84.55 36.87
C PHE F 37 -20.90 -84.47 36.42
N CYS F 38 -20.53 -83.34 35.83
CA CYS F 38 -19.24 -83.14 35.18
C CYS F 38 -18.24 -82.35 36.00
N SER F 39 -18.72 -81.47 36.88
CA SER F 39 -17.98 -80.57 37.77
C SER F 39 -17.67 -79.22 37.13
N TYR F 40 -18.00 -79.00 35.84
CA TYR F 40 -17.83 -77.68 35.26
C TYR F 40 -18.57 -76.64 36.07
N ALA F 41 -17.83 -75.74 36.71
CA ALA F 41 -18.43 -74.65 37.45
C ALA F 41 -18.72 -73.48 36.51
N CYS F 42 -19.75 -72.71 36.85
CA CYS F 42 -20.25 -71.65 35.98
C CYS F 42 -20.36 -70.33 36.74
N ARG F 43 -20.33 -69.25 35.97
CA ARG F 43 -20.29 -67.91 36.55
C ARG F 43 -21.66 -67.37 36.94
N ARG F 44 -22.75 -67.96 36.43
CA ARG F 44 -24.09 -67.50 36.80
C ARG F 44 -24.96 -68.66 37.28
N ARG F 45 -26.11 -68.25 37.84
CA ARG F 45 -27.11 -69.19 38.35
C ARG F 45 -28.04 -69.66 37.25
N ASP F 46 -28.32 -68.82 36.27
CA ASP F 46 -29.16 -69.18 35.14
C ASP F 46 -28.38 -69.90 34.03
N ALA F 47 -27.11 -69.52 33.82
CA ALA F 47 -26.30 -70.19 32.83
C ALA F 47 -25.85 -71.58 33.26
N LEU F 48 -25.79 -71.84 34.58
CA LEU F 48 -25.57 -73.20 35.04
C LEU F 48 -26.72 -74.10 34.61
N THR F 49 -27.95 -73.58 34.71
CA THR F 49 -29.11 -74.33 34.26
C THR F 49 -28.96 -74.77 32.80
N GLY F 50 -28.63 -73.83 31.92
CA GLY F 50 -28.45 -74.15 30.52
C GLY F 50 -27.41 -75.23 30.27
N HIS F 51 -26.40 -75.32 31.14
CA HIS F 51 -25.41 -76.39 31.03
C HIS F 51 -26.01 -77.74 31.40
N LEU F 52 -26.92 -77.77 32.37
CA LEU F 52 -27.51 -79.03 32.79
C LEU F 52 -28.28 -79.72 31.67
N ARG F 53 -28.82 -78.94 30.72
CA ARG F 53 -29.63 -79.52 29.67
C ARG F 53 -28.79 -80.31 28.67
N THR F 54 -27.54 -79.91 28.46
CA THR F 54 -26.63 -80.66 27.61
C THR F 54 -26.18 -81.97 28.23
N HIS F 55 -26.45 -82.18 29.51
CA HIS F 55 -25.96 -83.36 30.22
C HIS F 55 -26.91 -84.54 30.10
N SER F 56 -28.21 -84.28 30.05
CA SER F 56 -29.19 -85.35 29.87
C SER F 56 -28.94 -86.09 28.57
N VAL F 57 -28.67 -85.34 27.49
CA VAL F 57 -28.30 -85.93 26.21
C VAL F 57 -26.83 -85.63 25.92
ZN ZN G . 10.09 72.38 -34.88
C1 LWK H . 2.85 76.77 -55.32
C2 LWK H . 1.71 77.38 -55.77
C3 LWK H . 0.45 77.00 -55.29
C11 LWK H . -0.77 73.44 -51.89
C13 LWK H . -1.06 74.25 -50.62
C14 LWK H . -2.05 73.54 -49.73
C15 LWK H . -3.33 73.25 -50.46
C17 LWK H . -2.05 72.98 -52.58
C20 LWK H . 1.82 77.91 -58.20
C21 LWK H . 2.15 79.07 -59.13
C23 LWK H . 0.95 80.58 -57.56
C24 LWK H . 0.73 79.42 -56.61
C25 LWK H . 1.31 81.27 -59.87
C26 LWK H . -0.03 81.92 -59.95
C27 LWK H . -1.08 81.26 -60.58
C28 LWK H . -2.34 81.82 -60.60
C29 LWK H . -2.57 83.05 -59.98
C30 LWK H . -1.51 83.72 -59.36
C10 LWK H . 1.86 78.44 -56.78
C31 LWK H . -0.25 83.16 -59.34
C4 LWK H . 0.41 75.98 -54.36
C5 LWK H . 1.58 75.39 -53.90
C6 LWK H . 2.77 75.77 -54.37
C7 LWK H . -0.74 75.35 -53.67
C9 LWK H . 1.30 74.35 -52.92
N16 LWK H . -3.23 72.95 -51.84
N22 LWK H . 1.09 80.10 -58.97
N8 LWK H . -0.08 74.34 -52.79
O12 LWK H . 2.05 73.62 -52.30
O18 LWK H . -2.07 72.60 -53.74
O19 LWK H . -4.42 73.26 -49.95
ZN ZN I . 7.23 77.25 -48.47
ZN ZN J . 26.88 79.95 -34.68
ZN ZN K . -23.50 -63.93 45.17
ZN ZN L . -17.66 -70.15 57.72
ZN ZN M . -22.54 -80.42 33.89
#